data_3L8N
# 
_entry.id   3L8N 
# 
_audit_conform.dict_name       mmcif_pdbx.dic 
_audit_conform.dict_version    5.397 
_audit_conform.dict_location   http://mmcif.pdb.org/dictionaries/ascii/mmcif_pdbx.dic 
# 
loop_
_database_2.database_id 
_database_2.database_code 
_database_2.pdbx_database_accession 
_database_2.pdbx_DOI 
PDB   3L8N         pdb_00003l8n 10.2210/pdb3l8n/pdb 
RCSB  RCSB056971   ?            ?                   
WWPDB D_1000056971 ?            ?                   
# 
loop_
_pdbx_audit_revision_history.ordinal 
_pdbx_audit_revision_history.data_content_type 
_pdbx_audit_revision_history.major_revision 
_pdbx_audit_revision_history.minor_revision 
_pdbx_audit_revision_history.revision_date 
1 'Structure model' 1 0 2010-04-07 
2 'Structure model' 1 1 2011-07-13 
3 'Structure model' 1 2 2024-10-09 
# 
_pdbx_audit_revision_details.ordinal             1 
_pdbx_audit_revision_details.revision_ordinal    1 
_pdbx_audit_revision_details.data_content_type   'Structure model' 
_pdbx_audit_revision_details.provider            repository 
_pdbx_audit_revision_details.type                'Initial release' 
_pdbx_audit_revision_details.description         ? 
_pdbx_audit_revision_details.details             ? 
# 
loop_
_pdbx_audit_revision_group.ordinal 
_pdbx_audit_revision_group.revision_ordinal 
_pdbx_audit_revision_group.data_content_type 
_pdbx_audit_revision_group.group 
1 2 'Structure model' 'Version format compliance' 
2 3 'Structure model' 'Data collection'           
3 3 'Structure model' 'Database references'       
4 3 'Structure model' 'Derived calculations'      
5 3 'Structure model' 'Structure summary'         
# 
loop_
_pdbx_audit_revision_category.ordinal 
_pdbx_audit_revision_category.revision_ordinal 
_pdbx_audit_revision_category.data_content_type 
_pdbx_audit_revision_category.category 
1 3 'Structure model' chem_comp_atom            
2 3 'Structure model' chem_comp_bond            
3 3 'Structure model' database_2                
4 3 'Structure model' pdbx_entry_details        
5 3 'Structure model' pdbx_modification_feature 
6 3 'Structure model' struct_conn               
# 
loop_
_pdbx_audit_revision_item.ordinal 
_pdbx_audit_revision_item.revision_ordinal 
_pdbx_audit_revision_item.data_content_type 
_pdbx_audit_revision_item.item 
1 3 'Structure model' '_database_2.pdbx_DOI'                
2 3 'Structure model' '_database_2.pdbx_database_accession' 
3 3 'Structure model' '_struct_conn.pdbx_leaving_atom_flag' 
# 
_pdbx_database_status.status_code                     REL 
_pdbx_database_status.entry_id                        3L8N 
_pdbx_database_status.recvd_initial_deposition_date   2009-12-31 
_pdbx_database_status.deposit_site                    RCSB 
_pdbx_database_status.process_site                    RCSB 
_pdbx_database_status.status_code_sf                  REL 
_pdbx_database_status.status_code_mr                  ? 
_pdbx_database_status.SG_entry                        Y 
_pdbx_database_status.pdb_format_compatible           Y 
_pdbx_database_status.status_code_cs                  ? 
_pdbx_database_status.status_code_nmr_data            ? 
_pdbx_database_status.methods_development_category    ? 
# 
_pdbx_database_related.db_name        TargetDB 
_pdbx_database_related.db_id          HR5562A 
_pdbx_database_related.details        . 
_pdbx_database_related.content_type   unspecified 
# 
loop_
_audit_author.name 
_audit_author.pdbx_ordinal 
'Seetharaman, J.'                                 1  
'Su, M.'                                          2  
'Forouhar, F.'                                    3  
'Wang, D.'                                        4  
'Janjua, H.'                                      5  
'Cunningham, K.'                                  6  
'Owens, L.'                                       7  
'Xiao, R.'                                        8  
'Liu, J.'                                         9  
'Baran, M.C.'                                     10 
'Acton, T.B.'                                     11 
'Montelione, G.T.'                                12 
'Hunt, J.F.'                                      13 
'Tong, L.'                                        14 
'Northeast Structural Genomics Consortium (NESG)' 15 
# 
_citation.id                        primary 
_citation.title                     
;Crystal Structure of a domain of Brefeldin A-inhibited guanine nucleotide-exchange protein 2 (BrefeldinA-inhibited GEP 2) from Homo sapiens (Human). Northeast Structural Genomics Consortium target id HR5562A
;
_citation.journal_abbrev            'To be Published' 
_citation.journal_volume            ? 
_citation.page_first                ? 
_citation.page_last                 ? 
_citation.year                      ? 
_citation.journal_id_ASTM           ? 
_citation.country                   ? 
_citation.journal_id_ISSN           ? 
_citation.journal_id_CSD            0353 
_citation.book_publisher            ? 
_citation.pdbx_database_id_PubMed   ? 
_citation.pdbx_database_id_DOI      ? 
# 
loop_
_citation_author.citation_id 
_citation_author.name 
_citation_author.ordinal 
_citation_author.identifier_ORCID 
primary 'Seetharaman, J.'  1  ? 
primary 'Su, M.'           2  ? 
primary 'Forouhar, F.'     3  ? 
primary 'Wang, D.'         4  ? 
primary 'Janjua, H.'       5  ? 
primary 'Cunningham, K.'   6  ? 
primary 'Owens, L.'        7  ? 
primary 'Xiao, R.'         8  ? 
primary 'Liu, J.'          9  ? 
primary 'Baran, M.C.'      10 ? 
primary 'Acton, T.B.'      11 ? 
primary 'Montelione, G.T.' 12 ? 
primary 'Hunt, J.F.'       13 ? 
primary 'Tong, L.'         14 ? 
# 
_entity.id                         1 
_entity.type                       polymer 
_entity.src_method                 man 
_entity.pdbx_description           'Brefeldin A-inhibited guanine nucleotide-exchange protein 2' 
_entity.formula_weight             23788.945 
_entity.pdbx_number_of_molecules   1 
_entity.pdbx_ec                    ? 
_entity.pdbx_mutation              ? 
_entity.pdbx_fragment              ? 
_entity.details                    ? 
# 
_entity_name_com.entity_id   1 
_entity_name_com.name        'Brefeldin A-inhibited GEP 2' 
# 
_entity_poly.entity_id                      1 
_entity_poly.type                           'polypeptide(L)' 
_entity_poly.nstd_linkage                   no 
_entity_poly.nstd_monomer                   yes 
_entity_poly.pdbx_seq_one_letter_code       
;EQFEVIKQQKEIIEHGIELFNKKPKRGIQFLQEQG(MSE)LGTSVEDIAQFLHQEERLDSTQVGDFLGDSARFNKEV
(MSE)YAYVDQLDFCEKEFVSALRTFLEGFRLPGEAQKIDRL(MSE)EKFAARYIECNQGQTLFASADTAYVLAYSII
(MSE)LTTDLHSPQVKNK(MSE)TKEQYIK(MSE)NRGINDSKDLPEEYLSSIYEEIEGKKIA(MSE)KETKELT
;
_entity_poly.pdbx_seq_one_letter_code_can   
;EQFEVIKQQKEIIEHGIELFNKKPKRGIQFLQEQGMLGTSVEDIAQFLHQEERLDSTQVGDFLGDSARFNKEVMYAYVDQ
LDFCEKEFVSALRTFLEGFRLPGEAQKIDRLMEKFAARYIECNQGQTLFASADTAYVLAYSIIMLTTDLHSPQVKNKMTK
EQYIKMNRGINDSKDLPEEYLSSIYEEIEGKKIAMKETKELT
;
_entity_poly.pdbx_strand_id                 A 
_entity_poly.pdbx_target_identifier         HR5562A 
# 
loop_
_entity_poly_seq.entity_id 
_entity_poly_seq.num 
_entity_poly_seq.mon_id 
_entity_poly_seq.hetero 
1 1   GLU n 
1 2   GLN n 
1 3   PHE n 
1 4   GLU n 
1 5   VAL n 
1 6   ILE n 
1 7   LYS n 
1 8   GLN n 
1 9   GLN n 
1 10  LYS n 
1 11  GLU n 
1 12  ILE n 
1 13  ILE n 
1 14  GLU n 
1 15  HIS n 
1 16  GLY n 
1 17  ILE n 
1 18  GLU n 
1 19  LEU n 
1 20  PHE n 
1 21  ASN n 
1 22  LYS n 
1 23  LYS n 
1 24  PRO n 
1 25  LYS n 
1 26  ARG n 
1 27  GLY n 
1 28  ILE n 
1 29  GLN n 
1 30  PHE n 
1 31  LEU n 
1 32  GLN n 
1 33  GLU n 
1 34  GLN n 
1 35  GLY n 
1 36  MSE n 
1 37  LEU n 
1 38  GLY n 
1 39  THR n 
1 40  SER n 
1 41  VAL n 
1 42  GLU n 
1 43  ASP n 
1 44  ILE n 
1 45  ALA n 
1 46  GLN n 
1 47  PHE n 
1 48  LEU n 
1 49  HIS n 
1 50  GLN n 
1 51  GLU n 
1 52  GLU n 
1 53  ARG n 
1 54  LEU n 
1 55  ASP n 
1 56  SER n 
1 57  THR n 
1 58  GLN n 
1 59  VAL n 
1 60  GLY n 
1 61  ASP n 
1 62  PHE n 
1 63  LEU n 
1 64  GLY n 
1 65  ASP n 
1 66  SER n 
1 67  ALA n 
1 68  ARG n 
1 69  PHE n 
1 70  ASN n 
1 71  LYS n 
1 72  GLU n 
1 73  VAL n 
1 74  MSE n 
1 75  TYR n 
1 76  ALA n 
1 77  TYR n 
1 78  VAL n 
1 79  ASP n 
1 80  GLN n 
1 81  LEU n 
1 82  ASP n 
1 83  PHE n 
1 84  CYS n 
1 85  GLU n 
1 86  LYS n 
1 87  GLU n 
1 88  PHE n 
1 89  VAL n 
1 90  SER n 
1 91  ALA n 
1 92  LEU n 
1 93  ARG n 
1 94  THR n 
1 95  PHE n 
1 96  LEU n 
1 97  GLU n 
1 98  GLY n 
1 99  PHE n 
1 100 ARG n 
1 101 LEU n 
1 102 PRO n 
1 103 GLY n 
1 104 GLU n 
1 105 ALA n 
1 106 GLN n 
1 107 LYS n 
1 108 ILE n 
1 109 ASP n 
1 110 ARG n 
1 111 LEU n 
1 112 MSE n 
1 113 GLU n 
1 114 LYS n 
1 115 PHE n 
1 116 ALA n 
1 117 ALA n 
1 118 ARG n 
1 119 TYR n 
1 120 ILE n 
1 121 GLU n 
1 122 CYS n 
1 123 ASN n 
1 124 GLN n 
1 125 GLY n 
1 126 GLN n 
1 127 THR n 
1 128 LEU n 
1 129 PHE n 
1 130 ALA n 
1 131 SER n 
1 132 ALA n 
1 133 ASP n 
1 134 THR n 
1 135 ALA n 
1 136 TYR n 
1 137 VAL n 
1 138 LEU n 
1 139 ALA n 
1 140 TYR n 
1 141 SER n 
1 142 ILE n 
1 143 ILE n 
1 144 MSE n 
1 145 LEU n 
1 146 THR n 
1 147 THR n 
1 148 ASP n 
1 149 LEU n 
1 150 HIS n 
1 151 SER n 
1 152 PRO n 
1 153 GLN n 
1 154 VAL n 
1 155 LYS n 
1 156 ASN n 
1 157 LYS n 
1 158 MSE n 
1 159 THR n 
1 160 LYS n 
1 161 GLU n 
1 162 GLN n 
1 163 TYR n 
1 164 ILE n 
1 165 LYS n 
1 166 MSE n 
1 167 ASN n 
1 168 ARG n 
1 169 GLY n 
1 170 ILE n 
1 171 ASN n 
1 172 ASP n 
1 173 SER n 
1 174 LYS n 
1 175 ASP n 
1 176 LEU n 
1 177 PRO n 
1 178 GLU n 
1 179 GLU n 
1 180 TYR n 
1 181 LEU n 
1 182 SER n 
1 183 SER n 
1 184 ILE n 
1 185 TYR n 
1 186 GLU n 
1 187 GLU n 
1 188 ILE n 
1 189 GLU n 
1 190 GLY n 
1 191 LYS n 
1 192 LYS n 
1 193 ILE n 
1 194 ALA n 
1 195 MSE n 
1 196 LYS n 
1 197 GLU n 
1 198 THR n 
1 199 LYS n 
1 200 GLU n 
1 201 LEU n 
1 202 THR n 
# 
_entity_src_gen.entity_id                          1 
_entity_src_gen.pdbx_src_id                        1 
_entity_src_gen.pdbx_alt_source_flag               sample 
_entity_src_gen.pdbx_seq_type                      ? 
_entity_src_gen.pdbx_beg_seq_num                   ? 
_entity_src_gen.pdbx_end_seq_num                   ? 
_entity_src_gen.gene_src_common_name               human 
_entity_src_gen.gene_src_genus                     ? 
_entity_src_gen.pdbx_gene_src_gene                 'ARFGEF2, ARFGEP2, BIG2' 
_entity_src_gen.gene_src_species                   ? 
_entity_src_gen.gene_src_strain                    ? 
_entity_src_gen.gene_src_tissue                    ? 
_entity_src_gen.gene_src_tissue_fraction           ? 
_entity_src_gen.gene_src_details                   ? 
_entity_src_gen.pdbx_gene_src_fragment             ? 
_entity_src_gen.pdbx_gene_src_scientific_name      'Homo sapiens' 
_entity_src_gen.pdbx_gene_src_ncbi_taxonomy_id     9606 
_entity_src_gen.pdbx_gene_src_variant              ? 
_entity_src_gen.pdbx_gene_src_cell_line            ? 
_entity_src_gen.pdbx_gene_src_atcc                 ? 
_entity_src_gen.pdbx_gene_src_organ                ? 
_entity_src_gen.pdbx_gene_src_organelle            ? 
_entity_src_gen.pdbx_gene_src_cell                 ? 
_entity_src_gen.pdbx_gene_src_cellular_location    ? 
_entity_src_gen.host_org_common_name               ? 
_entity_src_gen.pdbx_host_org_scientific_name      'Escherichia coli' 
_entity_src_gen.pdbx_host_org_ncbi_taxonomy_id     562 
_entity_src_gen.host_org_genus                     ? 
_entity_src_gen.pdbx_host_org_gene                 ? 
_entity_src_gen.pdbx_host_org_organ                ? 
_entity_src_gen.host_org_species                   ? 
_entity_src_gen.pdbx_host_org_tissue               ? 
_entity_src_gen.pdbx_host_org_tissue_fraction      ? 
_entity_src_gen.pdbx_host_org_strain               ? 
_entity_src_gen.pdbx_host_org_variant              ? 
_entity_src_gen.pdbx_host_org_cell_line            ? 
_entity_src_gen.pdbx_host_org_atcc                 ? 
_entity_src_gen.pdbx_host_org_culture_collection   ? 
_entity_src_gen.pdbx_host_org_cell                 ? 
_entity_src_gen.pdbx_host_org_organelle            ? 
_entity_src_gen.pdbx_host_org_cellular_location    ? 
_entity_src_gen.pdbx_host_org_vector_type          ? 
_entity_src_gen.pdbx_host_org_vector               ? 
_entity_src_gen.host_org_details                   ? 
_entity_src_gen.expression_system_id               ? 
_entity_src_gen.plasmid_name                       ? 
_entity_src_gen.plasmid_details                    ? 
_entity_src_gen.pdbx_description                   ? 
# 
loop_
_chem_comp.id 
_chem_comp.type 
_chem_comp.mon_nstd_flag 
_chem_comp.name 
_chem_comp.pdbx_synonyms 
_chem_comp.formula 
_chem_comp.formula_weight 
ALA 'L-peptide linking' y ALANINE          ? 'C3 H7 N O2'     89.093  
ARG 'L-peptide linking' y ARGININE         ? 'C6 H15 N4 O2 1' 175.209 
ASN 'L-peptide linking' y ASPARAGINE       ? 'C4 H8 N2 O3'    132.118 
ASP 'L-peptide linking' y 'ASPARTIC ACID'  ? 'C4 H7 N O4'     133.103 
CYS 'L-peptide linking' y CYSTEINE         ? 'C3 H7 N O2 S'   121.158 
GLN 'L-peptide linking' y GLUTAMINE        ? 'C5 H10 N2 O3'   146.144 
GLU 'L-peptide linking' y 'GLUTAMIC ACID'  ? 'C5 H9 N O4'     147.129 
GLY 'peptide linking'   y GLYCINE          ? 'C2 H5 N O2'     75.067  
HIS 'L-peptide linking' y HISTIDINE        ? 'C6 H10 N3 O2 1' 156.162 
ILE 'L-peptide linking' y ISOLEUCINE       ? 'C6 H13 N O2'    131.173 
LEU 'L-peptide linking' y LEUCINE          ? 'C6 H13 N O2'    131.173 
LYS 'L-peptide linking' y LYSINE           ? 'C6 H15 N2 O2 1' 147.195 
MSE 'L-peptide linking' n SELENOMETHIONINE ? 'C5 H11 N O2 Se' 196.106 
PHE 'L-peptide linking' y PHENYLALANINE    ? 'C9 H11 N O2'    165.189 
PRO 'L-peptide linking' y PROLINE          ? 'C5 H9 N O2'     115.130 
SER 'L-peptide linking' y SERINE           ? 'C3 H7 N O3'     105.093 
THR 'L-peptide linking' y THREONINE        ? 'C4 H9 N O3'     119.119 
TYR 'L-peptide linking' y TYROSINE         ? 'C9 H11 N O3'    181.189 
VAL 'L-peptide linking' y VALINE           ? 'C5 H11 N O2'    117.146 
# 
loop_
_pdbx_poly_seq_scheme.asym_id 
_pdbx_poly_seq_scheme.entity_id 
_pdbx_poly_seq_scheme.seq_id 
_pdbx_poly_seq_scheme.mon_id 
_pdbx_poly_seq_scheme.ndb_seq_num 
_pdbx_poly_seq_scheme.pdb_seq_num 
_pdbx_poly_seq_scheme.auth_seq_num 
_pdbx_poly_seq_scheme.pdb_mon_id 
_pdbx_poly_seq_scheme.auth_mon_id 
_pdbx_poly_seq_scheme.pdb_strand_id 
_pdbx_poly_seq_scheme.pdb_ins_code 
_pdbx_poly_seq_scheme.hetero 
A 1 1   GLU 1   1   ?   ?   ?   A . n 
A 1 2   GLN 2   2   ?   ?   ?   A . n 
A 1 3   PHE 3   3   ?   ?   ?   A . n 
A 1 4   GLU 4   4   ?   ?   ?   A . n 
A 1 5   VAL 5   5   ?   ?   ?   A . n 
A 1 6   ILE 6   6   6   ILE ILE A . n 
A 1 7   LYS 7   7   7   LYS LYS A . n 
A 1 8   GLN 8   8   8   GLN GLN A . n 
A 1 9   GLN 9   9   9   GLN GLN A . n 
A 1 10  LYS 10  10  10  LYS LYS A . n 
A 1 11  GLU 11  11  11  GLU GLU A . n 
A 1 12  ILE 12  12  12  ILE ILE A . n 
A 1 13  ILE 13  13  13  ILE ILE A . n 
A 1 14  GLU 14  14  14  GLU GLU A . n 
A 1 15  HIS 15  15  15  HIS HIS A . n 
A 1 16  GLY 16  16  16  GLY GLY A . n 
A 1 17  ILE 17  17  17  ILE ILE A . n 
A 1 18  GLU 18  18  18  GLU GLU A . n 
A 1 19  LEU 19  19  19  LEU LEU A . n 
A 1 20  PHE 20  20  20  PHE PHE A . n 
A 1 21  ASN 21  21  21  ASN ASN A . n 
A 1 22  LYS 22  22  22  LYS LYS A . n 
A 1 23  LYS 23  23  23  LYS LYS A . n 
A 1 24  PRO 24  24  24  PRO PRO A . n 
A 1 25  LYS 25  25  25  LYS LYS A . n 
A 1 26  ARG 26  26  26  ARG ARG A . n 
A 1 27  GLY 27  27  27  GLY GLY A . n 
A 1 28  ILE 28  28  28  ILE ILE A . n 
A 1 29  GLN 29  29  29  GLN GLN A . n 
A 1 30  PHE 30  30  30  PHE PHE A . n 
A 1 31  LEU 31  31  31  LEU LEU A . n 
A 1 32  GLN 32  32  32  GLN GLN A . n 
A 1 33  GLU 33  33  33  GLU GLU A . n 
A 1 34  GLN 34  34  34  GLN GLN A . n 
A 1 35  GLY 35  35  35  GLY GLY A . n 
A 1 36  MSE 36  36  36  MSE MSE A . n 
A 1 37  LEU 37  37  37  LEU LEU A . n 
A 1 38  GLY 38  38  38  GLY GLY A . n 
A 1 39  THR 39  39  39  THR THR A . n 
A 1 40  SER 40  40  40  SER SER A . n 
A 1 41  VAL 41  41  41  VAL VAL A . n 
A 1 42  GLU 42  42  42  GLU GLU A . n 
A 1 43  ASP 43  43  43  ASP ASP A . n 
A 1 44  ILE 44  44  44  ILE ILE A . n 
A 1 45  ALA 45  45  45  ALA ALA A . n 
A 1 46  GLN 46  46  46  GLN GLN A . n 
A 1 47  PHE 47  47  47  PHE PHE A . n 
A 1 48  LEU 48  48  48  LEU LEU A . n 
A 1 49  HIS 49  49  49  HIS HIS A . n 
A 1 50  GLN 50  50  50  GLN GLN A . n 
A 1 51  GLU 51  51  51  GLU GLU A . n 
A 1 52  GLU 52  52  52  GLU GLU A . n 
A 1 53  ARG 53  53  53  ARG ARG A . n 
A 1 54  LEU 54  54  54  LEU LEU A . n 
A 1 55  ASP 55  55  55  ASP ASP A . n 
A 1 56  SER 56  56  56  SER SER A . n 
A 1 57  THR 57  57  57  THR THR A . n 
A 1 58  GLN 58  58  58  GLN GLN A . n 
A 1 59  VAL 59  59  59  VAL VAL A . n 
A 1 60  GLY 60  60  60  GLY GLY A . n 
A 1 61  ASP 61  61  61  ASP ASP A . n 
A 1 62  PHE 62  62  62  PHE PHE A . n 
A 1 63  LEU 63  63  63  LEU LEU A . n 
A 1 64  GLY 64  64  64  GLY GLY A . n 
A 1 65  ASP 65  65  65  ASP ASP A . n 
A 1 66  SER 66  66  66  SER SER A . n 
A 1 67  ALA 67  67  67  ALA ALA A . n 
A 1 68  ARG 68  68  68  ARG ARG A . n 
A 1 69  PHE 69  69  69  PHE PHE A . n 
A 1 70  ASN 70  70  70  ASN ASN A . n 
A 1 71  LYS 71  71  71  LYS LYS A . n 
A 1 72  GLU 72  72  72  GLU GLU A . n 
A 1 73  VAL 73  73  73  VAL VAL A . n 
A 1 74  MSE 74  74  74  MSE MSE A . n 
A 1 75  TYR 75  75  75  TYR TYR A . n 
A 1 76  ALA 76  76  76  ALA ALA A . n 
A 1 77  TYR 77  77  77  TYR TYR A . n 
A 1 78  VAL 78  78  78  VAL VAL A . n 
A 1 79  ASP 79  79  79  ASP ASP A . n 
A 1 80  GLN 80  80  80  GLN GLN A . n 
A 1 81  LEU 81  81  81  LEU LEU A . n 
A 1 82  ASP 82  82  ?   ?   ?   A . n 
A 1 83  PHE 83  83  ?   ?   ?   A . n 
A 1 84  CYS 84  84  ?   ?   ?   A . n 
A 1 85  GLU 85  85  85  GLU GLU A . n 
A 1 86  LYS 86  86  86  LYS LYS A . n 
A 1 87  GLU 87  87  87  GLU GLU A . n 
A 1 88  PHE 88  88  88  PHE PHE A . n 
A 1 89  VAL 89  89  89  VAL VAL A . n 
A 1 90  SER 90  90  90  SER SER A . n 
A 1 91  ALA 91  91  91  ALA ALA A . n 
A 1 92  LEU 92  92  92  LEU LEU A . n 
A 1 93  ARG 93  93  93  ARG ARG A . n 
A 1 94  THR 94  94  94  THR THR A . n 
A 1 95  PHE 95  95  95  PHE PHE A . n 
A 1 96  LEU 96  96  96  LEU LEU A . n 
A 1 97  GLU 97  97  97  GLU GLU A . n 
A 1 98  GLY 98  98  98  GLY GLY A . n 
A 1 99  PHE 99  99  99  PHE PHE A . n 
A 1 100 ARG 100 100 100 ARG ARG A . n 
A 1 101 LEU 101 101 101 LEU LEU A . n 
A 1 102 PRO 102 102 102 PRO PRO A . n 
A 1 103 GLY 103 103 103 GLY GLY A . n 
A 1 104 GLU 104 104 104 GLU GLU A . n 
A 1 105 ALA 105 105 105 ALA ALA A . n 
A 1 106 GLN 106 106 106 GLN GLN A . n 
A 1 107 LYS 107 107 107 LYS LYS A . n 
A 1 108 ILE 108 108 108 ILE ILE A . n 
A 1 109 ASP 109 109 109 ASP ASP A . n 
A 1 110 ARG 110 110 110 ARG ARG A . n 
A 1 111 LEU 111 111 111 LEU LEU A . n 
A 1 112 MSE 112 112 112 MSE MSE A . n 
A 1 113 GLU 113 113 113 GLU GLU A . n 
A 1 114 LYS 114 114 114 LYS LYS A . n 
A 1 115 PHE 115 115 115 PHE PHE A . n 
A 1 116 ALA 116 116 116 ALA ALA A . n 
A 1 117 ALA 117 117 117 ALA ALA A . n 
A 1 118 ARG 118 118 118 ARG ARG A . n 
A 1 119 TYR 119 119 119 TYR TYR A . n 
A 1 120 ILE 120 120 120 ILE ILE A . n 
A 1 121 GLU 121 121 121 GLU GLU A . n 
A 1 122 CYS 122 122 122 CYS CYS A . n 
A 1 123 ASN 123 123 ?   ?   ?   A . n 
A 1 124 GLN 124 124 ?   ?   ?   A . n 
A 1 125 GLY 125 125 ?   ?   ?   A . n 
A 1 126 GLN 126 126 ?   ?   ?   A . n 
A 1 127 THR 127 127 ?   ?   ?   A . n 
A 1 128 LEU 128 128 128 LEU LEU A . n 
A 1 129 PHE 129 129 129 PHE PHE A . n 
A 1 130 ALA 130 130 130 ALA ALA A . n 
A 1 131 SER 131 131 131 SER SER A . n 
A 1 132 ALA 132 132 132 ALA ALA A . n 
A 1 133 ASP 133 133 133 ASP ASP A . n 
A 1 134 THR 134 134 134 THR THR A . n 
A 1 135 ALA 135 135 135 ALA ALA A . n 
A 1 136 TYR 136 136 136 TYR TYR A . n 
A 1 137 VAL 137 137 137 VAL VAL A . n 
A 1 138 LEU 138 138 138 LEU LEU A . n 
A 1 139 ALA 139 139 139 ALA ALA A . n 
A 1 140 TYR 140 140 140 TYR TYR A . n 
A 1 141 SER 141 141 141 SER SER A . n 
A 1 142 ILE 142 142 142 ILE ILE A . n 
A 1 143 ILE 143 143 143 ILE ILE A . n 
A 1 144 MSE 144 144 144 MSE MSE A . n 
A 1 145 LEU 145 145 145 LEU LEU A . n 
A 1 146 THR 146 146 146 THR THR A . n 
A 1 147 THR 147 147 147 THR THR A . n 
A 1 148 ASP 148 148 148 ASP ASP A . n 
A 1 149 LEU 149 149 149 LEU LEU A . n 
A 1 150 HIS 150 150 ?   ?   ?   A . n 
A 1 151 SER 151 151 ?   ?   ?   A . n 
A 1 152 PRO 152 152 152 PRO PRO A . n 
A 1 153 GLN 153 153 153 GLN GLN A . n 
A 1 154 VAL 154 154 154 VAL VAL A . n 
A 1 155 LYS 155 155 155 LYS LYS A . n 
A 1 156 ASN 156 156 156 ASN ASN A . n 
A 1 157 LYS 157 157 157 LYS LYS A . n 
A 1 158 MSE 158 158 158 MSE MSE A . n 
A 1 159 THR 159 159 159 THR THR A . n 
A 1 160 LYS 160 160 160 LYS LYS A . n 
A 1 161 GLU 161 161 161 GLU GLU A . n 
A 1 162 GLN 162 162 162 GLN GLN A . n 
A 1 163 TYR 163 163 163 TYR TYR A . n 
A 1 164 ILE 164 164 164 ILE ILE A . n 
A 1 165 LYS 165 165 165 LYS LYS A . n 
A 1 166 MSE 166 166 166 MSE MSE A . n 
A 1 167 ASN 167 167 167 ASN ASN A . n 
A 1 168 ARG 168 168 168 ARG ARG A . n 
A 1 169 GLY 169 169 169 GLY GLY A . n 
A 1 170 ILE 170 170 170 ILE ILE A . n 
A 1 171 ASN 171 171 171 ASN ASN A . n 
A 1 172 ASP 172 172 172 ASP ASP A . n 
A 1 173 SER 173 173 173 SER SER A . n 
A 1 174 LYS 174 174 174 LYS LYS A . n 
A 1 175 ASP 175 175 175 ASP ASP A . n 
A 1 176 LEU 176 176 176 LEU LEU A . n 
A 1 177 PRO 177 177 177 PRO PRO A . n 
A 1 178 GLU 178 178 178 GLU GLU A . n 
A 1 179 GLU 179 179 179 GLU GLU A . n 
A 1 180 TYR 180 180 180 TYR TYR A . n 
A 1 181 LEU 181 181 181 LEU LEU A . n 
A 1 182 SER 182 182 182 SER SER A . n 
A 1 183 SER 183 183 183 SER SER A . n 
A 1 184 ILE 184 184 184 ILE ILE A . n 
A 1 185 TYR 185 185 185 TYR TYR A . n 
A 1 186 GLU 186 186 186 GLU GLU A . n 
A 1 187 GLU 187 187 187 GLU GLU A . n 
A 1 188 ILE 188 188 188 ILE ILE A . n 
A 1 189 GLU 189 189 189 GLU GLU A . n 
A 1 190 GLY 190 190 190 GLY GLY A . n 
A 1 191 LYS 191 191 191 LYS LYS A . n 
A 1 192 LYS 192 192 192 LYS LYS A . n 
A 1 193 ILE 193 193 193 ILE ILE A . n 
A 1 194 ALA 194 194 194 ALA ALA A . n 
A 1 195 MSE 195 195 ?   ?   ?   A . n 
A 1 196 LYS 196 196 ?   ?   ?   A . n 
A 1 197 GLU 197 197 ?   ?   ?   A . n 
A 1 198 THR 198 198 ?   ?   ?   A . n 
A 1 199 LYS 199 199 ?   ?   ?   A . n 
A 1 200 GLU 200 200 ?   ?   ?   A . n 
A 1 201 LEU 201 201 ?   ?   ?   A . n 
A 1 202 THR 202 202 ?   ?   ?   A . n 
# 
loop_
_pdbx_unobs_or_zero_occ_atoms.id 
_pdbx_unobs_or_zero_occ_atoms.PDB_model_num 
_pdbx_unobs_or_zero_occ_atoms.polymer_flag 
_pdbx_unobs_or_zero_occ_atoms.occupancy_flag 
_pdbx_unobs_or_zero_occ_atoms.auth_asym_id 
_pdbx_unobs_or_zero_occ_atoms.auth_comp_id 
_pdbx_unobs_or_zero_occ_atoms.auth_seq_id 
_pdbx_unobs_or_zero_occ_atoms.PDB_ins_code 
_pdbx_unobs_or_zero_occ_atoms.auth_atom_id 
_pdbx_unobs_or_zero_occ_atoms.label_alt_id 
_pdbx_unobs_or_zero_occ_atoms.label_asym_id 
_pdbx_unobs_or_zero_occ_atoms.label_comp_id 
_pdbx_unobs_or_zero_occ_atoms.label_seq_id 
_pdbx_unobs_or_zero_occ_atoms.label_atom_id 
1   1 Y 1 A ILE 6   ? CG1 ? A ILE 6   CG1 
2   1 Y 1 A ILE 6   ? CG2 ? A ILE 6   CG2 
3   1 Y 1 A ILE 6   ? CD1 ? A ILE 6   CD1 
4   1 Y 1 A LYS 7   ? CG  ? A LYS 7   CG  
5   1 Y 1 A LYS 7   ? CD  ? A LYS 7   CD  
6   1 Y 1 A LYS 7   ? CE  ? A LYS 7   CE  
7   1 Y 1 A LYS 7   ? NZ  ? A LYS 7   NZ  
8   1 Y 1 A GLN 9   ? CG  ? A GLN 9   CG  
9   1 Y 1 A GLN 9   ? CD  ? A GLN 9   CD  
10  1 Y 1 A GLN 9   ? OE1 ? A GLN 9   OE1 
11  1 Y 1 A GLN 9   ? NE2 ? A GLN 9   NE2 
12  1 Y 1 A LYS 10  ? CB  ? A LYS 10  CB  
13  1 Y 1 A LYS 10  ? CG  ? A LYS 10  CG  
14  1 Y 1 A LYS 10  ? CD  ? A LYS 10  CD  
15  1 Y 1 A LYS 10  ? CE  ? A LYS 10  CE  
16  1 Y 1 A LYS 10  ? NZ  ? A LYS 10  NZ  
17  1 Y 1 A GLU 11  ? CG  ? A GLU 11  CG  
18  1 Y 1 A GLU 11  ? CD  ? A GLU 11  CD  
19  1 Y 1 A GLU 11  ? OE1 ? A GLU 11  OE1 
20  1 Y 1 A GLU 11  ? OE2 ? A GLU 11  OE2 
21  1 Y 1 A ILE 13  ? CG1 ? A ILE 13  CG1 
22  1 Y 1 A ILE 13  ? CG2 ? A ILE 13  CG2 
23  1 Y 1 A ILE 13  ? CD1 ? A ILE 13  CD1 
24  1 Y 1 A GLU 18  ? CG  ? A GLU 18  CG  
25  1 Y 1 A GLU 18  ? CD  ? A GLU 18  CD  
26  1 Y 1 A GLU 18  ? OE1 ? A GLU 18  OE1 
27  1 Y 1 A GLU 18  ? OE2 ? A GLU 18  OE2 
28  1 Y 1 A LYS 22  ? CB  ? A LYS 22  CB  
29  1 Y 1 A LYS 22  ? CG  ? A LYS 22  CG  
30  1 Y 1 A LYS 22  ? CD  ? A LYS 22  CD  
31  1 Y 1 A LYS 22  ? CE  ? A LYS 22  CE  
32  1 Y 1 A LYS 22  ? NZ  ? A LYS 22  NZ  
33  1 Y 1 A LYS 23  ? CB  ? A LYS 23  CB  
34  1 Y 1 A LYS 23  ? CG  ? A LYS 23  CG  
35  1 Y 1 A LYS 23  ? CD  ? A LYS 23  CD  
36  1 Y 1 A LYS 23  ? CE  ? A LYS 23  CE  
37  1 Y 1 A LYS 23  ? NZ  ? A LYS 23  NZ  
38  1 Y 1 A ARG 26  ? CG  ? A ARG 26  CG  
39  1 Y 1 A ARG 26  ? CD  ? A ARG 26  CD  
40  1 Y 1 A ARG 26  ? NE  ? A ARG 26  NE  
41  1 Y 1 A ARG 26  ? CZ  ? A ARG 26  CZ  
42  1 Y 1 A ARG 26  ? NH1 ? A ARG 26  NH1 
43  1 Y 1 A ARG 26  ? NH2 ? A ARG 26  NH2 
44  1 Y 1 A ILE 28  ? CG1 ? A ILE 28  CG1 
45  1 Y 1 A ILE 28  ? CG2 ? A ILE 28  CG2 
46  1 Y 1 A ILE 28  ? CD1 ? A ILE 28  CD1 
47  1 Y 1 A GLU 33  ? CB  ? A GLU 33  CB  
48  1 Y 1 A GLU 33  ? CG  ? A GLU 33  CG  
49  1 Y 1 A GLU 33  ? CD  ? A GLU 33  CD  
50  1 Y 1 A GLU 33  ? OE1 ? A GLU 33  OE1 
51  1 Y 1 A GLU 33  ? OE2 ? A GLU 33  OE2 
52  1 Y 1 A GLU 42  ? CB  ? A GLU 42  CB  
53  1 Y 1 A GLU 42  ? CG  ? A GLU 42  CG  
54  1 Y 1 A GLU 42  ? CD  ? A GLU 42  CD  
55  1 Y 1 A GLU 42  ? OE1 ? A GLU 42  OE1 
56  1 Y 1 A GLU 42  ? OE2 ? A GLU 42  OE2 
57  1 Y 1 A ALA 45  ? CB  ? A ALA 45  CB  
58  1 Y 1 A GLN 46  ? CB  ? A GLN 46  CB  
59  1 Y 1 A GLN 46  ? CG  ? A GLN 46  CG  
60  1 Y 1 A GLN 46  ? CD  ? A GLN 46  CD  
61  1 Y 1 A GLN 46  ? OE1 ? A GLN 46  OE1 
62  1 Y 1 A GLN 46  ? NE2 ? A GLN 46  NE2 
63  1 Y 1 A GLN 50  ? CG  ? A GLN 50  CG  
64  1 Y 1 A GLN 50  ? CD  ? A GLN 50  CD  
65  1 Y 1 A GLN 50  ? OE1 ? A GLN 50  OE1 
66  1 Y 1 A GLN 50  ? NE2 ? A GLN 50  NE2 
67  1 Y 1 A ARG 68  ? CG  ? A ARG 68  CG  
68  1 Y 1 A ARG 68  ? CD  ? A ARG 68  CD  
69  1 Y 1 A ARG 68  ? NE  ? A ARG 68  NE  
70  1 Y 1 A ARG 68  ? CZ  ? A ARG 68  CZ  
71  1 Y 1 A ARG 68  ? NH1 ? A ARG 68  NH1 
72  1 Y 1 A ARG 68  ? NH2 ? A ARG 68  NH2 
73  1 Y 1 A VAL 73  ? CB  ? A VAL 73  CB  
74  1 Y 1 A VAL 73  ? CG1 ? A VAL 73  CG1 
75  1 Y 1 A VAL 73  ? CG2 ? A VAL 73  CG2 
76  1 Y 1 A TYR 75  ? CG  ? A TYR 75  CG  
77  1 Y 1 A TYR 75  ? CD1 ? A TYR 75  CD1 
78  1 Y 1 A TYR 75  ? CD2 ? A TYR 75  CD2 
79  1 Y 1 A TYR 75  ? CE1 ? A TYR 75  CE1 
80  1 Y 1 A TYR 75  ? CE2 ? A TYR 75  CE2 
81  1 Y 1 A TYR 75  ? CZ  ? A TYR 75  CZ  
82  1 Y 1 A TYR 75  ? OH  ? A TYR 75  OH  
83  1 Y 1 A GLU 85  ? CG  ? A GLU 85  CG  
84  1 Y 1 A GLU 85  ? CD  ? A GLU 85  CD  
85  1 Y 1 A GLU 85  ? OE1 ? A GLU 85  OE1 
86  1 Y 1 A GLU 85  ? OE2 ? A GLU 85  OE2 
87  1 Y 1 A LYS 86  ? CG  ? A LYS 86  CG  
88  1 Y 1 A LYS 86  ? CD  ? A LYS 86  CD  
89  1 Y 1 A LYS 86  ? CE  ? A LYS 86  CE  
90  1 Y 1 A LYS 86  ? NZ  ? A LYS 86  NZ  
91  1 Y 1 A GLU 87  ? CG  ? A GLU 87  CG  
92  1 Y 1 A GLU 87  ? CD  ? A GLU 87  CD  
93  1 Y 1 A GLU 87  ? OE1 ? A GLU 87  OE1 
94  1 Y 1 A GLU 87  ? OE2 ? A GLU 87  OE2 
95  1 Y 1 A SER 90  ? CB  ? A SER 90  CB  
96  1 Y 1 A SER 90  ? OG  ? A SER 90  OG  
97  1 Y 1 A ARG 93  ? CG  ? A ARG 93  CG  
98  1 Y 1 A ARG 93  ? CD  ? A ARG 93  CD  
99  1 Y 1 A ARG 93  ? NE  ? A ARG 93  NE  
100 1 Y 1 A ARG 93  ? CZ  ? A ARG 93  CZ  
101 1 Y 1 A ARG 93  ? NH1 ? A ARG 93  NH1 
102 1 Y 1 A ARG 93  ? NH2 ? A ARG 93  NH2 
103 1 Y 1 A LYS 107 ? CG  ? A LYS 107 CG  
104 1 Y 1 A LYS 107 ? CD  ? A LYS 107 CD  
105 1 Y 1 A LYS 107 ? CE  ? A LYS 107 CE  
106 1 Y 1 A LYS 107 ? NZ  ? A LYS 107 NZ  
107 1 Y 1 A ILE 108 ? CG1 ? A ILE 108 CG1 
108 1 Y 1 A ILE 108 ? CG2 ? A ILE 108 CG2 
109 1 Y 1 A ILE 108 ? CD1 ? A ILE 108 CD1 
110 1 Y 1 A LYS 114 ? CG  ? A LYS 114 CG  
111 1 Y 1 A LYS 114 ? CD  ? A LYS 114 CD  
112 1 Y 1 A LYS 114 ? CE  ? A LYS 114 CE  
113 1 Y 1 A LYS 114 ? NZ  ? A LYS 114 NZ  
114 1 Y 1 A ARG 118 ? CG  ? A ARG 118 CG  
115 1 Y 1 A ARG 118 ? CD  ? A ARG 118 CD  
116 1 Y 1 A ARG 118 ? NE  ? A ARG 118 NE  
117 1 Y 1 A ARG 118 ? CZ  ? A ARG 118 CZ  
118 1 Y 1 A ARG 118 ? NH1 ? A ARG 118 NH1 
119 1 Y 1 A ARG 118 ? NH2 ? A ARG 118 NH2 
120 1 Y 1 A ASP 133 ? CB  ? A ASP 133 CB  
121 1 Y 1 A ASP 133 ? CG  ? A ASP 133 CG  
122 1 Y 1 A ASP 133 ? OD1 ? A ASP 133 OD1 
123 1 Y 1 A ASP 133 ? OD2 ? A ASP 133 OD2 
124 1 Y 1 A ASN 156 ? CG  ? A ASN 156 CG  
125 1 Y 1 A ASN 156 ? OD1 ? A ASN 156 OD1 
126 1 Y 1 A ASN 156 ? ND2 ? A ASN 156 ND2 
127 1 Y 1 A LYS 157 ? CG  ? A LYS 157 CG  
128 1 Y 1 A LYS 157 ? CD  ? A LYS 157 CD  
129 1 Y 1 A LYS 157 ? CE  ? A LYS 157 CE  
130 1 Y 1 A LYS 157 ? NZ  ? A LYS 157 NZ  
131 1 Y 1 A LYS 160 ? CB  ? A LYS 160 CB  
132 1 Y 1 A LYS 160 ? CG  ? A LYS 160 CG  
133 1 Y 1 A LYS 160 ? CD  ? A LYS 160 CD  
134 1 Y 1 A LYS 160 ? CE  ? A LYS 160 CE  
135 1 Y 1 A LYS 160 ? NZ  ? A LYS 160 NZ  
136 1 Y 1 A GLU 161 ? CB  ? A GLU 161 CB  
137 1 Y 1 A GLU 161 ? CG  ? A GLU 161 CG  
138 1 Y 1 A GLU 161 ? CD  ? A GLU 161 CD  
139 1 Y 1 A GLU 161 ? OE1 ? A GLU 161 OE1 
140 1 Y 1 A GLU 161 ? OE2 ? A GLU 161 OE2 
141 1 Y 1 A GLN 162 ? CB  ? A GLN 162 CB  
142 1 Y 1 A GLN 162 ? CG  ? A GLN 162 CG  
143 1 Y 1 A GLN 162 ? CD  ? A GLN 162 CD  
144 1 Y 1 A GLN 162 ? OE1 ? A GLN 162 OE1 
145 1 Y 1 A GLN 162 ? NE2 ? A GLN 162 NE2 
146 1 Y 1 A LYS 165 ? CG  ? A LYS 165 CG  
147 1 Y 1 A LYS 165 ? CD  ? A LYS 165 CD  
148 1 Y 1 A LYS 165 ? CE  ? A LYS 165 CE  
149 1 Y 1 A LYS 165 ? NZ  ? A LYS 165 NZ  
150 1 Y 1 A LYS 174 ? CG  ? A LYS 174 CG  
151 1 Y 1 A LYS 174 ? CD  ? A LYS 174 CD  
152 1 Y 1 A LYS 174 ? CE  ? A LYS 174 CE  
153 1 Y 1 A LYS 174 ? NZ  ? A LYS 174 NZ  
154 1 Y 1 A LEU 176 ? CG  ? A LEU 176 CG  
155 1 Y 1 A LEU 176 ? CD1 ? A LEU 176 CD1 
156 1 Y 1 A LEU 176 ? CD2 ? A LEU 176 CD2 
# 
loop_
_software.name 
_software.classification 
_software.version 
_software.citation_id 
_software.pdbx_ordinal 
ADSC     'data collection' Quantum ? 1 
SHELXS   phasing           .       ? 2 
CNS      refinement        1.2     ? 3 
HKL-2000 'data reduction'  .       ? 4 
HKL-2000 'data scaling'    .       ? 5 
# 
_cell.entry_id           3L8N 
_cell.length_a           53.929 
_cell.length_b           53.929 
_cell.length_c           75.711 
_cell.angle_alpha        90.00 
_cell.angle_beta         90.00 
_cell.angle_gamma        120.00 
_cell.Z_PDB              3 
_cell.pdbx_unique_axis   ? 
# 
_symmetry.entry_id                         3L8N 
_symmetry.space_group_name_H-M             'P 32' 
_symmetry.pdbx_full_space_group_name_H-M   ? 
_symmetry.cell_setting                     ? 
_symmetry.Int_Tables_number                145 
# 
_exptl.entry_id          3L8N 
_exptl.method            'X-RAY DIFFRACTION' 
_exptl.crystals_number   1 
# 
_exptl_crystal.id                    1 
_exptl_crystal.density_meas          ? 
_exptl_crystal.density_Matthews      2.67 
_exptl_crystal.density_percent_sol   53.97 
_exptl_crystal.description           ? 
# 
_exptl_crystal_grow.crystal_id      1 
_exptl_crystal_grow.method          'VAPOR DIFFUSION, SITTING DROP' 
_exptl_crystal_grow.temp            277 
_exptl_crystal_grow.temp_details    ? 
_exptl_crystal_grow.pH              5 
_exptl_crystal_grow.pdbx_pH_range   ? 
_exptl_crystal_grow.pdbx_details    'PEG1000, sodium citrate, pH 5, VAPOR DIFFUSION, SITTING DROP, temperature 277K' 
# 
_diffrn.id                     1 
_diffrn.ambient_temp           100 
_diffrn.ambient_temp_details   ? 
_diffrn.crystal_id             1 
# 
_diffrn_detector.diffrn_id              1 
_diffrn_detector.detector               CCD 
_diffrn_detector.type                   'ADSC QUANTUM 4' 
_diffrn_detector.pdbx_collection_date   2009-09-20 
_diffrn_detector.details                mirrors 
# 
_diffrn_radiation.diffrn_id                        1 
_diffrn_radiation.wavelength_id                    1 
_diffrn_radiation.pdbx_monochromatic_or_laue_m_l   M 
_diffrn_radiation.monochromator                    ? 
_diffrn_radiation.pdbx_diffrn_protocol             'SINGLE WAVELENGTH' 
_diffrn_radiation.pdbx_scattering_type             x-ray 
# 
_diffrn_radiation_wavelength.id           1 
_diffrn_radiation_wavelength.wavelength   0.979 
_diffrn_radiation_wavelength.wt           1.0 
# 
_diffrn_source.diffrn_id                   1 
_diffrn_source.source                      SYNCHROTRON 
_diffrn_source.type                        'NSLS BEAMLINE X4A' 
_diffrn_source.pdbx_synchrotron_site       NSLS 
_diffrn_source.pdbx_synchrotron_beamline   X4A 
_diffrn_source.pdbx_wavelength             ? 
_diffrn_source.pdbx_wavelength_list        0.979 
# 
_reflns.entry_id                     3L8N 
_reflns.observed_criterion_sigma_I   0 
_reflns.observed_criterion_sigma_F   0 
_reflns.d_resolution_low             50 
_reflns.d_resolution_high            2.8 
_reflns.number_obs                   13133 
_reflns.number_all                   13133 
_reflns.percent_possible_obs         97.8 
_reflns.pdbx_Rmerge_I_obs            0.073 
_reflns.pdbx_Rsym_value              0.071 
_reflns.pdbx_netI_over_sigmaI        ? 
_reflns.B_iso_Wilson_estimate        79.4 
_reflns.pdbx_redundancy              1.9 
_reflns.pdbx_diffrn_id               1 
_reflns.pdbx_ordinal                 1 
# 
_reflns_shell.d_res_high             2.8 
_reflns_shell.d_res_low              2.91 
_reflns_shell.percent_possible_all   99.3 
_reflns_shell.Rmerge_I_obs           0.343 
_reflns_shell.pdbx_Rsym_value        0.29 
_reflns_shell.meanI_over_sigI_obs    ? 
_reflns_shell.pdbx_redundancy        1.9 
_reflns_shell.pdbx_diffrn_id         ? 
_reflns_shell.pdbx_ordinal           1 
# 
_refine.pdbx_refine_id                           'X-RAY DIFFRACTION' 
_refine.entry_id                                 3L8N 
_refine.ls_number_reflns_obs                     9846 
_refine.ls_number_reflns_all                     ? 
_refine.pdbx_ls_sigma_I                          ? 
_refine.pdbx_ls_sigma_F                          2.0 
_refine.pdbx_data_cutoff_high_absF               306158.18 
_refine.pdbx_data_cutoff_low_absF                0.000000 
_refine.pdbx_data_cutoff_high_rms_absF           ? 
_refine.ls_d_res_low                             17.65 
_refine.ls_d_res_high                            2.86 
_refine.ls_percent_reflns_obs                    86.5 
_refine.ls_R_factor_obs                          0.2362 
_refine.ls_R_factor_all                          ? 
_refine.ls_R_factor_R_work                       0.2362 
_refine.ls_R_factor_R_free                       0.2901 
_refine.ls_R_factor_R_free_error                 0.012 
_refine.ls_R_factor_R_free_error_details         ? 
_refine.ls_percent_reflns_R_free                 9.3 
_refine.ls_number_reflns_R_free                  914 
_refine.ls_number_parameters                     ? 
_refine.ls_number_restraints                     ? 
_refine.occupancy_min                            ? 
_refine.occupancy_max                            ? 
_refine.correlation_coeff_Fo_to_Fc               ? 
_refine.correlation_coeff_Fo_to_Fc_free          ? 
_refine.B_iso_mean                               74.3 
_refine.aniso_B[1][1]                            4.23 
_refine.aniso_B[2][2]                            4.23 
_refine.aniso_B[3][3]                            -8.46 
_refine.aniso_B[1][2]                            0.00 
_refine.aniso_B[1][3]                            0.00 
_refine.aniso_B[2][3]                            0.00 
_refine.solvent_model_details                    'FLAT MODEL' 
_refine.solvent_model_param_ksol                 0.3 
_refine.solvent_model_param_bsol                 58.2813 
_refine.pdbx_solvent_vdw_probe_radii             ? 
_refine.pdbx_solvent_ion_probe_radii             ? 
_refine.pdbx_solvent_shrinkage_radii             ? 
_refine.pdbx_ls_cross_valid_method               THROUGHOUT 
_refine.details                                  
;BULK SOLVENT MODEL USED. 
The data is twined with twinning operator= -h,-k,l and twinning fraction= 0.321.
;
_refine.pdbx_starting_model                      ? 
_refine.pdbx_method_to_determine_struct          SAD 
_refine.pdbx_isotropic_thermal_model             RESTRAINED 
_refine.pdbx_stereochemistry_target_values       'Engh & Huber' 
_refine.pdbx_stereochem_target_val_spec_case     ? 
_refine.pdbx_R_Free_selection_details            RANDOM 
_refine.pdbx_overall_ESU_R                       ? 
_refine.pdbx_overall_ESU_R_Free                  ? 
_refine.overall_SU_ML                            ? 
_refine.pdbx_overall_phase_error                 ? 
_refine.overall_SU_B                             ? 
_refine.overall_SU_R_Cruickshank_DPI             ? 
_refine.pdbx_overall_SU_R_free_Cruickshank_DPI   ? 
_refine.pdbx_overall_SU_R_Blow_DPI               ? 
_refine.pdbx_overall_SU_R_free_Blow_DPI          ? 
_refine.pdbx_diffrn_id                           1 
_refine.pdbx_TLS_residual_ADP_flag               ? 
# 
_refine_analyze.pdbx_refine_id                  'X-RAY DIFFRACTION' 
_refine_analyze.entry_id                        3L8N 
_refine_analyze.Luzzati_coordinate_error_obs    0.60 
_refine_analyze.Luzzati_sigma_a_obs             0.98 
_refine_analyze.Luzzati_d_res_low_obs           5.00 
_refine_analyze.Luzzati_coordinate_error_free   0.63 
_refine_analyze.Luzzati_sigma_a_free            1.35 
_refine_analyze.Luzzati_d_res_low_free          ? 
_refine_analyze.number_disordered_residues      ? 
_refine_analyze.occupancy_sum_hydrogen          ? 
_refine_analyze.occupancy_sum_non_hydrogen      ? 
# 
_refine_hist.pdbx_refine_id                   'X-RAY DIFFRACTION' 
_refine_hist.cycle_id                         LAST 
_refine_hist.pdbx_number_atoms_protein        1300 
_refine_hist.pdbx_number_atoms_nucleic_acid   0 
_refine_hist.pdbx_number_atoms_ligand         0 
_refine_hist.number_atoms_solvent             0 
_refine_hist.number_atoms_total               1300 
_refine_hist.d_res_high                       2.86 
_refine_hist.d_res_low                        17.65 
# 
loop_
_refine_ls_restr.type 
_refine_ls_restr.dev_ideal 
_refine_ls_restr.dev_ideal_target 
_refine_ls_restr.weight 
_refine_ls_restr.number 
_refine_ls_restr.pdbx_refine_id 
_refine_ls_restr.pdbx_restraint_function 
c_bond_d                0.008509 ? ? ? 'X-RAY DIFFRACTION' ? 
c_bond_d_na             ?        ? ? ? 'X-RAY DIFFRACTION' ? 
c_bond_d_prot           ?        ? ? ? 'X-RAY DIFFRACTION' ? 
c_angle_d               ?        ? ? ? 'X-RAY DIFFRACTION' ? 
c_angle_d_na            ?        ? ? ? 'X-RAY DIFFRACTION' ? 
c_angle_d_prot          ?        ? ? ? 'X-RAY DIFFRACTION' ? 
c_angle_deg             1.53903  ? ? ? 'X-RAY DIFFRACTION' ? 
c_angle_deg_na          ?        ? ? ? 'X-RAY DIFFRACTION' ? 
c_angle_deg_prot        ?        ? ? ? 'X-RAY DIFFRACTION' ? 
c_dihedral_angle_d      ?        ? ? ? 'X-RAY DIFFRACTION' ? 
c_dihedral_angle_d_na   ?        ? ? ? 'X-RAY DIFFRACTION' ? 
c_dihedral_angle_d_prot ?        ? ? ? 'X-RAY DIFFRACTION' ? 
c_improper_angle_d      ?        ? ? ? 'X-RAY DIFFRACTION' ? 
c_improper_angle_d_na   ?        ? ? ? 'X-RAY DIFFRACTION' ? 
c_improper_angle_d_prot ?        ? ? ? 'X-RAY DIFFRACTION' ? 
c_mcbond_it             ?        ? ? ? 'X-RAY DIFFRACTION' ? 
c_mcangle_it            ?        ? ? ? 'X-RAY DIFFRACTION' ? 
c_scbond_it             ?        ? ? ? 'X-RAY DIFFRACTION' ? 
c_scangle_it            ?        ? ? ? 'X-RAY DIFFRACTION' ? 
# 
_refine_ls_restr_ncs.pdbx_refine_id      'X-RAY DIFFRACTION' 
_refine_ls_restr_ncs.dom_id              1 
_refine_ls_restr_ncs.ncs_model_details   NONE 
_refine_ls_restr_ncs.rms_dev_position    ? 
_refine_ls_restr_ncs.weight_position     ? 
_refine_ls_restr_ncs.rms_dev_B_iso       ? 
_refine_ls_restr_ncs.weight_B_iso        ? 
_refine_ls_restr_ncs.pdbx_ordinal        1 
_refine_ls_restr_ncs.pdbx_type           . 
_refine_ls_restr_ncs.pdbx_auth_asym_id   . 
_refine_ls_restr_ncs.pdbx_ens_id         1 
_refine_ls_restr_ncs.pdbx_number         ? 
_refine_ls_restr_ncs.pdbx_asym_id        ? 
_refine_ls_restr_ncs.pdbx_rms            ? 
_refine_ls_restr_ncs.pdbx_weight         ? 
# 
_refine_ls_shell.pdbx_refine_id                   'X-RAY DIFFRACTION' 
_refine_ls_shell.pdbx_total_number_of_bins_used   6 
_refine_ls_shell.d_res_high                       2.80 
_refine_ls_shell.d_res_low                        2.98 
_refine_ls_shell.number_reflns_R_work             792 
_refine_ls_shell.R_factor_R_work                  ? 
_refine_ls_shell.percent_reflns_obs               42.6 
_refine_ls_shell.R_factor_R_free                  ? 
_refine_ls_shell.R_factor_R_free_error            0.052 
_refine_ls_shell.percent_reflns_R_free            9.1 
_refine_ls_shell.number_reflns_R_free             79 
_refine_ls_shell.number_reflns_all                ? 
_refine_ls_shell.R_factor_all                     ? 
# 
loop_
_pdbx_xplor_file.pdbx_refine_id 
_pdbx_xplor_file.serial_no 
_pdbx_xplor_file.param_file 
_pdbx_xplor_file.topol_file 
'X-RAY DIFFRACTION' 1 protein_rep.param protein.top 
'X-RAY DIFFRACTION' 2 water_rep.param   water.top   
'X-RAY DIFFRACTION' 3 ion.param         ion.top     
# 
_struct_ncs_dom.id            1 
_struct_ncs_dom.details       ? 
_struct_ncs_dom.pdbx_ens_id   1 
# 
_struct_ncs_ens.id        1 
_struct_ncs_ens.details   ? 
# 
_struct.entry_id                  3L8N 
_struct.title                     
;Crystal Structure of a domain of Brefeldin A-inhibited guanine nucleotide-exchange protein 2 (BrefeldinA-inhibited GEP 2) from Homo sapiens (Human). Northeast Structural Genomics Consortium target id HR5562A
;
_struct.pdbx_model_details        ? 
_struct.pdbx_CASP_flag            ? 
_struct.pdbx_model_type_details   ? 
# 
_struct_keywords.entry_id        3L8N 
_struct_keywords.pdbx_keywords   'Nucleotide-binding protein, Metal-binding protein' 
_struct_keywords.text            
;Structural Genomics, PSI-2, Protein Structure Initiative, Northeast Structural Genomics Consortium, NESG, Guanine-nucleotide releasing factor, Phosphoprotein, Nucleotide-binding protein, Metal-binding protein
;
# 
_struct_asym.id                            A 
_struct_asym.pdbx_blank_PDB_chainid_flag   N 
_struct_asym.pdbx_modified                 N 
_struct_asym.entity_id                     1 
_struct_asym.details                       ? 
# 
_struct_ref.id                         1 
_struct_ref.db_name                    UNP 
_struct_ref.db_code                    BIG2_HUMAN 
_struct_ref.pdbx_db_accession          Q9Y6D5 
_struct_ref.entity_id                  1 
_struct_ref.pdbx_seq_one_letter_code   
;EQFEVIKQQKEIIEHGIELFNKKPKRGIQFLQEQGMLGTSVEDIAQFLHQEERLDSTQVGDFLGDSARFNKEVMYAYVDQ
LDFCEKEFVSALRTFLEGFRLPGEAQKIDRLMEKFAARYIECNQGQTLFASADTAYVLAYSIIMLTTDLHSPQVKNKMTK
EQYIKMNRGINDSKDLPEEYLSSIYEEIEGKKIAMKETKELT
;
_struct_ref.pdbx_align_begin           635 
_struct_ref.pdbx_db_isoform            ? 
# 
_struct_ref_seq.align_id                      1 
_struct_ref_seq.ref_id                        1 
_struct_ref_seq.pdbx_PDB_id_code              3L8N 
_struct_ref_seq.pdbx_strand_id                A 
_struct_ref_seq.seq_align_beg                 1 
_struct_ref_seq.pdbx_seq_align_beg_ins_code   ? 
_struct_ref_seq.seq_align_end                 202 
_struct_ref_seq.pdbx_seq_align_end_ins_code   ? 
_struct_ref_seq.pdbx_db_accession             Q9Y6D5 
_struct_ref_seq.db_align_beg                  635 
_struct_ref_seq.pdbx_db_align_beg_ins_code    ? 
_struct_ref_seq.db_align_end                  836 
_struct_ref_seq.pdbx_db_align_end_ins_code    ? 
_struct_ref_seq.pdbx_auth_seq_align_beg       1 
_struct_ref_seq.pdbx_auth_seq_align_end       202 
# 
_pdbx_struct_assembly.id                   1 
_pdbx_struct_assembly.details              author_and_software_defined_assembly 
_pdbx_struct_assembly.method_details       PISA 
_pdbx_struct_assembly.oligomeric_details   monomeric 
_pdbx_struct_assembly.oligomeric_count     1 
# 
_pdbx_struct_assembly_gen.assembly_id       1 
_pdbx_struct_assembly_gen.oper_expression   1 
_pdbx_struct_assembly_gen.asym_id_list      A 
# 
_pdbx_struct_oper_list.id                   1 
_pdbx_struct_oper_list.type                 'identity operation' 
_pdbx_struct_oper_list.name                 1_555 
_pdbx_struct_oper_list.symmetry_operation   x,y,z 
_pdbx_struct_oper_list.matrix[1][1]         1.0000000000 
_pdbx_struct_oper_list.matrix[1][2]         0.0000000000 
_pdbx_struct_oper_list.matrix[1][3]         0.0000000000 
_pdbx_struct_oper_list.vector[1]            0.0000000000 
_pdbx_struct_oper_list.matrix[2][1]         0.0000000000 
_pdbx_struct_oper_list.matrix[2][2]         1.0000000000 
_pdbx_struct_oper_list.matrix[2][3]         0.0000000000 
_pdbx_struct_oper_list.vector[2]            0.0000000000 
_pdbx_struct_oper_list.matrix[3][1]         0.0000000000 
_pdbx_struct_oper_list.matrix[3][2]         0.0000000000 
_pdbx_struct_oper_list.matrix[3][3]         1.0000000000 
_pdbx_struct_oper_list.vector[3]            0.0000000000 
# 
_struct_biol.id        1 
_struct_biol.details   ? 
# 
loop_
_struct_conf.conf_type_id 
_struct_conf.id 
_struct_conf.pdbx_PDB_helix_id 
_struct_conf.beg_label_comp_id 
_struct_conf.beg_label_asym_id 
_struct_conf.beg_label_seq_id 
_struct_conf.pdbx_beg_PDB_ins_code 
_struct_conf.end_label_comp_id 
_struct_conf.end_label_asym_id 
_struct_conf.end_label_seq_id 
_struct_conf.pdbx_end_PDB_ins_code 
_struct_conf.beg_auth_comp_id 
_struct_conf.beg_auth_asym_id 
_struct_conf.beg_auth_seq_id 
_struct_conf.end_auth_comp_id 
_struct_conf.end_auth_asym_id 
_struct_conf.end_auth_seq_id 
_struct_conf.pdbx_PDB_helix_class 
_struct_conf.details 
_struct_conf.pdbx_PDB_helix_length 
HELX_P HELX_P1 1 GLU A 14  ? ASN A 21  ? GLU A 14  ASN A 21  1 ? 8  
HELX_P HELX_P2 2 LYS A 23  ? GLN A 34  ? LYS A 23  GLN A 34  1 ? 12 
HELX_P HELX_P3 3 ILE A 44  ? HIS A 49  ? ILE A 44  HIS A 49  1 ? 6  
HELX_P HELX_P4 4 ASP A 55  ? ASP A 61  ? ASP A 55  ASP A 61  1 ? 7  
HELX_P HELX_P5 5 LYS A 71  ? ASP A 79  ? LYS A 71  ASP A 79  1 ? 9  
HELX_P HELX_P6 6 PHE A 88  ? LEU A 96  ? PHE A 88  LEU A 96  1 ? 9  
HELX_P HELX_P7 7 GLU A 104 ? ILE A 120 ? GLU A 104 ILE A 120 1 ? 17 
HELX_P HELX_P8 8 SER A 131 ? MSE A 144 ? SER A 131 MSE A 144 1 ? 14 
HELX_P HELX_P9 9 PRO A 177 ? GLU A 189 ? PRO A 177 GLU A 189 1 ? 13 
# 
_struct_conf_type.id          HELX_P 
_struct_conf_type.criteria    ? 
_struct_conf_type.reference   ? 
# 
loop_
_struct_conn.id 
_struct_conn.conn_type_id 
_struct_conn.pdbx_leaving_atom_flag 
_struct_conn.pdbx_PDB_id 
_struct_conn.ptnr1_label_asym_id 
_struct_conn.ptnr1_label_comp_id 
_struct_conn.ptnr1_label_seq_id 
_struct_conn.ptnr1_label_atom_id 
_struct_conn.pdbx_ptnr1_label_alt_id 
_struct_conn.pdbx_ptnr1_PDB_ins_code 
_struct_conn.pdbx_ptnr1_standard_comp_id 
_struct_conn.ptnr1_symmetry 
_struct_conn.ptnr2_label_asym_id 
_struct_conn.ptnr2_label_comp_id 
_struct_conn.ptnr2_label_seq_id 
_struct_conn.ptnr2_label_atom_id 
_struct_conn.pdbx_ptnr2_label_alt_id 
_struct_conn.pdbx_ptnr2_PDB_ins_code 
_struct_conn.ptnr1_auth_asym_id 
_struct_conn.ptnr1_auth_comp_id 
_struct_conn.ptnr1_auth_seq_id 
_struct_conn.ptnr2_auth_asym_id 
_struct_conn.ptnr2_auth_comp_id 
_struct_conn.ptnr2_auth_seq_id 
_struct_conn.ptnr2_symmetry 
_struct_conn.pdbx_ptnr3_label_atom_id 
_struct_conn.pdbx_ptnr3_label_seq_id 
_struct_conn.pdbx_ptnr3_label_comp_id 
_struct_conn.pdbx_ptnr3_label_asym_id 
_struct_conn.pdbx_ptnr3_label_alt_id 
_struct_conn.pdbx_ptnr3_PDB_ins_code 
_struct_conn.details 
_struct_conn.pdbx_dist_value 
_struct_conn.pdbx_value_order 
_struct_conn.pdbx_role 
covale1  covale both ? A GLY 35  C ? ? ? 1_555 A MSE 36  N ? ? A GLY 35  A MSE 36  1_555 ? ? ? ? ? ? ? 1.335 ? ? 
covale2  covale both ? A MSE 36  C ? ? ? 1_555 A LEU 37  N ? ? A MSE 36  A LEU 37  1_555 ? ? ? ? ? ? ? 1.325 ? ? 
covale3  covale both ? A VAL 73  C ? ? ? 1_555 A MSE 74  N ? ? A VAL 73  A MSE 74  1_555 ? ? ? ? ? ? ? 1.336 ? ? 
covale4  covale both ? A MSE 74  C ? ? ? 1_555 A TYR 75  N ? ? A MSE 74  A TYR 75  1_555 ? ? ? ? ? ? ? 1.325 ? ? 
covale5  covale both ? A LEU 111 C ? ? ? 1_555 A MSE 112 N ? ? A LEU 111 A MSE 112 1_555 ? ? ? ? ? ? ? 1.335 ? ? 
covale6  covale both ? A MSE 112 C ? ? ? 1_555 A GLU 113 N ? ? A MSE 112 A GLU 113 1_555 ? ? ? ? ? ? ? 1.332 ? ? 
covale7  covale both ? A ILE 143 C ? ? ? 1_555 A MSE 144 N ? ? A ILE 143 A MSE 144 1_555 ? ? ? ? ? ? ? 1.327 ? ? 
covale8  covale both ? A MSE 144 C ? ? ? 1_555 A LEU 145 N ? ? A MSE 144 A LEU 145 1_555 ? ? ? ? ? ? ? 1.336 ? ? 
covale9  covale both ? A LYS 157 C ? ? ? 1_555 A MSE 158 N ? ? A LYS 157 A MSE 158 1_555 ? ? ? ? ? ? ? 1.340 ? ? 
covale10 covale both ? A MSE 158 C ? ? ? 1_555 A THR 159 N ? ? A MSE 158 A THR 159 1_555 ? ? ? ? ? ? ? 1.331 ? ? 
covale11 covale both ? A LYS 165 C ? ? ? 1_555 A MSE 166 N ? ? A LYS 165 A MSE 166 1_555 ? ? ? ? ? ? ? 1.326 ? ? 
covale12 covale both ? A MSE 166 C ? ? ? 1_555 A ASN 167 N ? ? A MSE 166 A ASN 167 1_555 ? ? ? ? ? ? ? 1.338 ? ? 
# 
_struct_conn_type.id          covale 
_struct_conn_type.criteria    ? 
_struct_conn_type.reference   ? 
# 
loop_
_pdbx_modification_feature.ordinal 
_pdbx_modification_feature.label_comp_id 
_pdbx_modification_feature.label_asym_id 
_pdbx_modification_feature.label_seq_id 
_pdbx_modification_feature.label_alt_id 
_pdbx_modification_feature.modified_residue_label_comp_id 
_pdbx_modification_feature.modified_residue_label_asym_id 
_pdbx_modification_feature.modified_residue_label_seq_id 
_pdbx_modification_feature.modified_residue_label_alt_id 
_pdbx_modification_feature.auth_comp_id 
_pdbx_modification_feature.auth_asym_id 
_pdbx_modification_feature.auth_seq_id 
_pdbx_modification_feature.PDB_ins_code 
_pdbx_modification_feature.symmetry 
_pdbx_modification_feature.modified_residue_auth_comp_id 
_pdbx_modification_feature.modified_residue_auth_asym_id 
_pdbx_modification_feature.modified_residue_auth_seq_id 
_pdbx_modification_feature.modified_residue_PDB_ins_code 
_pdbx_modification_feature.modified_residue_symmetry 
_pdbx_modification_feature.comp_id_linking_atom 
_pdbx_modification_feature.modified_residue_id_linking_atom 
_pdbx_modification_feature.modified_residue_id 
_pdbx_modification_feature.ref_pcm_id 
_pdbx_modification_feature.ref_comp_id 
_pdbx_modification_feature.type 
_pdbx_modification_feature.category 
1 MSE A 36  ? . . . . MSE A 36  ? 1_555 . . . . . . . MET 1 MSE Selenomethionine 'Named protein modification' 
2 MSE A 74  ? . . . . MSE A 74  ? 1_555 . . . . . . . MET 1 MSE Selenomethionine 'Named protein modification' 
3 MSE A 112 ? . . . . MSE A 112 ? 1_555 . . . . . . . MET 1 MSE Selenomethionine 'Named protein modification' 
4 MSE A 144 ? . . . . MSE A 144 ? 1_555 . . . . . . . MET 1 MSE Selenomethionine 'Named protein modification' 
5 MSE A 158 ? . . . . MSE A 158 ? 1_555 . . . . . . . MET 1 MSE Selenomethionine 'Named protein modification' 
6 MSE A 166 ? . . . . MSE A 166 ? 1_555 . . . . . . . MET 1 MSE Selenomethionine 'Named protein modification' 
# 
_pdbx_entry_details.entry_id                   3L8N 
_pdbx_entry_details.compound_details           ? 
_pdbx_entry_details.source_details             ? 
_pdbx_entry_details.nonpolymer_details         ? 
_pdbx_entry_details.sequence_details           ? 
_pdbx_entry_details.has_ligand_of_interest     ? 
_pdbx_entry_details.has_protein_modification   Y 
# 
loop_
_pdbx_validate_torsion.id 
_pdbx_validate_torsion.PDB_model_num 
_pdbx_validate_torsion.auth_comp_id 
_pdbx_validate_torsion.auth_asym_id 
_pdbx_validate_torsion.auth_seq_id 
_pdbx_validate_torsion.PDB_ins_code 
_pdbx_validate_torsion.label_alt_id 
_pdbx_validate_torsion.phi 
_pdbx_validate_torsion.psi 
1  1 GLN A 8   ? ? -57.71  -166.68 
2  1 ILE A 12  ? ? -55.25  -91.80  
3  1 GLU A 14  ? ? -140.72 -23.75  
4  1 THR A 39  ? ? -79.24  -129.24 
5  1 SER A 40  ? ? 37.80   -147.58 
6  1 ARG A 53  ? ? -141.93 -0.26   
7  1 PHE A 62  ? ? -64.65  -70.36  
8  1 LEU A 63  ? ? -58.22  -9.86   
9  1 ASP A 79  ? ? -73.86  36.60   
10 1 GLN A 80  ? ? -132.98 -54.67  
11 1 SER A 90  ? ? -69.72  1.95    
12 1 ILE A 120 ? ? -69.45  72.81   
13 1 GLU A 121 ? ? -155.33 -36.20  
14 1 PHE A 129 ? ? 72.13   -173.90 
15 1 ALA A 130 ? ? -149.11 -44.94  
16 1 TYR A 163 ? ? 68.35   -21.13  
17 1 ASN A 171 ? ? -107.39 78.73   
18 1 ASP A 172 ? ? 69.58   -78.10  
19 1 ILE A 193 ? ? -10.42  -77.53  
# 
_pdbx_SG_project.id                    1 
_pdbx_SG_project.project_name          'PSI, Protein Structure Initiative' 
_pdbx_SG_project.full_name_of_center   'Northeast Structural Genomics Consortium' 
_pdbx_SG_project.initial_of_center     NESG 
# 
loop_
_pdbx_struct_mod_residue.id 
_pdbx_struct_mod_residue.label_asym_id 
_pdbx_struct_mod_residue.label_comp_id 
_pdbx_struct_mod_residue.label_seq_id 
_pdbx_struct_mod_residue.auth_asym_id 
_pdbx_struct_mod_residue.auth_comp_id 
_pdbx_struct_mod_residue.auth_seq_id 
_pdbx_struct_mod_residue.PDB_ins_code 
_pdbx_struct_mod_residue.parent_comp_id 
_pdbx_struct_mod_residue.details 
1 A MSE 36  A MSE 36  ? MET SELENOMETHIONINE 
2 A MSE 74  A MSE 74  ? MET SELENOMETHIONINE 
3 A MSE 112 A MSE 112 ? MET SELENOMETHIONINE 
4 A MSE 144 A MSE 144 ? MET SELENOMETHIONINE 
5 A MSE 158 A MSE 158 ? MET SELENOMETHIONINE 
6 A MSE 166 A MSE 166 ? MET SELENOMETHIONINE 
# 
loop_
_pdbx_unobs_or_zero_occ_residues.id 
_pdbx_unobs_or_zero_occ_residues.PDB_model_num 
_pdbx_unobs_or_zero_occ_residues.polymer_flag 
_pdbx_unobs_or_zero_occ_residues.occupancy_flag 
_pdbx_unobs_or_zero_occ_residues.auth_asym_id 
_pdbx_unobs_or_zero_occ_residues.auth_comp_id 
_pdbx_unobs_or_zero_occ_residues.auth_seq_id 
_pdbx_unobs_or_zero_occ_residues.PDB_ins_code 
_pdbx_unobs_or_zero_occ_residues.label_asym_id 
_pdbx_unobs_or_zero_occ_residues.label_comp_id 
_pdbx_unobs_or_zero_occ_residues.label_seq_id 
1  1 Y 1 A GLU 1   ? A GLU 1   
2  1 Y 1 A GLN 2   ? A GLN 2   
3  1 Y 1 A PHE 3   ? A PHE 3   
4  1 Y 1 A GLU 4   ? A GLU 4   
5  1 Y 1 A VAL 5   ? A VAL 5   
6  1 Y 1 A ASP 82  ? A ASP 82  
7  1 Y 1 A PHE 83  ? A PHE 83  
8  1 Y 1 A CYS 84  ? A CYS 84  
9  1 Y 1 A ASN 123 ? A ASN 123 
10 1 Y 1 A GLN 124 ? A GLN 124 
11 1 Y 1 A GLY 125 ? A GLY 125 
12 1 Y 1 A GLN 126 ? A GLN 126 
13 1 Y 1 A THR 127 ? A THR 127 
14 1 Y 1 A HIS 150 ? A HIS 150 
15 1 Y 1 A SER 151 ? A SER 151 
16 1 Y 1 A MSE 195 ? A MSE 195 
17 1 Y 1 A LYS 196 ? A LYS 196 
18 1 Y 1 A GLU 197 ? A GLU 197 
19 1 Y 1 A THR 198 ? A THR 198 
20 1 Y 1 A LYS 199 ? A LYS 199 
21 1 Y 1 A GLU 200 ? A GLU 200 
22 1 Y 1 A LEU 201 ? A LEU 201 
23 1 Y 1 A THR 202 ? A THR 202 
# 
loop_
_chem_comp_atom.comp_id 
_chem_comp_atom.atom_id 
_chem_comp_atom.type_symbol 
_chem_comp_atom.pdbx_aromatic_flag 
_chem_comp_atom.pdbx_stereo_config 
_chem_comp_atom.pdbx_ordinal 
ALA N    N  N N 1   
ALA CA   C  N S 2   
ALA C    C  N N 3   
ALA O    O  N N 4   
ALA CB   C  N N 5   
ALA OXT  O  N N 6   
ALA H    H  N N 7   
ALA H2   H  N N 8   
ALA HA   H  N N 9   
ALA HB1  H  N N 10  
ALA HB2  H  N N 11  
ALA HB3  H  N N 12  
ALA HXT  H  N N 13  
ARG N    N  N N 14  
ARG CA   C  N S 15  
ARG C    C  N N 16  
ARG O    O  N N 17  
ARG CB   C  N N 18  
ARG CG   C  N N 19  
ARG CD   C  N N 20  
ARG NE   N  N N 21  
ARG CZ   C  N N 22  
ARG NH1  N  N N 23  
ARG NH2  N  N N 24  
ARG OXT  O  N N 25  
ARG H    H  N N 26  
ARG H2   H  N N 27  
ARG HA   H  N N 28  
ARG HB2  H  N N 29  
ARG HB3  H  N N 30  
ARG HG2  H  N N 31  
ARG HG3  H  N N 32  
ARG HD2  H  N N 33  
ARG HD3  H  N N 34  
ARG HE   H  N N 35  
ARG HH11 H  N N 36  
ARG HH12 H  N N 37  
ARG HH21 H  N N 38  
ARG HH22 H  N N 39  
ARG HXT  H  N N 40  
ASN N    N  N N 41  
ASN CA   C  N S 42  
ASN C    C  N N 43  
ASN O    O  N N 44  
ASN CB   C  N N 45  
ASN CG   C  N N 46  
ASN OD1  O  N N 47  
ASN ND2  N  N N 48  
ASN OXT  O  N N 49  
ASN H    H  N N 50  
ASN H2   H  N N 51  
ASN HA   H  N N 52  
ASN HB2  H  N N 53  
ASN HB3  H  N N 54  
ASN HD21 H  N N 55  
ASN HD22 H  N N 56  
ASN HXT  H  N N 57  
ASP N    N  N N 58  
ASP CA   C  N S 59  
ASP C    C  N N 60  
ASP O    O  N N 61  
ASP CB   C  N N 62  
ASP CG   C  N N 63  
ASP OD1  O  N N 64  
ASP OD2  O  N N 65  
ASP OXT  O  N N 66  
ASP H    H  N N 67  
ASP H2   H  N N 68  
ASP HA   H  N N 69  
ASP HB2  H  N N 70  
ASP HB3  H  N N 71  
ASP HD2  H  N N 72  
ASP HXT  H  N N 73  
CYS N    N  N N 74  
CYS CA   C  N R 75  
CYS C    C  N N 76  
CYS O    O  N N 77  
CYS CB   C  N N 78  
CYS SG   S  N N 79  
CYS OXT  O  N N 80  
CYS H    H  N N 81  
CYS H2   H  N N 82  
CYS HA   H  N N 83  
CYS HB2  H  N N 84  
CYS HB3  H  N N 85  
CYS HG   H  N N 86  
CYS HXT  H  N N 87  
GLN N    N  N N 88  
GLN CA   C  N S 89  
GLN C    C  N N 90  
GLN O    O  N N 91  
GLN CB   C  N N 92  
GLN CG   C  N N 93  
GLN CD   C  N N 94  
GLN OE1  O  N N 95  
GLN NE2  N  N N 96  
GLN OXT  O  N N 97  
GLN H    H  N N 98  
GLN H2   H  N N 99  
GLN HA   H  N N 100 
GLN HB2  H  N N 101 
GLN HB3  H  N N 102 
GLN HG2  H  N N 103 
GLN HG3  H  N N 104 
GLN HE21 H  N N 105 
GLN HE22 H  N N 106 
GLN HXT  H  N N 107 
GLU N    N  N N 108 
GLU CA   C  N S 109 
GLU C    C  N N 110 
GLU O    O  N N 111 
GLU CB   C  N N 112 
GLU CG   C  N N 113 
GLU CD   C  N N 114 
GLU OE1  O  N N 115 
GLU OE2  O  N N 116 
GLU OXT  O  N N 117 
GLU H    H  N N 118 
GLU H2   H  N N 119 
GLU HA   H  N N 120 
GLU HB2  H  N N 121 
GLU HB3  H  N N 122 
GLU HG2  H  N N 123 
GLU HG3  H  N N 124 
GLU HE2  H  N N 125 
GLU HXT  H  N N 126 
GLY N    N  N N 127 
GLY CA   C  N N 128 
GLY C    C  N N 129 
GLY O    O  N N 130 
GLY OXT  O  N N 131 
GLY H    H  N N 132 
GLY H2   H  N N 133 
GLY HA2  H  N N 134 
GLY HA3  H  N N 135 
GLY HXT  H  N N 136 
HIS N    N  N N 137 
HIS CA   C  N S 138 
HIS C    C  N N 139 
HIS O    O  N N 140 
HIS CB   C  N N 141 
HIS CG   C  Y N 142 
HIS ND1  N  Y N 143 
HIS CD2  C  Y N 144 
HIS CE1  C  Y N 145 
HIS NE2  N  Y N 146 
HIS OXT  O  N N 147 
HIS H    H  N N 148 
HIS H2   H  N N 149 
HIS HA   H  N N 150 
HIS HB2  H  N N 151 
HIS HB3  H  N N 152 
HIS HD1  H  N N 153 
HIS HD2  H  N N 154 
HIS HE1  H  N N 155 
HIS HE2  H  N N 156 
HIS HXT  H  N N 157 
ILE N    N  N N 158 
ILE CA   C  N S 159 
ILE C    C  N N 160 
ILE O    O  N N 161 
ILE CB   C  N S 162 
ILE CG1  C  N N 163 
ILE CG2  C  N N 164 
ILE CD1  C  N N 165 
ILE OXT  O  N N 166 
ILE H    H  N N 167 
ILE H2   H  N N 168 
ILE HA   H  N N 169 
ILE HB   H  N N 170 
ILE HG12 H  N N 171 
ILE HG13 H  N N 172 
ILE HG21 H  N N 173 
ILE HG22 H  N N 174 
ILE HG23 H  N N 175 
ILE HD11 H  N N 176 
ILE HD12 H  N N 177 
ILE HD13 H  N N 178 
ILE HXT  H  N N 179 
LEU N    N  N N 180 
LEU CA   C  N S 181 
LEU C    C  N N 182 
LEU O    O  N N 183 
LEU CB   C  N N 184 
LEU CG   C  N N 185 
LEU CD1  C  N N 186 
LEU CD2  C  N N 187 
LEU OXT  O  N N 188 
LEU H    H  N N 189 
LEU H2   H  N N 190 
LEU HA   H  N N 191 
LEU HB2  H  N N 192 
LEU HB3  H  N N 193 
LEU HG   H  N N 194 
LEU HD11 H  N N 195 
LEU HD12 H  N N 196 
LEU HD13 H  N N 197 
LEU HD21 H  N N 198 
LEU HD22 H  N N 199 
LEU HD23 H  N N 200 
LEU HXT  H  N N 201 
LYS N    N  N N 202 
LYS CA   C  N S 203 
LYS C    C  N N 204 
LYS O    O  N N 205 
LYS CB   C  N N 206 
LYS CG   C  N N 207 
LYS CD   C  N N 208 
LYS CE   C  N N 209 
LYS NZ   N  N N 210 
LYS OXT  O  N N 211 
LYS H    H  N N 212 
LYS H2   H  N N 213 
LYS HA   H  N N 214 
LYS HB2  H  N N 215 
LYS HB3  H  N N 216 
LYS HG2  H  N N 217 
LYS HG3  H  N N 218 
LYS HD2  H  N N 219 
LYS HD3  H  N N 220 
LYS HE2  H  N N 221 
LYS HE3  H  N N 222 
LYS HZ1  H  N N 223 
LYS HZ2  H  N N 224 
LYS HZ3  H  N N 225 
LYS HXT  H  N N 226 
MSE N    N  N N 227 
MSE CA   C  N S 228 
MSE C    C  N N 229 
MSE O    O  N N 230 
MSE OXT  O  N N 231 
MSE CB   C  N N 232 
MSE CG   C  N N 233 
MSE SE   SE N N 234 
MSE CE   C  N N 235 
MSE H    H  N N 236 
MSE H2   H  N N 237 
MSE HA   H  N N 238 
MSE HXT  H  N N 239 
MSE HB2  H  N N 240 
MSE HB3  H  N N 241 
MSE HG2  H  N N 242 
MSE HG3  H  N N 243 
MSE HE1  H  N N 244 
MSE HE2  H  N N 245 
MSE HE3  H  N N 246 
PHE N    N  N N 247 
PHE CA   C  N S 248 
PHE C    C  N N 249 
PHE O    O  N N 250 
PHE CB   C  N N 251 
PHE CG   C  Y N 252 
PHE CD1  C  Y N 253 
PHE CD2  C  Y N 254 
PHE CE1  C  Y N 255 
PHE CE2  C  Y N 256 
PHE CZ   C  Y N 257 
PHE OXT  O  N N 258 
PHE H    H  N N 259 
PHE H2   H  N N 260 
PHE HA   H  N N 261 
PHE HB2  H  N N 262 
PHE HB3  H  N N 263 
PHE HD1  H  N N 264 
PHE HD2  H  N N 265 
PHE HE1  H  N N 266 
PHE HE2  H  N N 267 
PHE HZ   H  N N 268 
PHE HXT  H  N N 269 
PRO N    N  N N 270 
PRO CA   C  N S 271 
PRO C    C  N N 272 
PRO O    O  N N 273 
PRO CB   C  N N 274 
PRO CG   C  N N 275 
PRO CD   C  N N 276 
PRO OXT  O  N N 277 
PRO H    H  N N 278 
PRO HA   H  N N 279 
PRO HB2  H  N N 280 
PRO HB3  H  N N 281 
PRO HG2  H  N N 282 
PRO HG3  H  N N 283 
PRO HD2  H  N N 284 
PRO HD3  H  N N 285 
PRO HXT  H  N N 286 
SER N    N  N N 287 
SER CA   C  N S 288 
SER C    C  N N 289 
SER O    O  N N 290 
SER CB   C  N N 291 
SER OG   O  N N 292 
SER OXT  O  N N 293 
SER H    H  N N 294 
SER H2   H  N N 295 
SER HA   H  N N 296 
SER HB2  H  N N 297 
SER HB3  H  N N 298 
SER HG   H  N N 299 
SER HXT  H  N N 300 
THR N    N  N N 301 
THR CA   C  N S 302 
THR C    C  N N 303 
THR O    O  N N 304 
THR CB   C  N R 305 
THR OG1  O  N N 306 
THR CG2  C  N N 307 
THR OXT  O  N N 308 
THR H    H  N N 309 
THR H2   H  N N 310 
THR HA   H  N N 311 
THR HB   H  N N 312 
THR HG1  H  N N 313 
THR HG21 H  N N 314 
THR HG22 H  N N 315 
THR HG23 H  N N 316 
THR HXT  H  N N 317 
TYR N    N  N N 318 
TYR CA   C  N S 319 
TYR C    C  N N 320 
TYR O    O  N N 321 
TYR CB   C  N N 322 
TYR CG   C  Y N 323 
TYR CD1  C  Y N 324 
TYR CD2  C  Y N 325 
TYR CE1  C  Y N 326 
TYR CE2  C  Y N 327 
TYR CZ   C  Y N 328 
TYR OH   O  N N 329 
TYR OXT  O  N N 330 
TYR H    H  N N 331 
TYR H2   H  N N 332 
TYR HA   H  N N 333 
TYR HB2  H  N N 334 
TYR HB3  H  N N 335 
TYR HD1  H  N N 336 
TYR HD2  H  N N 337 
TYR HE1  H  N N 338 
TYR HE2  H  N N 339 
TYR HH   H  N N 340 
TYR HXT  H  N N 341 
VAL N    N  N N 342 
VAL CA   C  N S 343 
VAL C    C  N N 344 
VAL O    O  N N 345 
VAL CB   C  N N 346 
VAL CG1  C  N N 347 
VAL CG2  C  N N 348 
VAL OXT  O  N N 349 
VAL H    H  N N 350 
VAL H2   H  N N 351 
VAL HA   H  N N 352 
VAL HB   H  N N 353 
VAL HG11 H  N N 354 
VAL HG12 H  N N 355 
VAL HG13 H  N N 356 
VAL HG21 H  N N 357 
VAL HG22 H  N N 358 
VAL HG23 H  N N 359 
VAL HXT  H  N N 360 
# 
loop_
_chem_comp_bond.comp_id 
_chem_comp_bond.atom_id_1 
_chem_comp_bond.atom_id_2 
_chem_comp_bond.value_order 
_chem_comp_bond.pdbx_aromatic_flag 
_chem_comp_bond.pdbx_stereo_config 
_chem_comp_bond.pdbx_ordinal 
ALA N   CA   sing N N 1   
ALA N   H    sing N N 2   
ALA N   H2   sing N N 3   
ALA CA  C    sing N N 4   
ALA CA  CB   sing N N 5   
ALA CA  HA   sing N N 6   
ALA C   O    doub N N 7   
ALA C   OXT  sing N N 8   
ALA CB  HB1  sing N N 9   
ALA CB  HB2  sing N N 10  
ALA CB  HB3  sing N N 11  
ALA OXT HXT  sing N N 12  
ARG N   CA   sing N N 13  
ARG N   H    sing N N 14  
ARG N   H2   sing N N 15  
ARG CA  C    sing N N 16  
ARG CA  CB   sing N N 17  
ARG CA  HA   sing N N 18  
ARG C   O    doub N N 19  
ARG C   OXT  sing N N 20  
ARG CB  CG   sing N N 21  
ARG CB  HB2  sing N N 22  
ARG CB  HB3  sing N N 23  
ARG CG  CD   sing N N 24  
ARG CG  HG2  sing N N 25  
ARG CG  HG3  sing N N 26  
ARG CD  NE   sing N N 27  
ARG CD  HD2  sing N N 28  
ARG CD  HD3  sing N N 29  
ARG NE  CZ   sing N N 30  
ARG NE  HE   sing N N 31  
ARG CZ  NH1  sing N N 32  
ARG CZ  NH2  doub N N 33  
ARG NH1 HH11 sing N N 34  
ARG NH1 HH12 sing N N 35  
ARG NH2 HH21 sing N N 36  
ARG NH2 HH22 sing N N 37  
ARG OXT HXT  sing N N 38  
ASN N   CA   sing N N 39  
ASN N   H    sing N N 40  
ASN N   H2   sing N N 41  
ASN CA  C    sing N N 42  
ASN CA  CB   sing N N 43  
ASN CA  HA   sing N N 44  
ASN C   O    doub N N 45  
ASN C   OXT  sing N N 46  
ASN CB  CG   sing N N 47  
ASN CB  HB2  sing N N 48  
ASN CB  HB3  sing N N 49  
ASN CG  OD1  doub N N 50  
ASN CG  ND2  sing N N 51  
ASN ND2 HD21 sing N N 52  
ASN ND2 HD22 sing N N 53  
ASN OXT HXT  sing N N 54  
ASP N   CA   sing N N 55  
ASP N   H    sing N N 56  
ASP N   H2   sing N N 57  
ASP CA  C    sing N N 58  
ASP CA  CB   sing N N 59  
ASP CA  HA   sing N N 60  
ASP C   O    doub N N 61  
ASP C   OXT  sing N N 62  
ASP CB  CG   sing N N 63  
ASP CB  HB2  sing N N 64  
ASP CB  HB3  sing N N 65  
ASP CG  OD1  doub N N 66  
ASP CG  OD2  sing N N 67  
ASP OD2 HD2  sing N N 68  
ASP OXT HXT  sing N N 69  
CYS N   CA   sing N N 70  
CYS N   H    sing N N 71  
CYS N   H2   sing N N 72  
CYS CA  C    sing N N 73  
CYS CA  CB   sing N N 74  
CYS CA  HA   sing N N 75  
CYS C   O    doub N N 76  
CYS C   OXT  sing N N 77  
CYS CB  SG   sing N N 78  
CYS CB  HB2  sing N N 79  
CYS CB  HB3  sing N N 80  
CYS SG  HG   sing N N 81  
CYS OXT HXT  sing N N 82  
GLN N   CA   sing N N 83  
GLN N   H    sing N N 84  
GLN N   H2   sing N N 85  
GLN CA  C    sing N N 86  
GLN CA  CB   sing N N 87  
GLN CA  HA   sing N N 88  
GLN C   O    doub N N 89  
GLN C   OXT  sing N N 90  
GLN CB  CG   sing N N 91  
GLN CB  HB2  sing N N 92  
GLN CB  HB3  sing N N 93  
GLN CG  CD   sing N N 94  
GLN CG  HG2  sing N N 95  
GLN CG  HG3  sing N N 96  
GLN CD  OE1  doub N N 97  
GLN CD  NE2  sing N N 98  
GLN NE2 HE21 sing N N 99  
GLN NE2 HE22 sing N N 100 
GLN OXT HXT  sing N N 101 
GLU N   CA   sing N N 102 
GLU N   H    sing N N 103 
GLU N   H2   sing N N 104 
GLU CA  C    sing N N 105 
GLU CA  CB   sing N N 106 
GLU CA  HA   sing N N 107 
GLU C   O    doub N N 108 
GLU C   OXT  sing N N 109 
GLU CB  CG   sing N N 110 
GLU CB  HB2  sing N N 111 
GLU CB  HB3  sing N N 112 
GLU CG  CD   sing N N 113 
GLU CG  HG2  sing N N 114 
GLU CG  HG3  sing N N 115 
GLU CD  OE1  doub N N 116 
GLU CD  OE2  sing N N 117 
GLU OE2 HE2  sing N N 118 
GLU OXT HXT  sing N N 119 
GLY N   CA   sing N N 120 
GLY N   H    sing N N 121 
GLY N   H2   sing N N 122 
GLY CA  C    sing N N 123 
GLY CA  HA2  sing N N 124 
GLY CA  HA3  sing N N 125 
GLY C   O    doub N N 126 
GLY C   OXT  sing N N 127 
GLY OXT HXT  sing N N 128 
HIS N   CA   sing N N 129 
HIS N   H    sing N N 130 
HIS N   H2   sing N N 131 
HIS CA  C    sing N N 132 
HIS CA  CB   sing N N 133 
HIS CA  HA   sing N N 134 
HIS C   O    doub N N 135 
HIS C   OXT  sing N N 136 
HIS CB  CG   sing N N 137 
HIS CB  HB2  sing N N 138 
HIS CB  HB3  sing N N 139 
HIS CG  ND1  sing Y N 140 
HIS CG  CD2  doub Y N 141 
HIS ND1 CE1  doub Y N 142 
HIS ND1 HD1  sing N N 143 
HIS CD2 NE2  sing Y N 144 
HIS CD2 HD2  sing N N 145 
HIS CE1 NE2  sing Y N 146 
HIS CE1 HE1  sing N N 147 
HIS NE2 HE2  sing N N 148 
HIS OXT HXT  sing N N 149 
ILE N   CA   sing N N 150 
ILE N   H    sing N N 151 
ILE N   H2   sing N N 152 
ILE CA  C    sing N N 153 
ILE CA  CB   sing N N 154 
ILE CA  HA   sing N N 155 
ILE C   O    doub N N 156 
ILE C   OXT  sing N N 157 
ILE CB  CG1  sing N N 158 
ILE CB  CG2  sing N N 159 
ILE CB  HB   sing N N 160 
ILE CG1 CD1  sing N N 161 
ILE CG1 HG12 sing N N 162 
ILE CG1 HG13 sing N N 163 
ILE CG2 HG21 sing N N 164 
ILE CG2 HG22 sing N N 165 
ILE CG2 HG23 sing N N 166 
ILE CD1 HD11 sing N N 167 
ILE CD1 HD12 sing N N 168 
ILE CD1 HD13 sing N N 169 
ILE OXT HXT  sing N N 170 
LEU N   CA   sing N N 171 
LEU N   H    sing N N 172 
LEU N   H2   sing N N 173 
LEU CA  C    sing N N 174 
LEU CA  CB   sing N N 175 
LEU CA  HA   sing N N 176 
LEU C   O    doub N N 177 
LEU C   OXT  sing N N 178 
LEU CB  CG   sing N N 179 
LEU CB  HB2  sing N N 180 
LEU CB  HB3  sing N N 181 
LEU CG  CD1  sing N N 182 
LEU CG  CD2  sing N N 183 
LEU CG  HG   sing N N 184 
LEU CD1 HD11 sing N N 185 
LEU CD1 HD12 sing N N 186 
LEU CD1 HD13 sing N N 187 
LEU CD2 HD21 sing N N 188 
LEU CD2 HD22 sing N N 189 
LEU CD2 HD23 sing N N 190 
LEU OXT HXT  sing N N 191 
LYS N   CA   sing N N 192 
LYS N   H    sing N N 193 
LYS N   H2   sing N N 194 
LYS CA  C    sing N N 195 
LYS CA  CB   sing N N 196 
LYS CA  HA   sing N N 197 
LYS C   O    doub N N 198 
LYS C   OXT  sing N N 199 
LYS CB  CG   sing N N 200 
LYS CB  HB2  sing N N 201 
LYS CB  HB3  sing N N 202 
LYS CG  CD   sing N N 203 
LYS CG  HG2  sing N N 204 
LYS CG  HG3  sing N N 205 
LYS CD  CE   sing N N 206 
LYS CD  HD2  sing N N 207 
LYS CD  HD3  sing N N 208 
LYS CE  NZ   sing N N 209 
LYS CE  HE2  sing N N 210 
LYS CE  HE3  sing N N 211 
LYS NZ  HZ1  sing N N 212 
LYS NZ  HZ2  sing N N 213 
LYS NZ  HZ3  sing N N 214 
LYS OXT HXT  sing N N 215 
MSE N   CA   sing N N 216 
MSE N   H    sing N N 217 
MSE N   H2   sing N N 218 
MSE CA  C    sing N N 219 
MSE CA  CB   sing N N 220 
MSE CA  HA   sing N N 221 
MSE C   O    doub N N 222 
MSE C   OXT  sing N N 223 
MSE OXT HXT  sing N N 224 
MSE CB  CG   sing N N 225 
MSE CB  HB2  sing N N 226 
MSE CB  HB3  sing N N 227 
MSE CG  SE   sing N N 228 
MSE CG  HG2  sing N N 229 
MSE CG  HG3  sing N N 230 
MSE SE  CE   sing N N 231 
MSE CE  HE1  sing N N 232 
MSE CE  HE2  sing N N 233 
MSE CE  HE3  sing N N 234 
PHE N   CA   sing N N 235 
PHE N   H    sing N N 236 
PHE N   H2   sing N N 237 
PHE CA  C    sing N N 238 
PHE CA  CB   sing N N 239 
PHE CA  HA   sing N N 240 
PHE C   O    doub N N 241 
PHE C   OXT  sing N N 242 
PHE CB  CG   sing N N 243 
PHE CB  HB2  sing N N 244 
PHE CB  HB3  sing N N 245 
PHE CG  CD1  doub Y N 246 
PHE CG  CD2  sing Y N 247 
PHE CD1 CE1  sing Y N 248 
PHE CD1 HD1  sing N N 249 
PHE CD2 CE2  doub Y N 250 
PHE CD2 HD2  sing N N 251 
PHE CE1 CZ   doub Y N 252 
PHE CE1 HE1  sing N N 253 
PHE CE2 CZ   sing Y N 254 
PHE CE2 HE2  sing N N 255 
PHE CZ  HZ   sing N N 256 
PHE OXT HXT  sing N N 257 
PRO N   CA   sing N N 258 
PRO N   CD   sing N N 259 
PRO N   H    sing N N 260 
PRO CA  C    sing N N 261 
PRO CA  CB   sing N N 262 
PRO CA  HA   sing N N 263 
PRO C   O    doub N N 264 
PRO C   OXT  sing N N 265 
PRO CB  CG   sing N N 266 
PRO CB  HB2  sing N N 267 
PRO CB  HB3  sing N N 268 
PRO CG  CD   sing N N 269 
PRO CG  HG2  sing N N 270 
PRO CG  HG3  sing N N 271 
PRO CD  HD2  sing N N 272 
PRO CD  HD3  sing N N 273 
PRO OXT HXT  sing N N 274 
SER N   CA   sing N N 275 
SER N   H    sing N N 276 
SER N   H2   sing N N 277 
SER CA  C    sing N N 278 
SER CA  CB   sing N N 279 
SER CA  HA   sing N N 280 
SER C   O    doub N N 281 
SER C   OXT  sing N N 282 
SER CB  OG   sing N N 283 
SER CB  HB2  sing N N 284 
SER CB  HB3  sing N N 285 
SER OG  HG   sing N N 286 
SER OXT HXT  sing N N 287 
THR N   CA   sing N N 288 
THR N   H    sing N N 289 
THR N   H2   sing N N 290 
THR CA  C    sing N N 291 
THR CA  CB   sing N N 292 
THR CA  HA   sing N N 293 
THR C   O    doub N N 294 
THR C   OXT  sing N N 295 
THR CB  OG1  sing N N 296 
THR CB  CG2  sing N N 297 
THR CB  HB   sing N N 298 
THR OG1 HG1  sing N N 299 
THR CG2 HG21 sing N N 300 
THR CG2 HG22 sing N N 301 
THR CG2 HG23 sing N N 302 
THR OXT HXT  sing N N 303 
TYR N   CA   sing N N 304 
TYR N   H    sing N N 305 
TYR N   H2   sing N N 306 
TYR CA  C    sing N N 307 
TYR CA  CB   sing N N 308 
TYR CA  HA   sing N N 309 
TYR C   O    doub N N 310 
TYR C   OXT  sing N N 311 
TYR CB  CG   sing N N 312 
TYR CB  HB2  sing N N 313 
TYR CB  HB3  sing N N 314 
TYR CG  CD1  doub Y N 315 
TYR CG  CD2  sing Y N 316 
TYR CD1 CE1  sing Y N 317 
TYR CD1 HD1  sing N N 318 
TYR CD2 CE2  doub Y N 319 
TYR CD2 HD2  sing N N 320 
TYR CE1 CZ   doub Y N 321 
TYR CE1 HE1  sing N N 322 
TYR CE2 CZ   sing Y N 323 
TYR CE2 HE2  sing N N 324 
TYR CZ  OH   sing N N 325 
TYR OH  HH   sing N N 326 
TYR OXT HXT  sing N N 327 
VAL N   CA   sing N N 328 
VAL N   H    sing N N 329 
VAL N   H2   sing N N 330 
VAL CA  C    sing N N 331 
VAL CA  CB   sing N N 332 
VAL CA  HA   sing N N 333 
VAL C   O    doub N N 334 
VAL C   OXT  sing N N 335 
VAL CB  CG1  sing N N 336 
VAL CB  CG2  sing N N 337 
VAL CB  HB   sing N N 338 
VAL CG1 HG11 sing N N 339 
VAL CG1 HG12 sing N N 340 
VAL CG1 HG13 sing N N 341 
VAL CG2 HG21 sing N N 342 
VAL CG2 HG22 sing N N 343 
VAL CG2 HG23 sing N N 344 
VAL OXT HXT  sing N N 345 
# 
_pdbx_reflns_twin.domain_id    1 
_pdbx_reflns_twin.crystal_id   1 
_pdbx_reflns_twin.diffrn_id    1 
_pdbx_reflns_twin.type         ? 
_pdbx_reflns_twin.operator     -h,-k,l 
_pdbx_reflns_twin.fraction     0.321 
# 
_atom_sites.entry_id                    3L8N 
_atom_sites.fract_transf_matrix[1][1]   0.00560769 
_atom_sites.fract_transf_matrix[1][2]   0.00165529 
_atom_sites.fract_transf_matrix[1][3]   -0.02059794 
_atom_sites.fract_transf_matrix[2][1]   -0.01018453 
_atom_sites.fract_transf_matrix[2][2]   0.01382439 
_atom_sites.fract_transf_matrix[2][3]   -0.01279033 
_atom_sites.fract_transf_matrix[3][1]   0.00876872 
_atom_sites.fract_transf_matrix[3][2]   0.00936495 
_atom_sites.fract_transf_matrix[3][3]   0.00313983 
_atom_sites.fract_transf_vector[1]      0.371233 
_atom_sites.fract_transf_vector[2]      0.190538 
_atom_sites.fract_transf_vector[3]      0.020153 
# 
loop_
_atom_type.symbol 
C  
N  
O  
S  
SE 
# 
loop_
_atom_site.group_PDB 
_atom_site.id 
_atom_site.type_symbol 
_atom_site.label_atom_id 
_atom_site.label_alt_id 
_atom_site.label_comp_id 
_atom_site.label_asym_id 
_atom_site.label_entity_id 
_atom_site.label_seq_id 
_atom_site.pdbx_PDB_ins_code 
_atom_site.Cartn_x 
_atom_site.Cartn_y 
_atom_site.Cartn_z 
_atom_site.occupancy 
_atom_site.B_iso_or_equiv 
_atom_site.pdbx_formal_charge 
_atom_site.auth_seq_id 
_atom_site.auth_comp_id 
_atom_site.auth_asym_id 
_atom_site.auth_atom_id 
_atom_site.pdbx_PDB_model_num 
ATOM   1    N  N   . ILE A 1 6   ? -4.402  32.318  -22.935 1.00 74.01  ? 6   ILE A N   1 
ATOM   2    C  CA  . ILE A 1 6   ? -3.236  33.038  -22.437 1.00 74.23  ? 6   ILE A CA  1 
ATOM   3    C  C   . ILE A 1 6   ? -2.202  32.080  -21.855 1.00 75.47  ? 6   ILE A C   1 
ATOM   4    O  O   . ILE A 1 6   ? -2.246  30.876  -22.109 1.00 74.32  ? 6   ILE A O   1 
ATOM   5    C  CB  . ILE A 1 6   ? -3.653  34.067  -21.397 1.00 75.20  ? 6   ILE A CB  1 
ATOM   6    N  N   . LYS A 1 7   ? -1.272  32.622  -21.076 1.00 78.16  ? 7   LYS A N   1 
ATOM   7    C  CA  . LYS A 1 7   ? -0.226  31.817  -20.457 1.00 79.87  ? 7   LYS A CA  1 
ATOM   8    C  C   . LYS A 1 7   ? -0.687  31.245  -19.121 1.00 78.36  ? 7   LYS A C   1 
ATOM   9    O  O   . LYS A 1 7   ? -0.231  30.182  -18.699 1.00 77.35  ? 7   LYS A O   1 
ATOM   10   C  CB  . LYS A 1 7   ? 1.040   32.641  -20.275 1.00 79.52  ? 7   LYS A CB  1 
ATOM   11   N  N   . GLN A 1 8   ? -1.594  31.956  -18.460 1.00 79.53  ? 8   GLN A N   1 
ATOM   12   C  CA  . GLN A 1 8   ? -2.119  31.522  -17.171 1.00 78.28  ? 8   GLN A CA  1 
ATOM   13   C  C   . GLN A 1 8   ? -2.755  30.139  -17.274 1.00 78.51  ? 8   GLN A C   1 
ATOM   14   O  O   . GLN A 1 8   ? -2.571  29.432  -18.264 1.00 77.85  ? 8   GLN A O   1 
ATOM   15   C  CB  . GLN A 1 8   ? -3.138  32.531  -16.638 1.00 75.46  ? 8   GLN A CB  1 
ATOM   16   C  CG  . GLN A 1 8   ? -4.189  32.947  -17.655 1.00 70.66  ? 8   GLN A CG  1 
ATOM   17   C  CD  . GLN A 1 8   ? -5.575  32.446  -17.298 1.00 67.87  ? 8   GLN A CD  1 
ATOM   18   O  OE1 . GLN A 1 8   ? -5.981  31.360  -17.712 1.00 65.48  ? 8   GLN A OE1 1 
ATOM   19   N  NE2 . GLN A 1 8   ? -6.309  33.238  -16.524 1.00 67.34  ? 8   GLN A NE2 1 
ATOM   20   N  N   . GLN A 1 9   ? -3.502  29.759  -16.242 1.00 79.18  ? 9   GLN A N   1 
ATOM   21   C  CA  . GLN A 1 9   ? -4.158  28.475  -16.214 1.00 79.87  ? 9   GLN A CA  1 
ATOM   22   C  C   . GLN A 1 9   ? -5.300  28.664  -15.226 1.00 78.20  ? 9   GLN A C   1 
ATOM   23   O  O   . GLN A 1 9   ? -5.116  28.623  -14.009 1.00 79.62  ? 9   GLN A O   1 
ATOM   24   C  CB  . GLN A 1 9   ? -3.188  27.392  -15.745 1.00 78.60  ? 9   GLN A CB  1 
ATOM   25   N  N   . LYS A 1 10  ? -6.477  28.938  -15.772 1.00 79.81  ? 10  LYS A N   1 
ATOM   26   C  CA  . LYS A 1 10  ? -7.649  29.127  -14.942 1.00 79.40  ? 10  LYS A CA  1 
ATOM   27   C  C   . LYS A 1 10  ? -8.385  27.815  -14.827 1.00 75.48  ? 10  LYS A C   1 
ATOM   28   O  O   . LYS A 1 10  ? -9.587  27.778  -14.592 1.00 77.41  ? 10  LYS A O   1 
ATOM   29   N  N   . GLU A 1 11  ? -7.632  26.735  -15.009 1.00 75.31  ? 11  GLU A N   1 
ATOM   30   C  CA  . GLU A 1 11  ? -8.122  25.357  -14.942 1.00 78.58  ? 11  GLU A CA  1 
ATOM   31   C  C   . GLU A 1 11  ? -8.584  24.931  -13.539 1.00 82.45  ? 11  GLU A C   1 
ATOM   32   O  O   . GLU A 1 11  ? -7.897  25.208  -12.544 1.00 82.69  ? 11  GLU A O   1 
ATOM   33   C  CB  . GLU A 1 11  ? -7.018  24.416  -15.440 1.00 82.11  ? 11  GLU A CB  1 
ATOM   34   N  N   . ILE A 1 12  ? -9.733  24.242  -13.468 1.00 82.82  ? 12  ILE A N   1 
ATOM   35   C  CA  . ILE A 1 12  ? -10.288 23.793  -12.181 1.00 82.78  ? 12  ILE A CA  1 
ATOM   36   C  C   . ILE A 1 12  ? -9.256  22.963  -11.422 1.00 82.02  ? 12  ILE A C   1 
ATOM   37   O  O   . ILE A 1 12  ? -8.426  23.508  -10.663 1.00 82.80  ? 12  ILE A O   1 
ATOM   38   C  CB  . ILE A 1 12  ? -11.567 22.913  -12.344 1.00 80.13  ? 12  ILE A CB  1 
ATOM   39   C  CG1 . ILE A 1 12  ? -12.076 22.927  -13.797 1.00 79.85  ? 12  ILE A CG1 1 
ATOM   40   C  CG2 . ILE A 1 12  ? -12.634 23.408  -11.382 1.00 81.38  ? 12  ILE A CG2 1 
ATOM   41   C  CD1 . ILE A 1 12  ? -11.559 21.781  -14.643 1.00 77.14  ? 12  ILE A CD1 1 
ATOM   42   N  N   . ILE A 1 13  ? -9.330  21.645  -11.655 1.00 80.05  ? 13  ILE A N   1 
ATOM   43   C  CA  . ILE A 1 13  ? -8.444  20.627  -11.080 1.00 79.17  ? 13  ILE A CA  1 
ATOM   44   C  C   . ILE A 1 13  ? -8.271  20.683  -9.571  1.00 77.18  ? 13  ILE A C   1 
ATOM   45   O  O   . ILE A 1 13  ? -7.296  20.169  -9.038  1.00 77.22  ? 13  ILE A O   1 
ATOM   46   C  CB  . ILE A 1 13  ? -7.075  20.680  -11.764 1.00 78.48  ? 13  ILE A CB  1 
ATOM   47   N  N   . GLU A 1 14  ? -9.216  21.300  -8.880  1.00 75.62  ? 14  GLU A N   1 
ATOM   48   C  CA  . GLU A 1 14  ? -9.131  21.397  -7.433  1.00 75.49  ? 14  GLU A CA  1 
ATOM   49   C  C   . GLU A 1 14  ? -10.506 21.203  -6.896  1.00 75.50  ? 14  GLU A C   1 
ATOM   50   O  O   . GLU A 1 14  ? -10.720 20.857  -5.735  1.00 75.61  ? 14  GLU A O   1 
ATOM   51   C  CB  . GLU A 1 14  ? -8.648  22.749  -7.016  1.00 74.72  ? 14  GLU A CB  1 
ATOM   52   C  CG  . GLU A 1 14  ? -8.429  22.818  -5.552  1.00 74.02  ? 14  GLU A CG  1 
ATOM   53   C  CD  . GLU A 1 14  ? -7.948  24.168  -5.149  1.00 74.52  ? 14  GLU A CD  1 
ATOM   54   O  OE1 . GLU A 1 14  ? -6.989  24.241  -4.352  1.00 75.47  ? 14  GLU A OE1 1 
ATOM   55   O  OE2 . GLU A 1 14  ? -8.544  25.156  -5.633  1.00 74.14  ? 14  GLU A OE2 1 
ATOM   56   N  N   . HIS A 1 15  ? -11.444 21.495  -7.775  1.00 76.80  ? 15  HIS A N   1 
ATOM   57   C  CA  . HIS A 1 15  ? -12.836 21.291  -7.497  1.00 76.97  ? 15  HIS A CA  1 
ATOM   58   C  C   . HIS A 1 15  ? -13.013 19.792  -7.619  1.00 77.70  ? 15  HIS A C   1 
ATOM   59   O  O   . HIS A 1 15  ? -13.829 19.192  -6.939  1.00 78.14  ? 15  HIS A O   1 
ATOM   60   C  CB  . HIS A 1 15  ? -13.684 21.984  -8.547  1.00 76.80  ? 15  HIS A CB  1 
ATOM   61   C  CG  . HIS A 1 15  ? -15.147 21.804  -8.319  1.00 76.12  ? 15  HIS A CG  1 
ATOM   62   N  ND1 . HIS A 1 15  ? -15.782 22.356  -7.242  1.00 76.04  ? 15  HIS A ND1 1 
ATOM   63   C  CD2 . HIS A 1 15  ? -16.074 21.056  -8.980  1.00 75.39  ? 15  HIS A CD2 1 
ATOM   64   C  CE1 . HIS A 1 15  ? -17.052 21.961  -7.233  1.00 75.98  ? 15  HIS A CE1 1 
ATOM   65   N  NE2 . HIS A 1 15  ? -17.244 21.178  -8.272  1.00 74.85  ? 15  HIS A NE2 1 
ATOM   66   N  N   . GLY A 1 16  ? -12.230 19.200  -8.510  1.00 77.91  ? 16  GLY A N   1 
ATOM   67   C  CA  . GLY A 1 16  ? -12.260 17.762  -8.695  1.00 79.24  ? 16  GLY A CA  1 
ATOM   68   C  C   . GLY A 1 16  ? -11.675 17.104  -7.464  1.00 78.02  ? 16  GLY A C   1 
ATOM   69   O  O   . GLY A 1 16  ? -12.030 15.999  -7.068  1.00 78.92  ? 16  GLY A O   1 
ATOM   70   N  N   . ILE A 1 17  ? -10.766 17.834  -6.841  1.00 77.65  ? 17  ILE A N   1 
ATOM   71   C  CA  . ILE A 1 17  ? -10.114 17.365  -5.640  1.00 76.77  ? 17  ILE A CA  1 
ATOM   72   C  C   . ILE A 1 17  ? -11.102 17.432  -4.488  1.00 76.03  ? 17  ILE A C   1 
ATOM   73   O  O   . ILE A 1 17  ? -11.190 16.504  -3.686  1.00 75.79  ? 17  ILE A O   1 
ATOM   74   C  CB  . ILE A 1 17  ? -8.883  18.208  -5.335  1.00 75.55  ? 17  ILE A CB  1 
ATOM   75   C  CG1 . ILE A 1 17  ? -8.025  18.266  -6.587  1.00 76.26  ? 17  ILE A CG1 1 
ATOM   76   C  CG2 . ILE A 1 17  ? -8.084  17.582  -4.220  1.00 74.07  ? 17  ILE A CG2 1 
ATOM   77   C  CD1 . ILE A 1 17  ? -7.551  16.896  -7.037  1.00 78.30  ? 17  ILE A CD1 1 
ATOM   78   N  N   . GLU A 1 18  ? -11.846 18.526  -4.390  1.00 76.50  ? 18  GLU A N   1 
ATOM   79   C  CA  . GLU A 1 18  ? -12.809 18.629  -3.316  1.00 75.33  ? 18  GLU A CA  1 
ATOM   80   C  C   . GLU A 1 18  ? -13.875 17.545  -3.497  1.00 76.07  ? 18  GLU A C   1 
ATOM   81   O  O   . GLU A 1 18  ? -14.420 17.044  -2.508  1.00 76.42  ? 18  GLU A O   1 
ATOM   82   C  CB  . GLU A 1 18  ? -13.440 20.001  -3.315  1.00 74.35  ? 18  GLU A CB  1 
ATOM   83   N  N   . LEU A 1 19  ? -14.159 17.200  -4.757  1.00 77.09  ? 19  LEU A N   1 
ATOM   84   C  CA  . LEU A 1 19  ? -15.160 16.191  -5.121  1.00 78.82  ? 19  LEU A CA  1 
ATOM   85   C  C   . LEU A 1 19  ? -14.734 14.757  -4.909  1.00 78.02  ? 19  LEU A C   1 
ATOM   86   O  O   . LEU A 1 19  ? -15.555 13.877  -4.615  1.00 77.52  ? 19  LEU A O   1 
ATOM   87   C  CB  . LEU A 1 19  ? -15.527 16.330  -6.578  1.00 82.18  ? 19  LEU A CB  1 
ATOM   88   C  CG  . LEU A 1 19  ? -16.568 17.399  -6.839  1.00 85.63  ? 19  LEU A CG  1 
ATOM   89   C  CD1 . LEU A 1 19  ? -16.678 17.608  -8.331  1.00 87.05  ? 19  LEU A CD1 1 
ATOM   90   C  CD2 . LEU A 1 19  ? -17.917 16.975  -6.231  1.00 88.95  ? 19  LEU A CD2 1 
ATOM   91   N  N   . PHE A 1 20  ? -13.445 14.527  -5.109  1.00 76.86  ? 20  PHE A N   1 
ATOM   92   C  CA  . PHE A 1 20  ? -12.865 13.213  -4.961  1.00 76.29  ? 20  PHE A CA  1 
ATOM   93   C  C   . PHE A 1 20  ? -12.855 12.844  -3.488  1.00 75.92  ? 20  PHE A C   1 
ATOM   94   O  O   . PHE A 1 20  ? -13.034 11.681  -3.112  1.00 75.15  ? 20  PHE A O   1 
ATOM   95   C  CB  . PHE A 1 20  ? -11.444 13.237  -5.502  1.00 75.74  ? 20  PHE A CB  1 
ATOM   96   C  CG  . PHE A 1 20  ? -10.834 11.876  -5.659  1.00 75.17  ? 20  PHE A CG  1 
ATOM   97   C  CD1 . PHE A 1 20  ? -10.965 11.184  -6.856  1.00 75.56  ? 20  PHE A CD1 1 
ATOM   98   C  CD2 . PHE A 1 20  ? -10.140 11.281  -4.605  1.00 74.89  ? 20  PHE A CD2 1 
ATOM   99   C  CE1 . PHE A 1 20  ? -10.413 9.927   -7.005  1.00 75.62  ? 20  PHE A CE1 1 
ATOM   100  C  CE2 . PHE A 1 20  ? -9.583  10.024  -4.742  1.00 74.72  ? 20  PHE A CE2 1 
ATOM   101  C  CZ  . PHE A 1 20  ? -9.717  9.340   -5.941  1.00 74.77  ? 20  PHE A CZ  1 
ATOM   102  N  N   . ASN A 1 21  ? -12.638 13.859  -2.662  1.00 76.73  ? 21  ASN A N   1 
ATOM   103  C  CA  . ASN A 1 21  ? -12.598 13.693  -1.218  1.00 79.64  ? 21  ASN A CA  1 
ATOM   104  C  C   . ASN A 1 21  ? -13.997 13.442  -0.603  1.00 80.90  ? 21  ASN A C   1 
ATOM   105  O  O   . ASN A 1 21  ? -14.121 13.098  0.580   1.00 81.91  ? 21  ASN A O   1 
ATOM   106  C  CB  . ASN A 1 21  ? -11.912 14.917  -0.586  1.00 79.75  ? 21  ASN A CB  1 
ATOM   107  C  CG  . ASN A 1 21  ? -10.370 14.795  -0.563  1.00 79.48  ? 21  ASN A CG  1 
ATOM   108  O  OD1 . ASN A 1 21  ? -9.758  14.278  -1.494  1.00 78.57  ? 21  ASN A OD1 1 
ATOM   109  N  ND2 . ASN A 1 21  ? -9.750  15.301  0.494   1.00 79.81  ? 21  ASN A ND2 1 
ATOM   110  N  N   . LYS A 1 22  ? -15.041 13.608  -1.415  1.00 80.72  ? 22  LYS A N   1 
ATOM   111  C  CA  . LYS A 1 22  ? -16.404 13.341  -0.975  1.00 79.30  ? 22  LYS A CA  1 
ATOM   112  C  C   . LYS A 1 22  ? -16.836 12.081  -1.709  1.00 78.41  ? 22  LYS A C   1 
ATOM   113  O  O   . LYS A 1 22  ? -17.399 11.160  -1.129  1.00 78.50  ? 22  LYS A O   1 
ATOM   114  N  N   . LYS A 1 23  ? -16.540 12.032  -3.001  1.00 77.50  ? 23  LYS A N   1 
ATOM   115  C  CA  . LYS A 1 23  ? -16.903 10.877  -3.786  1.00 78.36  ? 23  LYS A CA  1 
ATOM   116  C  C   . LYS A 1 23  ? -15.855 10.558  -4.825  1.00 78.29  ? 23  LYS A C   1 
ATOM   117  O  O   . LYS A 1 23  ? -15.798 11.198  -5.870  1.00 77.59  ? 23  LYS A O   1 
ATOM   118  N  N   . PRO A 1 24  ? -15.007 9.556   -4.566  1.00 78.36  ? 24  PRO A N   1 
ATOM   119  C  CA  . PRO A 1 24  ? -13.958 9.177   -5.513  1.00 78.81  ? 24  PRO A CA  1 
ATOM   120  C  C   . PRO A 1 24  ? -14.437 8.922   -6.944  1.00 80.06  ? 24  PRO A C   1 
ATOM   121  O  O   . PRO A 1 24  ? -13.764 9.310   -7.892  1.00 80.55  ? 24  PRO A O   1 
ATOM   122  C  CB  . PRO A 1 24  ? -13.344 7.938   -4.855  1.00 79.18  ? 24  PRO A CB  1 
ATOM   123  C  CG  . PRO A 1 24  ? -13.464 8.261   -3.377  1.00 78.57  ? 24  PRO A CG  1 
ATOM   124  C  CD  . PRO A 1 24  ? -14.903 8.764   -3.326  1.00 78.60  ? 24  PRO A CD  1 
ATOM   125  N  N   . LYS A 1 25  ? -15.603 8.298   -7.091  1.00 82.29  ? 25  LYS A N   1 
ATOM   126  C  CA  . LYS A 1 25  ? -16.166 7.983   -8.412  1.00 83.88  ? 25  LYS A CA  1 
ATOM   127  C  C   . LYS A 1 25  ? -16.601 9.214   -9.201  1.00 84.29  ? 25  LYS A C   1 
ATOM   128  O  O   . LYS A 1 25  ? -16.540 9.234   -10.436 1.00 84.57  ? 25  LYS A O   1 
ATOM   129  C  CB  . LYS A 1 25  ? -17.369 7.035   -8.279  1.00 83.87  ? 25  LYS A CB  1 
ATOM   130  C  CG  . LYS A 1 25  ? -17.737 6.286   -9.557  1.00 83.79  ? 25  LYS A CG  1 
ATOM   131  C  CD  . LYS A 1 25  ? -18.877 5.298   -9.342  1.00 82.85  ? 25  LYS A CD  1 
ATOM   132  C  CE  . LYS A 1 25  ? -20.248 5.979   -9.397  1.00 81.81  ? 25  LYS A CE  1 
ATOM   133  N  NZ  . LYS A 1 25  ? -21.397 5.020   -9.260  1.00 81.18  ? 25  LYS A NZ  1 
ATOM   134  N  N   . ARG A 1 26  ? -17.053 10.235  -8.484  1.00 81.71  ? 26  ARG A N   1 
ATOM   135  C  CA  . ARG A 1 26  ? -17.501 11.466  -9.122  1.00 80.45  ? 26  ARG A CA  1 
ATOM   136  C  C   . ARG A 1 26  ? -16.311 12.384  -9.380  1.00 79.59  ? 26  ARG A C   1 
ATOM   137  O  O   . ARG A 1 26  ? -16.289 13.137  -10.353 1.00 79.93  ? 26  ARG A O   1 
ATOM   138  C  CB  . ARG A 1 26  ? -18.524 12.174  -8.237  1.00 81.85  ? 26  ARG A CB  1 
ATOM   139  N  N   . GLY A 1 27  ? -15.327 12.317  -8.491  1.00 78.46  ? 27  GLY A N   1 
ATOM   140  C  CA  . GLY A 1 27  ? -14.141 13.145  -8.620  1.00 76.64  ? 27  GLY A CA  1 
ATOM   141  C  C   . GLY A 1 27  ? -13.235 12.794  -9.792  1.00 76.48  ? 27  GLY A C   1 
ATOM   142  O  O   . GLY A 1 27  ? -12.786 13.693  -10.500 1.00 75.16  ? 27  GLY A O   1 
ATOM   143  N  N   . ILE A 1 28  ? -12.974 11.502  -10.007 1.00 77.50  ? 28  ILE A N   1 
ATOM   144  C  CA  . ILE A 1 28  ? -12.099 11.050  -11.090 1.00 78.95  ? 28  ILE A CA  1 
ATOM   145  C  C   . ILE A 1 28  ? -12.803 10.982  -12.448 1.00 80.79  ? 28  ILE A C   1 
ATOM   146  O  O   . ILE A 1 28  ? -12.258 10.464  -13.424 1.00 82.60  ? 28  ILE A O   1 
ATOM   147  C  CB  . ILE A 1 28  ? -11.498 9.697   -10.735 1.00 76.50  ? 28  ILE A CB  1 
ATOM   148  N  N   . GLN A 1 29  ? -14.016 11.519  -12.502 1.00 83.15  ? 29  GLN A N   1 
ATOM   149  C  CA  . GLN A 1 29  ? -14.802 11.540  -13.730 1.00 84.98  ? 29  GLN A CA  1 
ATOM   150  C  C   . GLN A 1 29  ? -15.019 12.991  -14.211 1.00 84.26  ? 29  GLN A C   1 
ATOM   151  O  O   . GLN A 1 29  ? -15.065 13.252  -15.415 1.00 84.08  ? 29  GLN A O   1 
ATOM   152  C  CB  . GLN A 1 29  ? -16.143 10.843  -13.478 1.00 85.75  ? 29  GLN A CB  1 
ATOM   153  C  CG  . GLN A 1 29  ? -17.001 10.655  -14.721 1.00 86.85  ? 29  GLN A CG  1 
ATOM   154  C  CD  . GLN A 1 29  ? -18.394 10.132  -14.421 1.00 87.14  ? 29  GLN A CD  1 
ATOM   155  O  OE1 . GLN A 1 29  ? -19.192 9.920   -15.334 1.00 86.55  ? 29  GLN A OE1 1 
ATOM   156  N  NE2 . GLN A 1 29  ? -18.696 9.926   -13.141 1.00 87.51  ? 29  GLN A NE2 1 
ATOM   157  N  N   . PHE A 1 30  ? -15.151 13.912  -13.251 1.00 81.92  ? 30  PHE A N   1 
ATOM   158  C  CA  . PHE A 1 30  ? -15.330 15.355  -13.484 1.00 80.01  ? 30  PHE A CA  1 
ATOM   159  C  C   . PHE A 1 30  ? -14.089 15.909  -14.157 1.00 78.27  ? 30  PHE A C   1 
ATOM   160  O  O   . PHE A 1 30  ? -14.162 16.741  -15.062 1.00 78.48  ? 30  PHE A O   1 
ATOM   161  C  CB  . PHE A 1 30  ? -15.538 16.067  -12.138 1.00 80.39  ? 30  PHE A CB  1 
ATOM   162  C  CG  . PHE A 1 30  ? -15.426 17.579  -12.197 1.00 80.73  ? 30  PHE A CG  1 
ATOM   163  C  CD1 . PHE A 1 30  ? -16.399 18.334  -12.839 1.00 80.50  ? 30  PHE A CD1 1 
ATOM   164  C  CD2 . PHE A 1 30  ? -14.373 18.245  -11.557 1.00 80.59  ? 30  PHE A CD2 1 
ATOM   165  C  CE1 . PHE A 1 30  ? -16.338 19.727  -12.844 1.00 81.08  ? 30  PHE A CE1 1 
ATOM   166  C  CE2 . PHE A 1 30  ? -14.296 19.640  -11.552 1.00 81.08  ? 30  PHE A CE2 1 
ATOM   167  C  CZ  . PHE A 1 30  ? -15.281 20.384  -12.195 1.00 81.54  ? 30  PHE A CZ  1 
ATOM   168  N  N   . LEU A 1 31  ? -12.943 15.445  -13.682 1.00 77.70  ? 31  LEU A N   1 
ATOM   169  C  CA  . LEU A 1 31  ? -11.656 15.852  -14.220 1.00 76.65  ? 31  LEU A CA  1 
ATOM   170  C  C   . LEU A 1 31  ? -11.530 15.357  -15.639 1.00 76.99  ? 31  LEU A C   1 
ATOM   171  O  O   . LEU A 1 31  ? -10.948 16.020  -16.497 1.00 78.06  ? 31  LEU A O   1 
ATOM   172  C  CB  . LEU A 1 31  ? -10.543 15.251  -13.381 1.00 72.60  ? 31  LEU A CB  1 
ATOM   173  C  CG  . LEU A 1 31  ? -10.549 15.709  -11.929 1.00 68.61  ? 31  LEU A CG  1 
ATOM   174  C  CD1 . LEU A 1 31  ? -9.640  14.838  -11.125 1.00 67.10  ? 31  LEU A CD1 1 
ATOM   175  C  CD2 . LEU A 1 31  ? -10.145 17.159  -11.866 1.00 66.38  ? 31  LEU A CD2 1 
ATOM   176  N  N   . GLN A 1 32  ? -12.090 14.180  -15.881 1.00 78.06  ? 32  GLN A N   1 
ATOM   177  C  CA  . GLN A 1 32  ? -12.052 13.590  -17.206 1.00 78.41  ? 32  GLN A CA  1 
ATOM   178  C  C   . GLN A 1 32  ? -13.123 14.186  -18.081 1.00 80.07  ? 32  GLN A C   1 
ATOM   179  O  O   . GLN A 1 32  ? -13.077 14.039  -19.296 1.00 81.56  ? 32  GLN A O   1 
ATOM   180  C  CB  . GLN A 1 32  ? -12.261 12.097  -17.130 1.00 76.93  ? 32  GLN A CB  1 
ATOM   181  C  CG  . GLN A 1 32  ? -11.134 11.383  -16.482 1.00 74.65  ? 32  GLN A CG  1 
ATOM   182  C  CD  . GLN A 1 32  ? -11.382 9.920   -16.455 1.00 74.32  ? 32  GLN A CD  1 
ATOM   183  O  OE1 . GLN A 1 32  ? -10.617 9.170   -15.868 1.00 75.64  ? 32  GLN A OE1 1 
ATOM   184  N  NE2 . GLN A 1 32  ? -12.464 9.490   -17.096 1.00 73.83  ? 32  GLN A NE2 1 
ATOM   185  N  N   . GLU A 1 33  ? -14.085 14.856  -17.445 1.00 80.40  ? 33  GLU A N   1 
ATOM   186  C  CA  . GLU A 1 33  ? -15.183 15.501  -18.154 1.00 81.48  ? 33  GLU A CA  1 
ATOM   187  C  C   . GLU A 1 33  ? -14.785 16.801  -18.841 1.00 80.67  ? 33  GLU A C   1 
ATOM   188  O  O   . GLU A 1 33  ? -15.148 17.035  -19.999 1.00 80.86  ? 33  GLU A O   1 
ATOM   189  N  N   . GLN A 1 34  ? -14.057 17.649  -18.108 1.00 80.46  ? 34  GLN A N   1 
ATOM   190  C  CA  . GLN A 1 34  ? -13.552 18.933  -18.602 1.00 80.41  ? 34  GLN A CA  1 
ATOM   191  C  C   . GLN A 1 34  ? -12.252 18.722  -19.376 1.00 79.18  ? 34  GLN A C   1 
ATOM   192  O  O   . GLN A 1 34  ? -11.764 19.626  -20.055 1.00 79.28  ? 34  GLN A O   1 
ATOM   193  C  CB  . GLN A 1 34  ? -13.272 19.887  -17.437 1.00 82.44  ? 34  GLN A CB  1 
ATOM   194  C  CG  . GLN A 1 34  ? -14.330 20.948  -17.228 1.00 85.85  ? 34  GLN A CG  1 
ATOM   195  C  CD  . GLN A 1 34  ? -15.691 20.345  -16.963 1.00 87.93  ? 34  GLN A CD  1 
ATOM   196  O  OE1 . GLN A 1 34  ? -15.816 19.423  -16.164 1.00 89.73  ? 34  GLN A OE1 1 
ATOM   197  N  NE2 . GLN A 1 34  ? -16.718 20.866  -17.624 1.00 89.39  ? 34  GLN A NE2 1 
ATOM   198  N  N   . GLY A 1 35  ? -11.685 17.528  -19.246 1.00 77.18  ? 35  GLY A N   1 
ATOM   199  C  CA  . GLY A 1 35  ? -10.461 17.194  -19.948 1.00 75.53  ? 35  GLY A CA  1 
ATOM   200  C  C   . GLY A 1 35  ? -9.177  17.528  -19.225 1.00 75.92  ? 35  GLY A C   1 
ATOM   201  O  O   . GLY A 1 35  ? -8.302  18.155  -19.810 1.00 74.65  ? 35  GLY A O   1 
HETATM 202  N  N   . MSE A 1 36  ? -9.066  17.092  -17.968 1.00 76.99  ? 36  MSE A N   1 
HETATM 203  C  CA  . MSE A 1 36  ? -7.886  17.313  -17.109 1.00 76.74  ? 36  MSE A CA  1 
HETATM 204  C  C   . MSE A 1 36  ? -7.177  15.996  -16.796 1.00 75.89  ? 36  MSE A C   1 
HETATM 205  O  O   . MSE A 1 36  ? -5.951  15.931  -16.660 1.00 74.87  ? 36  MSE A O   1 
HETATM 206  C  CB  . MSE A 1 36  ? -8.307  17.926  -15.776 1.00 78.18  ? 36  MSE A CB  1 
HETATM 207  C  CG  . MSE A 1 36  ? -9.090  19.190  -15.897 1.00 82.48  ? 36  MSE A CG  1 
HETATM 208  SE SE  . MSE A 1 36  ? -8.259  20.390  -17.146 1.00 84.31  ? 36  MSE A SE  1 
HETATM 209  C  CE  . MSE A 1 36  ? -6.750  20.821  -16.015 1.00 86.44  ? 36  MSE A CE  1 
ATOM   210  N  N   . LEU A 1 37  ? -7.985  14.954  -16.667 1.00 76.85  ? 37  LEU A N   1 
ATOM   211  C  CA  . LEU A 1 37  ? -7.513  13.626  -16.366 1.00 78.76  ? 37  LEU A CA  1 
ATOM   212  C  C   . LEU A 1 37  ? -7.846  12.674  -17.506 1.00 80.09  ? 37  LEU A C   1 
ATOM   213  O  O   . LEU A 1 37  ? -8.976  12.634  -17.994 1.00 79.86  ? 37  LEU A O   1 
ATOM   214  C  CB  . LEU A 1 37  ? -8.164  13.152  -15.077 1.00 76.28  ? 37  LEU A CB  1 
ATOM   215  C  CG  . LEU A 1 37  ? -7.632  11.819  -14.572 1.00 76.05  ? 37  LEU A CG  1 
ATOM   216  C  CD1 . LEU A 1 37  ? -6.147  11.957  -14.256 1.00 74.99  ? 37  LEU A CD1 1 
ATOM   217  C  CD2 . LEU A 1 37  ? -8.407  11.389  -13.355 1.00 76.45  ? 37  LEU A CD2 1 
ATOM   218  N  N   . GLY A 1 38  ? -6.854  11.905  -17.927 1.00 80.51  ? 38  GLY A N   1 
ATOM   219  C  CA  . GLY A 1 38  ? -7.083  10.965  -19.003 1.00 78.27  ? 38  GLY A CA  1 
ATOM   220  C  C   . GLY A 1 38  ? -7.856  9.731   -18.578 1.00 79.03  ? 38  GLY A C   1 
ATOM   221  O  O   . GLY A 1 38  ? -8.060  9.481   -17.385 1.00 78.80  ? 38  GLY A O   1 
ATOM   222  N  N   . THR A 1 39  ? -8.275  8.951   -19.564 1.00 80.87  ? 39  THR A N   1 
ATOM   223  C  CA  . THR A 1 39  ? -9.016  7.729   -19.316 1.00 83.29  ? 39  THR A CA  1 
ATOM   224  C  C   . THR A 1 39  ? -8.089  6.561   -18.896 1.00 82.59  ? 39  THR A C   1 
ATOM   225  O  O   . THR A 1 39  ? -7.258  6.706   -17.988 1.00 82.78  ? 39  THR A O   1 
ATOM   226  C  CB  . THR A 1 39  ? -9.835  7.354   -20.587 1.00 83.54  ? 39  THR A CB  1 
ATOM   227  O  OG1 . THR A 1 39  ? -10.530 6.119   -20.373 1.00 86.09  ? 39  THR A OG1 1 
ATOM   228  C  CG2 . THR A 1 39  ? -8.927  7.252   -21.825 1.00 83.99  ? 39  THR A CG2 1 
ATOM   229  N  N   . SER A 1 40  ? -8.235  5.416   -19.568 1.00 82.28  ? 40  SER A N   1 
ATOM   230  C  CA  . SER A 1 40  ? -7.459  4.200   -19.293 1.00 80.08  ? 40  SER A CA  1 
ATOM   231  C  C   . SER A 1 40  ? -7.236  4.034   -17.811 1.00 78.35  ? 40  SER A C   1 
ATOM   232  O  O   . SER A 1 40  ? -8.066  4.437   -17.003 1.00 78.74  ? 40  SER A O   1 
ATOM   233  C  CB  . SER A 1 40  ? -6.113  4.206   -20.027 1.00 81.43  ? 40  SER A CB  1 
ATOM   234  O  OG  . SER A 1 40  ? -5.277  5.256   -19.582 1.00 83.79  ? 40  SER A OG  1 
ATOM   235  N  N   . VAL A 1 41  ? -6.099  3.458   -17.455 1.00 78.17  ? 41  VAL A N   1 
ATOM   236  C  CA  . VAL A 1 41  ? -5.777  3.213   -16.061 1.00 78.00  ? 41  VAL A CA  1 
ATOM   237  C  C   . VAL A 1 41  ? -4.438  3.807   -15.653 1.00 77.94  ? 41  VAL A C   1 
ATOM   238  O  O   . VAL A 1 41  ? -4.189  4.020   -14.471 1.00 77.43  ? 41  VAL A O   1 
ATOM   239  C  CB  . VAL A 1 41  ? -5.758  1.718   -15.792 1.00 77.29  ? 41  VAL A CB  1 
ATOM   240  C  CG1 . VAL A 1 41  ? -7.187  1.183   -15.750 1.00 76.33  ? 41  VAL A CG1 1 
ATOM   241  C  CG2 . VAL A 1 41  ? -4.971  1.015   -16.911 1.00 78.05  ? 41  VAL A CG2 1 
ATOM   242  N  N   . GLU A 1 42  ? -3.575  4.055   -16.635 1.00 77.77  ? 42  GLU A N   1 
ATOM   243  C  CA  . GLU A 1 42  ? -2.271  4.633   -16.369 1.00 78.43  ? 42  GLU A CA  1 
ATOM   244  C  C   . GLU A 1 42  ? -2.406  6.101   -16.025 1.00 79.71  ? 42  GLU A C   1 
ATOM   245  O  O   . GLU A 1 42  ? -1.508  6.677   -15.418 1.00 79.66  ? 42  GLU A O   1 
ATOM   246  N  N   . ASP A 1 43  ? -3.531  6.701   -16.413 1.00 79.12  ? 43  ASP A N   1 
ATOM   247  C  CA  . ASP A 1 43  ? -3.802  8.114   -16.138 1.00 80.29  ? 43  ASP A CA  1 
ATOM   248  C  C   . ASP A 1 43  ? -4.265  8.329   -14.708 1.00 79.77  ? 43  ASP A C   1 
ATOM   249  O  O   . ASP A 1 43  ? -3.743  9.173   -13.974 1.00 78.96  ? 43  ASP A O   1 
ATOM   250  C  CB  . ASP A 1 43  ? -4.876  8.629   -17.083 1.00 80.44  ? 43  ASP A CB  1 
ATOM   251  C  CG  . ASP A 1 43  ? -4.410  8.641   -18.504 1.00 80.63  ? 43  ASP A CG  1 
ATOM   252  O  OD1 . ASP A 1 43  ? -3.293  9.134   -18.732 1.00 82.01  ? 43  ASP A OD1 1 
ATOM   253  O  OD2 . ASP A 1 43  ? -5.141  8.168   -19.391 1.00 79.58  ? 43  ASP A OD2 1 
ATOM   254  N  N   . ILE A 1 44  ? -5.273  7.548   -14.342 1.00 80.46  ? 44  ILE A N   1 
ATOM   255  C  CA  . ILE A 1 44  ? -5.873  7.566   -13.013 1.00 80.97  ? 44  ILE A CA  1 
ATOM   256  C  C   . ILE A 1 44  ? -4.901  7.050   -11.954 1.00 80.29  ? 44  ILE A C   1 
ATOM   257  O  O   . ILE A 1 44  ? -4.898  7.519   -10.816 1.00 81.77  ? 44  ILE A O   1 
ATOM   258  C  CB  . ILE A 1 44  ? -7.110  6.690   -12.979 1.00 79.71  ? 44  ILE A CB  1 
ATOM   259  C  CG1 . ILE A 1 44  ? -8.066  7.104   -14.088 1.00 79.73  ? 44  ILE A CG1 1 
ATOM   260  C  CG2 . ILE A 1 44  ? -7.775  6.817   -11.645 1.00 79.70  ? 44  ILE A CG2 1 
ATOM   261  C  CD1 . ILE A 1 44  ? -9.241  6.170   -14.185 1.00 79.95  ? 44  ILE A CD1 1 
ATOM   262  N  N   . ALA A 1 45  ? -4.111  6.049   -12.329 1.00 79.48  ? 45  ALA A N   1 
ATOM   263  C  CA  . ALA A 1 45  ? -3.120  5.499   -11.423 1.00 76.57  ? 45  ALA A CA  1 
ATOM   264  C  C   . ALA A 1 45  ? -1.968  6.478   -11.325 1.00 75.22  ? 45  ALA A C   1 
ATOM   265  O  O   . ALA A 1 45  ? -1.259  6.510   -10.327 1.00 74.49  ? 45  ALA A O   1 
ATOM   266  N  N   . GLN A 1 46  ? -1.784  7.285   -12.364 1.00 73.93  ? 46  GLN A N   1 
ATOM   267  C  CA  . GLN A 1 46  ? -0.724  8.277   -12.350 1.00 74.66  ? 46  GLN A CA  1 
ATOM   268  C  C   . GLN A 1 46  ? -1.248  9.566   -11.749 1.00 74.43  ? 46  GLN A C   1 
ATOM   269  O  O   . GLN A 1 46  ? -0.621  10.626  -11.833 1.00 74.88  ? 46  GLN A O   1 
ATOM   270  N  N   . PHE A 1 47  ? -2.410  9.475   -11.123 1.00 74.53  ? 47  PHE A N   1 
ATOM   271  C  CA  . PHE A 1 47  ? -3.014  10.638  -10.498 1.00 74.03  ? 47  PHE A CA  1 
ATOM   272  C  C   . PHE A 1 47  ? -3.091  10.465  -8.982  1.00 73.80  ? 47  PHE A C   1 
ATOM   273  O  O   . PHE A 1 47  ? -2.870  11.405  -8.209  1.00 74.50  ? 47  PHE A O   1 
ATOM   274  C  CB  . PHE A 1 47  ? -4.415  10.854  -11.073 1.00 73.69  ? 47  PHE A CB  1 
ATOM   275  C  CG  . PHE A 1 47  ? -5.201  11.927  -10.378 1.00 72.97  ? 47  PHE A CG  1 
ATOM   276  C  CD1 . PHE A 1 47  ? -4.840  13.259  -10.513 1.00 72.25  ? 47  PHE A CD1 1 
ATOM   277  C  CD2 . PHE A 1 47  ? -6.290  11.606  -9.573  1.00 73.12  ? 47  PHE A CD2 1 
ATOM   278  C  CE1 . PHE A 1 47  ? -5.549  14.254  -9.860  1.00 72.24  ? 47  PHE A CE1 1 
ATOM   279  C  CE2 . PHE A 1 47  ? -7.004  12.594  -8.919  1.00 73.08  ? 47  PHE A CE2 1 
ATOM   280  C  CZ  . PHE A 1 47  ? -6.632  13.922  -9.061  1.00 72.54  ? 47  PHE A CZ  1 
ATOM   281  N  N   . LEU A 1 48  ? -3.430  9.260   -8.557  1.00 71.96  ? 48  LEU A N   1 
ATOM   282  C  CA  . LEU A 1 48  ? -3.524  8.998   -7.139  1.00 71.07  ? 48  LEU A CA  1 
ATOM   283  C  C   . LEU A 1 48  ? -2.146  9.028   -6.566  1.00 71.85  ? 48  LEU A C   1 
ATOM   284  O  O   . LEU A 1 48  ? -1.945  9.419   -5.421  1.00 71.12  ? 48  LEU A O   1 
ATOM   285  C  CB  . LEU A 1 48  ? -4.071  7.620   -6.893  1.00 71.43  ? 48  LEU A CB  1 
ATOM   286  C  CG  . LEU A 1 48  ? -5.266  7.255   -7.739  1.00 70.20  ? 48  LEU A CG  1 
ATOM   287  C  CD1 . LEU A 1 48  ? -5.588  5.808   -7.438  1.00 70.39  ? 48  LEU A CD1 1 
ATOM   288  C  CD2 . LEU A 1 48  ? -6.440  8.183   -7.434  1.00 70.43  ? 48  LEU A CD2 1 
ATOM   289  N  N   . HIS A 1 49  ? -1.200  8.585   -7.384  1.00 73.78  ? 49  HIS A N   1 
ATOM   290  C  CA  . HIS A 1 49  ? 0.188   8.486   -6.981  1.00 77.19  ? 49  HIS A CA  1 
ATOM   291  C  C   . HIS A 1 49  ? 0.934   9.809   -7.147  1.00 78.30  ? 49  HIS A C   1 
ATOM   292  O  O   . HIS A 1 49  ? 1.898   10.097  -6.425  1.00 78.10  ? 49  HIS A O   1 
ATOM   293  C  CB  . HIS A 1 49  ? 0.869   7.394   -7.813  1.00 78.01  ? 49  HIS A CB  1 
ATOM   294  C  CG  . HIS A 1 49  ? 1.919   6.611   -7.075  1.00 79.96  ? 49  HIS A CG  1 
ATOM   295  N  ND1 . HIS A 1 49  ? 1.627   5.835   -5.962  1.00 80.73  ? 49  HIS A ND1 1 
ATOM   296  C  CD2 . HIS A 1 49  ? 3.228   6.433   -7.320  1.00 81.30  ? 49  HIS A CD2 1 
ATOM   297  C  CE1 . HIS A 1 49  ? 2.723   5.219   -5.569  1.00 81.62  ? 49  HIS A CE1 1 
ATOM   298  N  NE2 . HIS A 1 49  ? 3.715   5.557   -6.368  1.00 82.27  ? 49  HIS A NE2 1 
ATOM   299  N  N   . GLN A 1 50  ? 0.488   10.626  -8.093  1.00 78.04  ? 50  GLN A N   1 
ATOM   300  C  CA  . GLN A 1 50  ? 1.182   11.878  -8.335  1.00 78.39  ? 50  GLN A CA  1 
ATOM   301  C  C   . GLN A 1 50  ? 0.686   13.048  -7.509  1.00 79.02  ? 50  GLN A C   1 
ATOM   302  O  O   . GLN A 1 50  ? 1.424   13.611  -6.698  1.00 81.09  ? 50  GLN A O   1 
ATOM   303  C  CB  . GLN A 1 50  ? 1.129   12.229  -9.830  1.00 77.74  ? 50  GLN A CB  1 
ATOM   304  N  N   . GLU A 1 51  ? -0.570  13.406  -7.721  1.00 77.59  ? 51  GLU A N   1 
ATOM   305  C  CA  . GLU A 1 51  ? -1.179  14.544  -7.054  1.00 76.51  ? 51  GLU A CA  1 
ATOM   306  C  C   . GLU A 1 51  ? -1.471  14.329  -5.574  1.00 77.19  ? 51  GLU A C   1 
ATOM   307  O  O   . GLU A 1 51  ? -2.602  14.023  -5.198  1.00 76.89  ? 51  GLU A O   1 
ATOM   308  C  CB  . GLU A 1 51  ? -2.469  14.913  -7.784  1.00 74.43  ? 51  GLU A CB  1 
ATOM   309  C  CG  . GLU A 1 51  ? -2.774  16.382  -7.766  1.00 69.75  ? 51  GLU A CG  1 
ATOM   310  C  CD  . GLU A 1 51  ? -3.127  16.878  -6.390  1.00 67.44  ? 51  GLU A CD  1 
ATOM   311  O  OE1 . GLU A 1 51  ? -2.421  16.557  -5.410  1.00 63.68  ? 51  GLU A OE1 1 
ATOM   312  O  OE2 . GLU A 1 51  ? -4.128  17.602  -6.293  1.00 67.53  ? 51  GLU A OE2 1 
ATOM   313  N  N   . GLU A 1 52  ? -0.471  14.549  -4.724  1.00 78.57  ? 52  GLU A N   1 
ATOM   314  C  CA  . GLU A 1 52  ? -0.679  14.349  -3.297  1.00 80.18  ? 52  GLU A CA  1 
ATOM   315  C  C   . GLU A 1 52  ? -1.223  15.546  -2.478  1.00 78.89  ? 52  GLU A C   1 
ATOM   316  O  O   . GLU A 1 52  ? -0.499  16.218  -1.731  1.00 77.04  ? 52  GLU A O   1 
ATOM   317  C  CB  . GLU A 1 52  ? 0.584   13.730  -2.656  1.00 82.32  ? 52  GLU A CB  1 
ATOM   318  C  CG  . GLU A 1 52  ? 1.891   14.152  -3.297  1.00 88.96  ? 52  GLU A CG  1 
ATOM   319  C  CD  . GLU A 1 52  ? 2.237   15.583  -2.962  1.00 92.56  ? 52  GLU A CD  1 
ATOM   320  O  OE1 . GLU A 1 52  ? 2.321   15.895  -1.754  1.00 95.23  ? 52  GLU A OE1 1 
ATOM   321  O  OE2 . GLU A 1 52  ? 2.428   16.397  -3.894  1.00 95.18  ? 52  GLU A OE2 1 
ATOM   322  N  N   . ARG A 1 53  ? -2.532  15.768  -2.642  1.00 79.28  ? 53  ARG A N   1 
ATOM   323  C  CA  . ARG A 1 53  ? -3.294  16.786  -1.922  1.00 77.39  ? 53  ARG A CA  1 
ATOM   324  C  C   . ARG A 1 53  ? -4.687  16.232  -1.580  1.00 76.94  ? 53  ARG A C   1 
ATOM   325  O  O   . ARG A 1 53  ? -5.511  16.918  -0.966  1.00 77.65  ? 53  ARG A O   1 
ATOM   326  C  CB  . ARG A 1 53  ? -3.448  18.047  -2.750  1.00 79.18  ? 53  ARG A CB  1 
ATOM   327  C  CG  . ARG A 1 53  ? -4.039  19.156  -1.933  1.00 80.50  ? 53  ARG A CG  1 
ATOM   328  C  CD  . ARG A 1 53  ? -3.866  20.486  -2.586  1.00 81.02  ? 53  ARG A CD  1 
ATOM   329  N  NE  . ARG A 1 53  ? -4.640  20.634  -3.818  1.00 80.41  ? 53  ARG A NE  1 
ATOM   330  C  CZ  . ARG A 1 53  ? -4.114  20.704  -5.039  1.00 80.15  ? 53  ARG A CZ  1 
ATOM   331  N  NH1 . ARG A 1 53  ? -2.798  20.627  -5.210  1.00 79.27  ? 53  ARG A NH1 1 
ATOM   332  N  NH2 . ARG A 1 53  ? -4.899  20.898  -6.091  1.00 80.54  ? 53  ARG A NH2 1 
ATOM   333  N  N   . LEU A 1 54  ? -4.906  14.981  -2.002  1.00 76.17  ? 54  LEU A N   1 
ATOM   334  C  CA  . LEU A 1 54  ? -6.133  14.193  -1.806  1.00 75.57  ? 54  LEU A CA  1 
ATOM   335  C  C   . LEU A 1 54  ? -6.140  13.424  -0.480  1.00 76.25  ? 54  LEU A C   1 
ATOM   336  O  O   . LEU A 1 54  ? -5.110  12.901  -0.059  1.00 74.70  ? 54  LEU A O   1 
ATOM   337  C  CB  . LEU A 1 54  ? -6.265  13.159  -2.927  1.00 71.56  ? 54  LEU A CB  1 
ATOM   338  C  CG  . LEU A 1 54  ? -6.499  13.604  -4.365  1.00 69.69  ? 54  LEU A CG  1 
ATOM   339  C  CD1 . LEU A 1 54  ? -6.268  12.456  -5.338  1.00 68.48  ? 54  LEU A CD1 1 
ATOM   340  C  CD2 . LEU A 1 54  ? -7.904  14.120  -4.463  1.00 68.54  ? 54  LEU A CD2 1 
ATOM   341  N  N   . ASP A 1 55  ? -7.303  13.335  0.164   1.00 75.24  ? 55  ASP A N   1 
ATOM   342  C  CA  . ASP A 1 55  ? -7.375  12.599  1.420   1.00 75.15  ? 55  ASP A CA  1 
ATOM   343  C  C   . ASP A 1 55  ? -6.769  11.206  1.202   1.00 75.63  ? 55  ASP A C   1 
ATOM   344  O  O   . ASP A 1 55  ? -7.020  10.549  0.177   1.00 76.14  ? 55  ASP A O   1 
ATOM   345  C  CB  . ASP A 1 55  ? -8.829  12.495  1.945   1.00 75.21  ? 55  ASP A CB  1 
ATOM   346  C  CG  . ASP A 1 55  ? -8.905  12.056  3.430   1.00 74.09  ? 55  ASP A CG  1 
ATOM   347  O  OD1 . ASP A 1 55  ? -9.901  11.417  3.830   1.00 73.70  ? 55  ASP A OD1 1 
ATOM   348  O  OD2 . ASP A 1 55  ? -7.979  12.367  4.210   1.00 73.52  ? 55  ASP A OD2 1 
ATOM   349  N  N   . SER A 1 56  ? -5.931  10.803  2.165   1.00 78.19  ? 56  SER A N   1 
ATOM   350  C  CA  . SER A 1 56  ? -5.221  9.511   2.170   1.00 79.74  ? 56  SER A CA  1 
ATOM   351  C  C   . SER A 1 56  ? -6.152  8.323   2.431   1.00 79.32  ? 56  SER A C   1 
ATOM   352  O  O   . SER A 1 56  ? -5.851  7.185   2.066   1.00 78.86  ? 56  SER A O   1 
ATOM   353  C  CB  . SER A 1 56  ? -4.109  9.522   3.227   1.00 81.13  ? 56  SER A CB  1 
ATOM   354  O  OG  . SER A 1 56  ? -4.625  9.812   4.512   1.00 83.90  ? 56  SER A OG  1 
ATOM   355  N  N   . THR A 1 57  ? -7.280  8.607   3.076   1.00 78.26  ? 57  THR A N   1 
ATOM   356  C  CA  . THR A 1 57  ? -8.286  7.605   3.385   1.00 76.84  ? 57  THR A CA  1 
ATOM   357  C  C   . THR A 1 57  ? -9.112  7.395   2.125   1.00 75.72  ? 57  THR A C   1 
ATOM   358  O  O   . THR A 1 57  ? -9.526  6.284   1.829   1.00 76.61  ? 57  THR A O   1 
ATOM   359  C  CB  . THR A 1 57  ? -9.217  8.083   4.537   1.00 75.61  ? 57  THR A CB  1 
ATOM   360  O  OG1 . THR A 1 57  ? -8.423  8.590   5.614   1.00 75.58  ? 57  THR A OG1 1 
ATOM   361  C  CG2 . THR A 1 57  ? -10.081 6.946   5.046   1.00 74.70  ? 57  THR A CG2 1 
ATOM   362  N  N   . GLN A 1 58  ? -9.338  8.473   1.384   1.00 75.45  ? 58  GLN A N   1 
ATOM   363  C  CA  . GLN A 1 58  ? -10.127 8.413   0.168   1.00 74.74  ? 58  GLN A CA  1 
ATOM   364  C  C   . GLN A 1 58  ? -9.383  7.841   -1.018  1.00 74.84  ? 58  GLN A C   1 
ATOM   365  O  O   . GLN A 1 58  ? -10.008 7.471   -2.017  1.00 75.17  ? 58  GLN A O   1 
ATOM   366  C  CB  . GLN A 1 58  ? -10.633 9.796   -0.192  1.00 74.81  ? 58  GLN A CB  1 
ATOM   367  C  CG  . GLN A 1 58  ? -11.628 10.351  0.791   1.00 74.43  ? 58  GLN A CG  1 
ATOM   368  C  CD  . GLN A 1 58  ? -12.901 9.537   0.825   1.00 75.02  ? 58  GLN A CD  1 
ATOM   369  O  OE1 . GLN A 1 58  ? -13.355 9.023   -0.203  1.00 75.26  ? 58  GLN A OE1 1 
ATOM   370  N  NE2 . GLN A 1 58  ? -13.496 9.425   2.003   1.00 75.85  ? 58  GLN A NE2 1 
ATOM   371  N  N   . VAL A 1 59  ? -8.053  7.803   -0.923  1.00 75.15  ? 59  VAL A N   1 
ATOM   372  C  CA  . VAL A 1 59  ? -7.223  7.239   -1.990  1.00 75.38  ? 59  VAL A CA  1 
ATOM   373  C  C   . VAL A 1 59  ? -6.958  5.791   -1.693  1.00 75.88  ? 59  VAL A C   1 
ATOM   374  O  O   . VAL A 1 59  ? -6.766  4.979   -2.597  1.00 76.07  ? 59  VAL A O   1 
ATOM   375  C  CB  . VAL A 1 59  ? -5.848  7.843   -2.081  1.00 74.52  ? 59  VAL A CB  1 
ATOM   376  C  CG1 . VAL A 1 59  ? -5.054  7.084   -3.128  1.00 73.97  ? 59  VAL A CG1 1 
ATOM   377  C  CG2 . VAL A 1 59  ? -5.940  9.289   -2.405  1.00 75.41  ? 59  VAL A CG2 1 
ATOM   378  N  N   . GLY A 1 60  ? -6.890  5.495   -0.404  1.00 75.35  ? 60  GLY A N   1 
ATOM   379  C  CA  . GLY A 1 60  ? -6.636  4.144   0.031   1.00 73.91  ? 60  GLY A CA  1 
ATOM   380  C  C   . GLY A 1 60  ? -7.876  3.294   -0.102  1.00 73.92  ? 60  GLY A C   1 
ATOM   381  O  O   . GLY A 1 60  ? -7.762  2.075   -0.186  1.00 74.11  ? 60  GLY A O   1 
ATOM   382  N  N   . ASP A 1 61  ? -9.054  3.921   -0.116  1.00 72.91  ? 61  ASP A N   1 
ATOM   383  C  CA  . ASP A 1 61  ? -10.317 3.191   -0.248  1.00 72.39  ? 61  ASP A CA  1 
ATOM   384  C  C   . ASP A 1 61  ? -10.616 2.988   -1.730  1.00 72.01  ? 61  ASP A C   1 
ATOM   385  O  O   . ASP A 1 61  ? -11.325 2.060   -2.117  1.00 71.50  ? 61  ASP A O   1 
ATOM   386  C  CB  . ASP A 1 61  ? -11.471 3.954   0.434   1.00 73.11  ? 61  ASP A CB  1 
ATOM   387  C  CG  . ASP A 1 61  ? -11.618 3.611   1.934   1.00 73.35  ? 61  ASP A CG  1 
ATOM   388  O  OD1 . ASP A 1 61  ? -10.633 3.160   2.557   1.00 75.24  ? 61  ASP A OD1 1 
ATOM   389  O  OD2 . ASP A 1 61  ? -12.716 3.806   2.503   1.00 72.54  ? 61  ASP A OD2 1 
ATOM   390  N  N   . PHE A 1 62  ? -10.072 3.863   -2.562  1.00 73.60  ? 62  PHE A N   1 
ATOM   391  C  CA  . PHE A 1 62  ? -10.276 3.755   -3.995  1.00 75.61  ? 62  PHE A CA  1 
ATOM   392  C  C   . PHE A 1 62  ? -9.633  2.464   -4.508  1.00 76.87  ? 62  PHE A C   1 
ATOM   393  O  O   . PHE A 1 62  ? -10.330 1.512   -4.870  1.00 76.97  ? 62  PHE A O   1 
ATOM   394  C  CB  . PHE A 1 62  ? -9.661  4.965   -4.690  1.00 76.23  ? 62  PHE A CB  1 
ATOM   395  C  CG  . PHE A 1 62  ? -9.889  4.999   -6.166  1.00 77.43  ? 62  PHE A CG  1 
ATOM   396  C  CD1 . PHE A 1 62  ? -11.088 5.475   -6.689  1.00 78.11  ? 62  PHE A CD1 1 
ATOM   397  C  CD2 . PHE A 1 62  ? -8.896  4.564   -7.040  1.00 77.49  ? 62  PHE A CD2 1 
ATOM   398  C  CE1 . PHE A 1 62  ? -11.296 5.521   -8.071  1.00 78.23  ? 62  PHE A CE1 1 
ATOM   399  C  CE2 . PHE A 1 62  ? -9.087  4.602   -8.417  1.00 77.52  ? 62  PHE A CE2 1 
ATOM   400  C  CZ  . PHE A 1 62  ? -10.292 5.084   -8.937  1.00 78.02  ? 62  PHE A CZ  1 
ATOM   401  N  N   . LEU A 1 63  ? -8.303  2.426   -4.513  1.00 75.70  ? 63  LEU A N   1 
ATOM   402  C  CA  . LEU A 1 63  ? -7.586  1.256   -5.008  1.00 75.75  ? 63  LEU A CA  1 
ATOM   403  C  C   . LEU A 1 63  ? -7.890  -0.071  -4.310  1.00 74.91  ? 63  LEU A C   1 
ATOM   404  O  O   . LEU A 1 63  ? -7.492  -1.131  -4.787  1.00 75.28  ? 63  LEU A O   1 
ATOM   405  C  CB  . LEU A 1 63  ? -6.079  1.540   -5.013  1.00 76.48  ? 63  LEU A CB  1 
ATOM   406  C  CG  . LEU A 1 63  ? -5.570  2.332   -3.811  1.00 76.71  ? 63  LEU A CG  1 
ATOM   407  C  CD1 . LEU A 1 63  ? -5.242  1.367   -2.688  1.00 77.96  ? 63  LEU A CD1 1 
ATOM   408  C  CD2 . LEU A 1 63  ? -4.352  3.147   -4.189  1.00 76.01  ? 63  LEU A CD2 1 
ATOM   409  N  N   . GLY A 1 64  ? -8.613  -0.021  -3.200  1.00 74.42  ? 64  GLY A N   1 
ATOM   410  C  CA  . GLY A 1 64  ? -8.964  -1.242  -2.498  1.00 73.81  ? 64  GLY A CA  1 
ATOM   411  C  C   . GLY A 1 64  ? -10.453 -1.456  -2.624  1.00 73.15  ? 64  GLY A C   1 
ATOM   412  O  O   . GLY A 1 64  ? -11.143 -1.737  -1.647  1.00 72.28  ? 64  GLY A O   1 
ATOM   413  N  N   . ASP A 1 65  ? -10.948 -1.276  -3.840  1.00 75.43  ? 65  ASP A N   1 
ATOM   414  C  CA  . ASP A 1 65  ? -12.354 -1.454  -4.115  1.00 78.27  ? 65  ASP A CA  1 
ATOM   415  C  C   . ASP A 1 65  ? -12.512 -2.735  -4.907  1.00 79.01  ? 65  ASP A C   1 
ATOM   416  O  O   . ASP A 1 65  ? -11.628 -3.116  -5.676  1.00 79.60  ? 65  ASP A O   1 
ATOM   417  C  CB  . ASP A 1 65  ? -12.895 -0.276  -4.905  1.00 80.69  ? 65  ASP A CB  1 
ATOM   418  C  CG  . ASP A 1 65  ? -14.385 -0.237  -4.906  1.00 82.45  ? 65  ASP A CG  1 
ATOM   419  O  OD1 . ASP A 1 65  ? -14.952 -0.355  -3.796  1.00 84.01  ? 65  ASP A OD1 1 
ATOM   420  O  OD2 . ASP A 1 65  ? -14.975 -0.081  -5.997  1.00 82.93  ? 65  ASP A OD2 1 
ATOM   421  N  N   . SER A 1 66  ? -13.650 -3.390  -4.716  1.00 79.46  ? 66  SER A N   1 
ATOM   422  C  CA  . SER A 1 66  ? -13.928 -4.664  -5.357  1.00 78.10  ? 66  SER A CA  1 
ATOM   423  C  C   . SER A 1 66  ? -14.279 -4.587  -6.834  1.00 77.46  ? 66  SER A C   1 
ATOM   424  O  O   . SER A 1 66  ? -14.586 -5.614  -7.430  1.00 77.36  ? 66  SER A O   1 
ATOM   425  C  CB  . SER A 1 66  ? -15.056 -5.371  -4.602  1.00 78.51  ? 66  SER A CB  1 
ATOM   426  O  OG  . SER A 1 66  ? -16.240 -4.593  -4.656  1.00 79.70  ? 66  SER A OG  1 
ATOM   427  N  N   . ALA A 1 67  ? -14.234 -3.396  -7.430  1.00 76.60  ? 67  ALA A N   1 
ATOM   428  C  CA  . ALA A 1 67  ? -14.576 -3.241  -8.855  1.00 76.49  ? 67  ALA A CA  1 
ATOM   429  C  C   . ALA A 1 67  ? -13.485 -3.793  -9.804  1.00 76.11  ? 67  ALA A C   1 
ATOM   430  O  O   . ALA A 1 67  ? -12.304 -3.644  -9.515  1.00 76.10  ? 67  ALA A O   1 
ATOM   431  C  CB  . ALA A 1 67  ? -14.835 -1.765  -9.160  1.00 75.33  ? 67  ALA A CB  1 
ATOM   432  N  N   . ARG A 1 68  ? -13.863 -4.422  -10.925 1.00 75.74  ? 68  ARG A N   1 
ATOM   433  C  CA  . ARG A 1 68  ? -12.866 -4.957  -11.866 1.00 76.60  ? 68  ARG A CA  1 
ATOM   434  C  C   . ARG A 1 68  ? -12.123 -3.832  -12.603 1.00 77.22  ? 68  ARG A C   1 
ATOM   435  O  O   . ARG A 1 68  ? -11.067 -4.050  -13.214 1.00 77.73  ? 68  ARG A O   1 
ATOM   436  C  CB  . ARG A 1 68  ? -13.524 -5.928  -12.885 1.00 75.86  ? 68  ARG A CB  1 
ATOM   437  N  N   . PHE A 1 69  ? -12.687 -2.628  -12.527 1.00 77.27  ? 69  PHE A N   1 
ATOM   438  C  CA  . PHE A 1 69  ? -12.123 -1.405  -13.145 1.00 77.24  ? 69  PHE A CA  1 
ATOM   439  C  C   . PHE A 1 69  ? -11.183 -0.699  -12.175 1.00 76.58  ? 69  PHE A C   1 
ATOM   440  O  O   . PHE A 1 69  ? -10.307 0.091   -12.568 1.00 74.96  ? 69  PHE A O   1 
ATOM   441  C  CB  . PHE A 1 69  ? -13.258 -0.422  -13.491 1.00 79.12  ? 69  PHE A CB  1 
ATOM   442  C  CG  . PHE A 1 69  ? -12.811 1.018   -13.602 1.00 80.81  ? 69  PHE A CG  1 
ATOM   443  C  CD1 . PHE A 1 69  ? -11.957 1.405   -14.633 1.00 80.99  ? 69  PHE A CD1 1 
ATOM   444  C  CD2 . PHE A 1 69  ? -13.191 1.970   -12.646 1.00 82.07  ? 69  PHE A CD2 1 
ATOM   445  C  CE1 . PHE A 1 69  ? -11.467 2.709   -14.724 1.00 80.60  ? 69  PHE A CE1 1 
ATOM   446  C  CE2 . PHE A 1 69  ? -12.705 3.283   -12.722 1.00 81.96  ? 69  PHE A CE2 1 
ATOM   447  C  CZ  . PHE A 1 69  ? -11.840 3.649   -13.766 1.00 81.20  ? 69  PHE A CZ  1 
ATOM   448  N  N   . ASN A 1 70  ? -11.429 -0.985  -10.900 1.00 77.12  ? 70  ASN A N   1 
ATOM   449  C  CA  . ASN A 1 70  ? -10.712 -0.410  -9.786  1.00 76.81  ? 70  ASN A CA  1 
ATOM   450  C  C   . ASN A 1 70  ? -9.543  -1.281  -9.411  1.00 76.49  ? 70  ASN A C   1 
ATOM   451  O  O   . ASN A 1 70  ? -8.575  -0.797  -8.843  1.00 77.06  ? 70  ASN A O   1 
ATOM   452  C  CB  . ASN A 1 70  ? -11.666 -0.276  -8.604  1.00 77.90  ? 70  ASN A CB  1 
ATOM   453  C  CG  . ASN A 1 70  ? -11.448 0.991   -7.827  1.00 78.36  ? 70  ASN A CG  1 
ATOM   454  O  OD1 . ASN A 1 70  ? -12.398 1.584   -7.334  1.00 77.83  ? 70  ASN A OD1 1 
ATOM   455  N  ND2 . ASN A 1 70  ? -10.193 1.403   -7.690  1.00 79.42  ? 70  ASN A ND2 1 
ATOM   456  N  N   . LYS A 1 71  ? -9.652  -2.576  -9.696  1.00 76.25  ? 71  LYS A N   1 
ATOM   457  C  CA  . LYS A 1 71  ? -8.567  -3.525  -9.419  1.00 76.42  ? 71  LYS A CA  1 
ATOM   458  C  C   . LYS A 1 71  ? -7.465  -3.271  -10.431 1.00 77.12  ? 71  LYS A C   1 
ATOM   459  O  O   . LYS A 1 71  ? -6.284  -3.518  -10.157 1.00 76.70  ? 71  LYS A O   1 
ATOM   460  C  CB  . LYS A 1 71  ? -9.026  -4.972  -9.575  1.00 76.41  ? 71  LYS A CB  1 
ATOM   461  C  CG  . LYS A 1 71  ? -9.979  -5.481  -8.503  1.00 75.81  ? 71  LYS A CG  1 
ATOM   462  C  CD  . LYS A 1 71  ? -10.469 -6.899  -8.815  1.00 75.95  ? 71  LYS A CD  1 
ATOM   463  C  CE  . LYS A 1 71  ? -11.367 -7.420  -7.682  1.00 76.55  ? 71  LYS A CE  1 
ATOM   464  N  NZ  . LYS A 1 71  ? -11.882 -8.815  -7.877  1.00 77.04  ? 71  LYS A NZ  1 
ATOM   465  N  N   . GLU A 1 72  ? -7.875  -2.806  -11.612 1.00 78.63  ? 72  GLU A N   1 
ATOM   466  C  CA  . GLU A 1 72  ? -6.948  -2.442  -12.673 1.00 79.74  ? 72  GLU A CA  1 
ATOM   467  C  C   . GLU A 1 72  ? -6.362  -1.085  -12.271 1.00 80.56  ? 72  GLU A C   1 
ATOM   468  O  O   . GLU A 1 72  ? -5.161  -0.859  -12.417 1.00 80.75  ? 72  GLU A O   1 
ATOM   469  C  CB  . GLU A 1 72  ? -7.679  -2.359  -14.017 1.00 79.73  ? 72  GLU A CB  1 
ATOM   470  C  CG  . GLU A 1 72  ? -7.949  -3.713  -14.679 1.00 79.55  ? 72  GLU A CG  1 
ATOM   471  C  CD  . GLU A 1 72  ? -6.723  -4.271  -15.407 1.00 79.36  ? 72  GLU A CD  1 
ATOM   472  O  OE1 . GLU A 1 72  ? -6.465  -5.488  -15.275 1.00 79.09  ? 72  GLU A OE1 1 
ATOM   473  O  OE2 . GLU A 1 72  ? -6.021  -3.503  -16.114 1.00 77.54  ? 72  GLU A OE2 1 
ATOM   474  N  N   . VAL A 1 73  ? -7.206  -0.215  -11.710 1.00 81.18  ? 73  VAL A N   1 
ATOM   475  C  CA  . VAL A 1 73  ? -6.757  1.090   -11.249 1.00 80.46  ? 73  VAL A CA  1 
ATOM   476  C  C   . VAL A 1 73  ? -5.813  1.046   -10.053 1.00 80.46  ? 73  VAL A C   1 
ATOM   477  O  O   . VAL A 1 73  ? -5.255  2.078   -9.668  1.00 81.10  ? 73  VAL A O   1 
HETATM 478  N  N   . MSE A 1 74  ? -5.630  -0.149  -9.485  1.00 80.24  ? 74  MSE A N   1 
HETATM 479  C  CA  . MSE A 1 74  ? -4.760  -0.398  -8.323  1.00 79.44  ? 74  MSE A CA  1 
HETATM 480  C  C   . MSE A 1 74  ? -3.461  -1.075  -8.749  1.00 77.04  ? 74  MSE A C   1 
HETATM 481  O  O   . MSE A 1 74  ? -2.409  -0.885  -8.138  1.00 76.50  ? 74  MSE A O   1 
HETATM 482  C  CB  . MSE A 1 74  ? -5.486  -1.306  -7.328  1.00 82.15  ? 74  MSE A CB  1 
HETATM 483  C  CG  . MSE A 1 74  ? -4.775  -1.567  -5.992  1.00 87.09  ? 74  MSE A CG  1 
HETATM 484  SE SE  . MSE A 1 74  ? -3.312  -2.884  -5.992  1.00 88.84  ? 74  MSE A SE  1 
HETATM 485  C  CE  . MSE A 1 74  ? -4.302  -4.426  -6.566  1.00 92.82  ? 74  MSE A CE  1 
ATOM   486  N  N   . TYR A 1 75  ? -3.556  -1.895  -9.786  1.00 73.33  ? 75  TYR A N   1 
ATOM   487  C  CA  . TYR A 1 75  ? -2.402  -2.581  -10.308 1.00 69.79  ? 75  TYR A CA  1 
ATOM   488  C  C   . TYR A 1 75  ? -1.469  -1.550  -10.953 1.00 68.29  ? 75  TYR A C   1 
ATOM   489  O  O   . TYR A 1 75  ? -0.263  -1.642  -10.808 1.00 67.00  ? 75  TYR A O   1 
ATOM   490  C  CB  . TYR A 1 75  ? -2.848  -3.638  -11.312 1.00 68.70  ? 75  TYR A CB  1 
ATOM   491  N  N   . ALA A 1 76  ? -2.015  -0.564  -11.657 1.00 70.63  ? 76  ALA A N   1 
ATOM   492  C  CA  . ALA A 1 76  ? -1.178  0.464   -12.279 1.00 71.66  ? 76  ALA A CA  1 
ATOM   493  C  C   . ALA A 1 76  ? -0.573  1.377   -11.233 1.00 73.57  ? 76  ALA A C   1 
ATOM   494  O  O   . ALA A 1 76  ? 0.407   2.064   -11.495 1.00 74.79  ? 76  ALA A O   1 
ATOM   495  C  CB  . ALA A 1 76  ? -1.986  1.286   -13.231 1.00 73.01  ? 76  ALA A CB  1 
ATOM   496  N  N   . TYR A 1 77  ? -1.205  1.415   -10.067 1.00 75.18  ? 77  TYR A N   1 
ATOM   497  C  CA  . TYR A 1 77  ? -0.740  2.223   -8.954  1.00 76.59  ? 77  TYR A CA  1 
ATOM   498  C  C   . TYR A 1 77  ? 0.516   1.581   -8.369  1.00 76.16  ? 77  TYR A C   1 
ATOM   499  O  O   . TYR A 1 77  ? 1.476   2.258   -8.014  1.00 74.57  ? 77  TYR A O   1 
ATOM   500  C  CB  . TYR A 1 77  ? -1.846  2.315   -7.901  1.00 78.55  ? 77  TYR A CB  1 
ATOM   501  C  CG  . TYR A 1 77  ? -1.567  3.281   -6.770  1.00 82.49  ? 77  TYR A CG  1 
ATOM   502  C  CD1 . TYR A 1 77  ? -0.933  2.855   -5.593  1.00 84.42  ? 77  TYR A CD1 1 
ATOM   503  C  CD2 . TYR A 1 77  ? -1.917  4.631   -6.882  1.00 83.90  ? 77  TYR A CD2 1 
ATOM   504  C  CE1 . TYR A 1 77  ? -0.645  3.759   -4.562  1.00 85.71  ? 77  TYR A CE1 1 
ATOM   505  C  CE2 . TYR A 1 77  ? -1.629  5.541   -5.860  1.00 85.34  ? 77  TYR A CE2 1 
ATOM   506  C  CZ  . TYR A 1 77  ? -0.995  5.100   -4.705  1.00 85.82  ? 77  TYR A CZ  1 
ATOM   507  O  OH  . TYR A 1 77  ? -0.659  6.008   -3.728  1.00 86.18  ? 77  TYR A OH  1 
ATOM   508  N  N   . VAL A 1 78  ? 0.506   0.260   -8.282  1.00 77.48  ? 78  VAL A N   1 
ATOM   509  C  CA  . VAL A 1 78  ? 1.651   -0.479  -7.758  1.00 78.70  ? 78  VAL A CA  1 
ATOM   510  C  C   . VAL A 1 78  ? 2.788   -0.468  -8.769  1.00 79.93  ? 78  VAL A C   1 
ATOM   511  O  O   . VAL A 1 78  ? 3.962   -0.407  -8.408  1.00 81.21  ? 78  VAL A O   1 
ATOM   512  C  CB  . VAL A 1 78  ? 1.260   -1.921  -7.464  1.00 77.29  ? 78  VAL A CB  1 
ATOM   513  C  CG1 . VAL A 1 78  ? 2.437   -2.696  -6.938  1.00 77.75  ? 78  VAL A CG1 1 
ATOM   514  C  CG2 . VAL A 1 78  ? 0.131   -1.929  -6.479  1.00 76.01  ? 78  VAL A CG2 1 
ATOM   515  N  N   . ASP A 1 79  ? 2.424   -0.530  -10.044 1.00 80.58  ? 79  ASP A N   1 
ATOM   516  C  CA  . ASP A 1 79  ? 3.397   -0.523  -11.120 1.00 79.05  ? 79  ASP A CA  1 
ATOM   517  C  C   . ASP A 1 79  ? 4.045   0.826   -11.377 1.00 79.70  ? 79  ASP A C   1 
ATOM   518  O  O   . ASP A 1 79  ? 4.301   1.191   -12.524 1.00 80.08  ? 79  ASP A O   1 
ATOM   519  C  CB  . ASP A 1 79  ? 2.746   -1.023  -12.394 1.00 77.89  ? 79  ASP A CB  1 
ATOM   520  C  CG  . ASP A 1 79  ? 2.437   -2.476  -12.322 1.00 76.54  ? 79  ASP A CG  1 
ATOM   521  O  OD1 . ASP A 1 79  ? 1.614   -2.960  -13.126 1.00 76.35  ? 79  ASP A OD1 1 
ATOM   522  O  OD2 . ASP A 1 79  ? 3.041   -3.124  -11.448 1.00 74.57  ? 79  ASP A OD2 1 
ATOM   523  N  N   . GLN A 1 80  ? 4.294   1.580   -10.317 1.00 79.66  ? 80  GLN A N   1 
ATOM   524  C  CA  . GLN A 1 80  ? 4.964   2.857   -10.475 1.00 80.58  ? 80  GLN A CA  1 
ATOM   525  C  C   . GLN A 1 80  ? 6.063   2.921   -9.427  1.00 80.37  ? 80  GLN A C   1 
ATOM   526  O  O   . GLN A 1 80  ? 7.234   3.105   -9.745  1.00 81.35  ? 80  GLN A O   1 
ATOM   527  C  CB  . GLN A 1 80  ? 3.970   4.028   -10.348 1.00 81.59  ? 80  GLN A CB  1 
ATOM   528  C  CG  . GLN A 1 80  ? 3.016   4.135   -11.570 1.00 81.55  ? 80  GLN A CG  1 
ATOM   529  C  CD  . GLN A 1 80  ? 2.148   5.400   -11.631 1.00 81.90  ? 80  GLN A CD  1 
ATOM   530  O  OE1 . GLN A 1 80  ? 1.124   5.424   -12.324 1.00 81.93  ? 80  GLN A OE1 1 
ATOM   531  N  NE2 . GLN A 1 80  ? 2.570   6.456   -10.939 1.00 81.61  ? 80  GLN A NE2 1 
ATOM   532  N  N   . LEU A 1 81  ? 5.681   2.724   -8.178  1.00 77.10  ? 81  LEU A N   1 
ATOM   533  C  CA  . LEU A 1 81  ? 6.622   2.733   -7.075  1.00 77.50  ? 81  LEU A CA  1 
ATOM   534  C  C   . LEU A 1 81  ? 5.937   1.922   -5.988  1.00 77.52  ? 81  LEU A C   1 
ATOM   535  O  O   . LEU A 1 81  ? 4.716   2.021   -5.816  1.00 74.75  ? 81  LEU A O   1 
ATOM   536  C  CB  . LEU A 1 81  ? 6.867   4.173   -6.581  1.00 78.85  ? 81  LEU A CB  1 
ATOM   537  C  CG  . LEU A 1 81  ? 7.975   5.102   -7.124  1.00 78.38  ? 81  LEU A CG  1 
ATOM   538  C  CD1 . LEU A 1 81  ? 7.810   6.524   -6.573  1.00 78.00  ? 81  LEU A CD1 1 
ATOM   539  C  CD2 . LEU A 1 81  ? 9.333   4.530   -6.748  1.00 78.35  ? 81  LEU A CD2 1 
ATOM   540  N  N   . GLU A 1 85  ? 14.968  -4.117  -5.824  1.00 86.38  ? 85  GLU A N   1 
ATOM   541  C  CA  . GLU A 1 85  ? 16.341  -3.879  -5.393  1.00 86.60  ? 85  GLU A CA  1 
ATOM   542  C  C   . GLU A 1 85  ? 16.476  -3.566  -3.882  1.00 85.44  ? 85  GLU A C   1 
ATOM   543  O  O   . GLU A 1 85  ? 17.240  -4.240  -3.183  1.00 84.86  ? 85  GLU A O   1 
ATOM   544  C  CB  . GLU A 1 85  ? 16.961  -2.757  -6.239  1.00 86.76  ? 85  GLU A CB  1 
ATOM   545  N  N   . LYS A 1 86  ? 15.735  -2.562  -3.389  1.00 83.49  ? 86  LYS A N   1 
ATOM   546  C  CA  . LYS A 1 86  ? 15.749  -2.137  -1.966  1.00 80.62  ? 86  LYS A CA  1 
ATOM   547  C  C   . LYS A 1 86  ? 15.146  -3.149  -0.965  1.00 79.67  ? 86  LYS A C   1 
ATOM   548  O  O   . LYS A 1 86  ? 14.426  -4.054  -1.360  1.00 79.59  ? 86  LYS A O   1 
ATOM   549  C  CB  . LYS A 1 86  ? 15.041  -0.781  -1.829  1.00 79.56  ? 86  LYS A CB  1 
ATOM   550  N  N   . GLU A 1 87  ? 15.433  -2.984  0.329   1.00 79.24  ? 87  GLU A N   1 
ATOM   551  C  CA  . GLU A 1 87  ? 14.931  -3.911  1.350   1.00 78.34  ? 87  GLU A CA  1 
ATOM   552  C  C   . GLU A 1 87  ? 13.422  -4.109  1.261   1.00 77.87  ? 87  GLU A C   1 
ATOM   553  O  O   . GLU A 1 87  ? 12.689  -3.206  0.866   1.00 77.45  ? 87  GLU A O   1 
ATOM   554  C  CB  . GLU A 1 87  ? 15.320  -3.430  2.773   1.00 78.07  ? 87  GLU A CB  1 
ATOM   555  N  N   . PHE A 1 88  ? 12.961  -5.297  1.641   1.00 76.91  ? 88  PHE A N   1 
ATOM   556  C  CA  . PHE A 1 88  ? 11.543  -5.592  1.587   1.00 75.77  ? 88  PHE A CA  1 
ATOM   557  C  C   . PHE A 1 88  ? 10.717  -4.578  2.322   1.00 75.22  ? 88  PHE A C   1 
ATOM   558  O  O   . PHE A 1 88  ? 9.680   -4.141  1.843   1.00 75.42  ? 88  PHE A O   1 
ATOM   559  C  CB  . PHE A 1 88  ? 11.241  -6.956  2.183   1.00 77.36  ? 88  PHE A CB  1 
ATOM   560  C  CG  . PHE A 1 88  ? 9.784   -7.319  2.130   1.00 78.49  ? 88  PHE A CG  1 
ATOM   561  C  CD1 . PHE A 1 88  ? 9.125   -7.382  0.903   1.00 78.61  ? 88  PHE A CD1 1 
ATOM   562  C  CD2 . PHE A 1 88  ? 9.077   -7.625  3.296   1.00 78.63  ? 88  PHE A CD2 1 
ATOM   563  C  CE1 . PHE A 1 88  ? 7.803   -7.747  0.827   1.00 78.70  ? 88  PHE A CE1 1 
ATOM   564  C  CE2 . PHE A 1 88  ? 7.743   -7.995  3.234   1.00 78.82  ? 88  PHE A CE2 1 
ATOM   565  C  CZ  . PHE A 1 88  ? 7.104   -8.056  1.994   1.00 78.89  ? 88  PHE A CZ  1 
ATOM   566  N  N   . VAL A 1 89  ? 11.169  -4.231  3.515   1.00 76.61  ? 89  VAL A N   1 
ATOM   567  C  CA  . VAL A 1 89  ? 10.467  -3.256  4.320   1.00 76.97  ? 89  VAL A CA  1 
ATOM   568  C  C   . VAL A 1 89  ? 10.615  -1.892  3.691   1.00 77.96  ? 89  VAL A C   1 
ATOM   569  O  O   . VAL A 1 89  ? 9.730   -1.061  3.820   1.00 77.86  ? 89  VAL A O   1 
ATOM   570  C  CB  . VAL A 1 89  ? 11.014  -3.209  5.739   1.00 76.47  ? 89  VAL A CB  1 
ATOM   571  C  CG1 . VAL A 1 89  ? 10.254  -2.197  6.535   1.00 77.22  ? 89  VAL A CG1 1 
ATOM   572  C  CG2 . VAL A 1 89  ? 10.907  -4.581  6.382   1.00 76.21  ? 89  VAL A CG2 1 
ATOM   573  N  N   . SER A 1 90  ? 11.732  -1.667  3.005   1.00 77.60  ? 90  SER A N   1 
ATOM   574  C  CA  . SER A 1 90  ? 11.957  -0.393  2.338   1.00 78.59  ? 90  SER A CA  1 
ATOM   575  C  C   . SER A 1 90  ? 11.037  -0.204  1.146   1.00 78.63  ? 90  SER A C   1 
ATOM   576  O  O   . SER A 1 90  ? 11.115  0.811   0.462   1.00 79.15  ? 90  SER A O   1 
ATOM   577  N  N   . ALA A 1 91  ? 10.161  -1.190  0.925   1.00 78.69  ? 91  ALA A N   1 
ATOM   578  C  CA  . ALA A 1 91  ? 9.169   -1.217  -0.169  1.00 78.35  ? 91  ALA A CA  1 
ATOM   579  C  C   . ALA A 1 91  ? 7.720   -1.195  0.349   1.00 77.00  ? 91  ALA A C   1 
ATOM   580  O  O   . ALA A 1 91  ? 6.802   -0.682  -0.312  1.00 75.63  ? 91  ALA A O   1 
ATOM   581  C  CB  . ALA A 1 91  ? 9.362   -2.468  -1.017  1.00 79.45  ? 91  ALA A CB  1 
ATOM   582  N  N   . LEU A 1 92  ? 7.527   -1.815  1.507   1.00 77.15  ? 92  LEU A N   1 
ATOM   583  C  CA  . LEU A 1 92  ? 6.237   -1.867  2.154   1.00 77.37  ? 92  LEU A CA  1 
ATOM   584  C  C   . LEU A 1 92  ? 5.901   -0.464  2.659   1.00 77.93  ? 92  LEU A C   1 
ATOM   585  O  O   . LEU A 1 92  ? 4.790   0.044   2.470   1.00 77.58  ? 92  LEU A O   1 
ATOM   586  C  CB  . LEU A 1 92  ? 6.309   -2.871  3.295   1.00 75.87  ? 92  LEU A CB  1 
ATOM   587  C  CG  . LEU A 1 92  ? 5.039   -3.105  4.105   1.00 76.11  ? 92  LEU A CG  1 
ATOM   588  C  CD1 . LEU A 1 92  ? 4.986   -4.549  4.561   1.00 75.64  ? 92  LEU A CD1 1 
ATOM   589  C  CD2 . LEU A 1 92  ? 5.016   -2.144  5.275   1.00 76.34  ? 92  LEU A CD2 1 
ATOM   590  N  N   . ARG A 1 93  ? 6.871   0.172   3.294   1.00 76.77  ? 93  ARG A N   1 
ATOM   591  C  CA  . ARG A 1 93  ? 6.648   1.514   3.779   1.00 75.29  ? 93  ARG A CA  1 
ATOM   592  C  C   . ARG A 1 93  ? 6.412   2.445   2.604   1.00 76.16  ? 93  ARG A C   1 
ATOM   593  O  O   . ARG A 1 93  ? 5.573   3.329   2.687   1.00 76.86  ? 93  ARG A O   1 
ATOM   594  C  CB  . ARG A 1 93  ? 7.840   1.988   4.580   1.00 75.01  ? 93  ARG A CB  1 
ATOM   595  N  N   . THR A 1 94  ? 7.155   2.252   1.515   1.00 77.58  ? 94  THR A N   1 
ATOM   596  C  CA  . THR A 1 94  ? 7.008   3.107   0.341   1.00 77.68  ? 94  THR A CA  1 
ATOM   597  C  C   . THR A 1 94  ? 5.679   2.857   -0.307  1.00 78.20  ? 94  THR A C   1 
ATOM   598  O  O   . THR A 1 94  ? 5.060   3.755   -0.865  1.00 78.83  ? 94  THR A O   1 
ATOM   599  C  CB  . THR A 1 94  ? 8.104   2.865   -0.700  1.00 77.93  ? 94  THR A CB  1 
ATOM   600  O  OG1 . THR A 1 94  ? 9.382   2.943   -0.059  1.00 78.13  ? 94  THR A OG1 1 
ATOM   601  C  CG2 . THR A 1 94  ? 8.028   3.914   -1.805  1.00 77.25  ? 94  THR A CG2 1 
ATOM   602  N  N   . PHE A 1 95  ? 5.225   1.625   -0.246  1.00 76.87  ? 95  PHE A N   1 
ATOM   603  C  CA  . PHE A 1 95  ? 3.943   1.362   -0.840  1.00 74.85  ? 95  PHE A CA  1 
ATOM   604  C  C   . PHE A 1 95  ? 2.845   2.057   -0.029  1.00 75.28  ? 95  PHE A C   1 
ATOM   605  O  O   . PHE A 1 95  ? 1.966   2.730   -0.593  1.00 76.40  ? 95  PHE A O   1 
ATOM   606  C  CB  . PHE A 1 95  ? 3.713   -0.136  -0.896  1.00 72.57  ? 95  PHE A CB  1 
ATOM   607  C  CG  . PHE A 1 95  ? 2.367   -0.513  -1.387  1.00 68.81  ? 95  PHE A CG  1 
ATOM   608  C  CD1 . PHE A 1 95  ? 1.911   -0.056  -2.616  1.00 67.02  ? 95  PHE A CD1 1 
ATOM   609  C  CD2 . PHE A 1 95  ? 1.551   -1.325  -0.626  1.00 67.74  ? 95  PHE A CD2 1 
ATOM   610  C  CE1 . PHE A 1 95  ? 0.665   -0.402  -3.083  1.00 66.02  ? 95  PHE A CE1 1 
ATOM   611  C  CE2 . PHE A 1 95  ? 0.306   -1.677  -1.083  1.00 66.90  ? 95  PHE A CE2 1 
ATOM   612  C  CZ  . PHE A 1 95  ? -0.139  -1.211  -2.317  1.00 65.99  ? 95  PHE A CZ  1 
ATOM   613  N  N   . LEU A 1 96  ? 2.925   1.919   1.295   1.00 74.81  ? 96  LEU A N   1 
ATOM   614  C  CA  . LEU A 1 96  ? 1.916   2.473   2.203   1.00 74.48  ? 96  LEU A CA  1 
ATOM   615  C  C   . LEU A 1 96  ? 1.970   3.944   2.575   1.00 75.11  ? 96  LEU A C   1 
ATOM   616  O  O   . LEU A 1 96  ? 1.192   4.402   3.413   1.00 74.33  ? 96  LEU A O   1 
ATOM   617  C  CB  . LEU A 1 96  ? 1.900   1.665   3.488   1.00 73.63  ? 96  LEU A CB  1 
ATOM   618  C  CG  . LEU A 1 96  ? 1.643   0.195   3.193   1.00 73.10  ? 96  LEU A CG  1 
ATOM   619  C  CD1 . LEU A 1 96  ? 1.892   -0.614  4.426   1.00 72.95  ? 96  LEU A CD1 1 
ATOM   620  C  CD2 . LEU A 1 96  ? 0.222   0.019   2.690   1.00 72.84  ? 96  LEU A CD2 1 
ATOM   621  N  N   . GLU A 1 97  ? 2.866   4.690   1.953   1.00 75.90  ? 97  GLU A N   1 
ATOM   622  C  CA  . GLU A 1 97  ? 2.995   6.099   2.284   1.00 76.13  ? 97  GLU A CA  1 
ATOM   623  C  C   . GLU A 1 97  ? 2.025   6.973   1.504   1.00 75.41  ? 97  GLU A C   1 
ATOM   624  O  O   . GLU A 1 97  ? 1.590   8.011   1.997   1.00 75.53  ? 97  GLU A O   1 
ATOM   625  C  CB  . GLU A 1 97  ? 4.422   6.563   2.017   1.00 77.76  ? 97  GLU A CB  1 
ATOM   626  C  CG  . GLU A 1 97  ? 4.770   6.665   0.542   1.00 80.55  ? 97  GLU A CG  1 
ATOM   627  C  CD  . GLU A 1 97  ? 6.182   7.173   0.301   1.00 81.99  ? 97  GLU A CD  1 
ATOM   628  O  OE1 . GLU A 1 97  ? 6.372   7.905   -0.688  1.00 83.69  ? 97  GLU A OE1 1 
ATOM   629  O  OE2 . GLU A 1 97  ? 7.101   6.836   1.080   1.00 82.43  ? 97  GLU A OE2 1 
ATOM   630  N  N   . GLY A 1 98  ? 1.692   6.553   0.288   1.00 75.97  ? 98  GLY A N   1 
ATOM   631  C  CA  . GLY A 1 98  ? 0.798   7.326   -0.551  1.00 77.31  ? 98  GLY A CA  1 
ATOM   632  C  C   . GLY A 1 98  ? -0.630  7.388   -0.059  1.00 78.22  ? 98  GLY A C   1 
ATOM   633  O  O   . GLY A 1 98  ? -1.351  8.346   -0.344  1.00 78.21  ? 98  GLY A O   1 
ATOM   634  N  N   . PHE A 1 99  ? -1.054  6.367   0.680   1.00 77.79  ? 99  PHE A N   1 
ATOM   635  C  CA  . PHE A 1 99  ? -2.436  6.332   1.177   1.00 77.04  ? 99  PHE A CA  1 
ATOM   636  C  C   . PHE A 1 99  ? -2.585  5.779   2.577   1.00 76.65  ? 99  PHE A C   1 
ATOM   637  O  O   . PHE A 1 99  ? -1.642  5.227   3.147   1.00 77.28  ? 99  PHE A O   1 
ATOM   638  C  CB  . PHE A 1 99  ? -3.307  5.491   0.235   1.00 77.33  ? 99  PHE A CB  1 
ATOM   639  C  CG  . PHE A 1 99  ? -2.848  4.060   0.103   1.00 76.63  ? 99  PHE A CG  1 
ATOM   640  C  CD1 . PHE A 1 99  ? -3.231  3.098   1.035   1.00 76.16  ? 99  PHE A CD1 1 
ATOM   641  C  CD2 . PHE A 1 99  ? -2.003  3.685   -0.936  1.00 76.23  ? 99  PHE A CD2 1 
ATOM   642  C  CE1 . PHE A 1 99  ? -2.777  1.791   0.938   1.00 75.18  ? 99  PHE A CE1 1 
ATOM   643  C  CE2 . PHE A 1 99  ? -1.544  2.389   -1.042  1.00 75.66  ? 99  PHE A CE2 1 
ATOM   644  C  CZ  . PHE A 1 99  ? -1.933  1.438   -0.102  1.00 75.76  ? 99  PHE A CZ  1 
ATOM   645  N  N   . ARG A 1 100 ? -3.788  5.918   3.121   1.00 75.66  ? 100 ARG A N   1 
ATOM   646  C  CA  . ARG A 1 100 ? -4.052  5.376   4.436   1.00 75.95  ? 100 ARG A CA  1 
ATOM   647  C  C   . ARG A 1 100 ? -4.467  3.929   4.249   1.00 74.68  ? 100 ARG A C   1 
ATOM   648  O  O   . ARG A 1 100 ? -5.434  3.627   3.541   1.00 73.90  ? 100 ARG A O   1 
ATOM   649  C  CB  . ARG A 1 100 ? -5.153  6.153   5.163   1.00 76.55  ? 100 ARG A CB  1 
ATOM   650  C  CG  . ARG A 1 100 ? -5.095  6.018   6.704   1.00 78.93  ? 100 ARG A CG  1 
ATOM   651  C  CD  . ARG A 1 100 ? -4.211  7.113   7.363   1.00 81.50  ? 100 ARG A CD  1 
ATOM   652  N  NE  . ARG A 1 100 ? -4.261  7.094   8.834   1.00 83.95  ? 100 ARG A NE  1 
ATOM   653  C  CZ  . ARG A 1 100 ? -3.589  6.242   9.615   1.00 85.45  ? 100 ARG A CZ  1 
ATOM   654  N  NH1 . ARG A 1 100 ? -3.709  6.305   10.940  1.00 86.41  ? 100 ARG A NH1 1 
ATOM   655  N  NH2 . ARG A 1 100 ? -2.785  5.333   9.075   1.00 85.58  ? 100 ARG A NH2 1 
ATOM   656  N  N   . LEU A 1 101 ? -3.682  3.041   4.840   1.00 74.37  ? 101 LEU A N   1 
ATOM   657  C  CA  . LEU A 1 101 ? -3.958  1.639   4.758   1.00 74.32  ? 101 LEU A CA  1 
ATOM   658  C  C   . LEU A 1 101 ? -5.378  1.452   5.316   1.00 75.10  ? 101 LEU A C   1 
ATOM   659  O  O   . LEU A 1 101 ? -5.665  1.837   6.456   1.00 76.21  ? 101 LEU A O   1 
ATOM   660  C  CB  . LEU A 1 101 ? -2.893  0.881   5.573   1.00 72.22  ? 101 LEU A CB  1 
ATOM   661  C  CG  . LEU A 1 101 ? -2.854  -0.648  5.662   1.00 70.93  ? 101 LEU A CG  1 
ATOM   662  C  CD1 . LEU A 1 101 ? -3.835  -1.115  6.715   1.00 70.65  ? 101 LEU A CD1 1 
ATOM   663  C  CD2 . LEU A 1 101 ? -3.141  -1.248  4.303   1.00 69.59  ? 101 LEU A CD2 1 
ATOM   664  N  N   . PRO A 1 102 ? -6.303  0.931   4.485   1.00 75.43  ? 102 PRO A N   1 
ATOM   665  C  CA  . PRO A 1 102 ? -7.706  0.665   4.817   1.00 76.67  ? 102 PRO A CA  1 
ATOM   666  C  C   . PRO A 1 102 ? -7.880  -0.494  5.797   1.00 76.10  ? 102 PRO A C   1 
ATOM   667  O  O   . PRO A 1 102 ? -7.320  -1.575  5.594   1.00 75.43  ? 102 PRO A O   1 
ATOM   668  C  CB  . PRO A 1 102 ? -8.327  0.349   3.457   1.00 75.06  ? 102 PRO A CB  1 
ATOM   669  C  CG  . PRO A 1 102 ? -7.187  -0.245  2.706   1.00 75.23  ? 102 PRO A CG  1 
ATOM   670  C  CD  . PRO A 1 102 ? -6.075  0.698   3.049   1.00 75.29  ? 102 PRO A CD  1 
ATOM   671  N  N   . GLY A 1 103 ? -8.683  -0.265  6.832   1.00 77.13  ? 103 GLY A N   1 
ATOM   672  C  CA  . GLY A 1 103 ? -8.918  -1.287  7.838   1.00 79.63  ? 103 GLY A CA  1 
ATOM   673  C  C   . GLY A 1 103 ? -9.853  -2.433  7.479   1.00 80.12  ? 103 GLY A C   1 
ATOM   674  O  O   . GLY A 1 103 ? -10.054 -3.350  8.279   1.00 81.38  ? 103 GLY A O   1 
ATOM   675  N  N   . GLU A 1 104 ? -10.437 -2.376  6.287   1.00 78.70  ? 104 GLU A N   1 
ATOM   676  C  CA  . GLU A 1 104 ? -11.347 -3.417  5.809   1.00 77.22  ? 104 GLU A CA  1 
ATOM   677  C  C   . GLU A 1 104 ? -10.569 -4.695  5.399   1.00 76.38  ? 104 GLU A C   1 
ATOM   678  O  O   . GLU A 1 104 ? -9.547  -4.623  4.720   1.00 76.31  ? 104 GLU A O   1 
ATOM   679  C  CB  . GLU A 1 104 ? -12.189 -2.868  4.643   1.00 77.11  ? 104 GLU A CB  1 
ATOM   680  C  CG  . GLU A 1 104 ? -13.323 -1.857  5.044   1.00 75.56  ? 104 GLU A CG  1 
ATOM   681  C  CD  . GLU A 1 104 ? -12.914 -0.362  5.079   1.00 74.67  ? 104 GLU A CD  1 
ATOM   682  O  OE1 . GLU A 1 104 ? -11.978 0.000   5.831   1.00 74.87  ? 104 GLU A OE1 1 
ATOM   683  O  OE2 . GLU A 1 104 ? -13.545 0.457   4.360   1.00 72.62  ? 104 GLU A OE2 1 
ATOM   684  N  N   . ALA A 1 105 ? -11.068 -5.856  5.828   1.00 74.61  ? 105 ALA A N   1 
ATOM   685  C  CA  . ALA A 1 105 ? -10.416 -7.148  5.592   1.00 72.30  ? 105 ALA A CA  1 
ATOM   686  C  C   . ALA A 1 105 ? -10.177 -7.572  4.153   1.00 70.74  ? 105 ALA A C   1 
ATOM   687  O  O   . ALA A 1 105 ? -9.096  -8.064  3.827   1.00 69.99  ? 105 ALA A O   1 
ATOM   688  C  CB  . ALA A 1 105 ? -11.178 -8.243  6.321   1.00 74.74  ? 105 ALA A CB  1 
ATOM   689  N  N   . GLN A 1 106 ? -11.193 -7.398  3.307   1.00 71.19  ? 106 GLN A N   1 
ATOM   690  C  CA  . GLN A 1 106 ? -11.154 -7.765  1.875   1.00 70.89  ? 106 GLN A CA  1 
ATOM   691  C  C   . GLN A 1 106 ? -10.295 -6.851  1.010   1.00 69.59  ? 106 GLN A C   1 
ATOM   692  O  O   . GLN A 1 106 ? -9.829  -7.253  -0.048  1.00 68.00  ? 106 GLN A O   1 
ATOM   693  C  CB  . GLN A 1 106 ? -12.571 -7.777  1.284   1.00 72.16  ? 106 GLN A CB  1 
ATOM   694  C  CG  . GLN A 1 106 ? -13.385 -9.035  1.560   1.00 75.04  ? 106 GLN A CG  1 
ATOM   695  C  CD  . GLN A 1 106 ? -14.033 -9.028  2.927   1.00 77.06  ? 106 GLN A CD  1 
ATOM   696  O  OE1 . GLN A 1 106 ? -13.974 -10.017 3.662   1.00 78.04  ? 106 GLN A OE1 1 
ATOM   697  N  NE2 . GLN A 1 106 ? -14.671 -7.912  3.275   1.00 78.39  ? 106 GLN A NE2 1 
ATOM   698  N  N   . LYS A 1 107 ? -10.126 -5.614  1.467   1.00 70.04  ? 107 LYS A N   1 
ATOM   699  C  CA  . LYS A 1 107 ? -9.330  -4.610  0.774   1.00 70.72  ? 107 LYS A CA  1 
ATOM   700  C  C   . LYS A 1 107 ? -7.833  -4.832  1.025   1.00 71.33  ? 107 LYS A C   1 
ATOM   701  O  O   . LYS A 1 107 ? -7.060  -4.798  0.081   1.00 70.34  ? 107 LYS A O   1 
ATOM   702  C  CB  . LYS A 1 107 ? -9.746  -3.216  1.225   1.00 72.07  ? 107 LYS A CB  1 
ATOM   703  N  N   . ILE A 1 108 ? -7.432  -5.045  2.285   1.00 72.27  ? 108 ILE A N   1 
ATOM   704  C  CA  . ILE A 1 108 ? -6.030  -5.297  2.643   1.00 71.98  ? 108 ILE A CA  1 
ATOM   705  C  C   . ILE A 1 108 ? -5.468  -6.454  1.821   1.00 73.97  ? 108 ILE A C   1 
ATOM   706  O  O   . ILE A 1 108 ? -4.312  -6.426  1.419   1.00 74.83  ? 108 ILE A O   1 
ATOM   707  C  CB  . ILE A 1 108 ? -5.898  -5.604  4.146   1.00 70.26  ? 108 ILE A CB  1 
ATOM   708  N  N   . ASP A 1 109 ? -6.292  -7.470  1.568   1.00 76.81  ? 109 ASP A N   1 
ATOM   709  C  CA  . ASP A 1 109 ? -5.892  -8.648  0.772   1.00 79.17  ? 109 ASP A CA  1 
ATOM   710  C  C   . ASP A 1 109 ? -5.651  -8.323  -0.703  1.00 79.20  ? 109 ASP A C   1 
ATOM   711  O  O   . ASP A 1 109 ? -4.755  -8.881  -1.337  1.00 80.61  ? 109 ASP A O   1 
ATOM   712  C  CB  . ASP A 1 109 ? -6.967  -9.742  0.862   1.00 81.05  ? 109 ASP A CB  1 
ATOM   713  C  CG  . ASP A 1 109 ? -6.705  -10.903 -0.081  1.00 82.19  ? 109 ASP A CG  1 
ATOM   714  O  OD1 . ASP A 1 109 ? -6.765  -10.698 -1.315  1.00 83.13  ? 109 ASP A OD1 1 
ATOM   715  O  OD2 . ASP A 1 109 ? -6.444  -12.018 0.422   1.00 82.85  ? 109 ASP A OD2 1 
ATOM   716  N  N   . ARG A 1 110 ? -6.489  -7.442  -1.234  1.00 79.38  ? 110 ARG A N   1 
ATOM   717  C  CA  . ARG A 1 110 ? -6.421  -6.990  -2.620  1.00 79.48  ? 110 ARG A CA  1 
ATOM   718  C  C   . ARG A 1 110 ? -5.082  -6.246  -2.846  1.00 78.11  ? 110 ARG A C   1 
ATOM   719  O  O   . ARG A 1 110 ? -4.490  -6.336  -3.926  1.00 78.69  ? 110 ARG A O   1 
ATOM   720  C  CB  . ARG A 1 110 ? -7.628  -6.066  -2.872  1.00 79.32  ? 110 ARG A CB  1 
ATOM   721  C  CG  . ARG A 1 110 ? -8.239  -6.040  -4.275  1.00 77.98  ? 110 ARG A CG  1 
ATOM   722  C  CD  . ARG A 1 110 ? -9.684  -5.542  -4.188  1.00 76.93  ? 110 ARG A CD  1 
ATOM   723  N  NE  . ARG A 1 110 ? -10.536 -6.494  -3.466  1.00 76.83  ? 110 ARG A NE  1 
ATOM   724  C  CZ  . ARG A 1 110 ? -11.679 -6.187  -2.851  1.00 76.69  ? 110 ARG A CZ  1 
ATOM   725  N  NH1 . ARG A 1 110 ? -12.136 -4.944  -2.849  1.00 76.77  ? 110 ARG A NH1 1 
ATOM   726  N  NH2 . ARG A 1 110 ? -12.373 -7.131  -2.234  1.00 76.52  ? 110 ARG A NH2 1 
ATOM   727  N  N   . LEU A 1 111 ? -4.611  -5.530  -1.818  1.00 77.32  ? 111 LEU A N   1 
ATOM   728  C  CA  . LEU A 1 111 ? -3.353  -4.759  -1.865  1.00 74.36  ? 111 LEU A CA  1 
ATOM   729  C  C   . LEU A 1 111 ? -2.083  -5.578  -1.639  1.00 74.56  ? 111 LEU A C   1 
ATOM   730  O  O   . LEU A 1 111 ? -1.091  -5.385  -2.340  1.00 74.86  ? 111 LEU A O   1 
ATOM   731  C  CB  . LEU A 1 111 ? -3.377  -3.634  -0.825  1.00 73.04  ? 111 LEU A CB  1 
ATOM   732  C  CG  . LEU A 1 111 ? -3.985  -2.281  -1.201  1.00 71.31  ? 111 LEU A CG  1 
ATOM   733  C  CD1 . LEU A 1 111 ? -5.313  -2.473  -1.873  1.00 70.72  ? 111 LEU A CD1 1 
ATOM   734  C  CD2 . LEU A 1 111 ? -4.152  -1.450  0.043   1.00 70.48  ? 111 LEU A CD2 1 
HETATM 735  N  N   . MSE A 1 112 ? -2.110  -6.477  -0.654  1.00 75.92  ? 112 MSE A N   1 
HETATM 736  C  CA  . MSE A 1 112 ? -0.942  -7.303  -0.329  1.00 76.54  ? 112 MSE A CA  1 
HETATM 737  C  C   . MSE A 1 112 ? -0.752  -8.495  -1.266  1.00 76.49  ? 112 MSE A C   1 
HETATM 738  O  O   . MSE A 1 112 ? 0.254   -9.196  -1.178  1.00 75.44  ? 112 MSE A O   1 
HETATM 739  C  CB  . MSE A 1 112 ? -0.998  -7.783  1.131   1.00 75.73  ? 112 MSE A CB  1 
HETATM 740  C  CG  . MSE A 1 112 ? -1.139  -6.652  2.175   1.00 77.94  ? 112 MSE A CG  1 
HETATM 741  SE SE  . MSE A 1 112 ? 0.268   -5.264  2.238   1.00 80.09  ? 112 MSE A SE  1 
HETATM 742  C  CE  . MSE A 1 112 ? -0.485  -3.938  1.022   1.00 80.47  ? 112 MSE A CE  1 
ATOM   743  N  N   . GLU A 1 113 ? -1.726  -8.723  -2.146  1.00 76.25  ? 113 GLU A N   1 
ATOM   744  C  CA  . GLU A 1 113 ? -1.654  -9.791  -3.142  1.00 76.84  ? 113 GLU A CA  1 
ATOM   745  C  C   . GLU A 1 113 ? -0.798  -9.187  -4.278  1.00 78.04  ? 113 GLU A C   1 
ATOM   746  O  O   . GLU A 1 113 ? 0.221   -9.763  -4.678  1.00 78.03  ? 113 GLU A O   1 
ATOM   747  C  CB  . GLU A 1 113 ? -3.075  -10.146 -3.629  1.00 77.42  ? 113 GLU A CB  1 
ATOM   748  C  CG  . GLU A 1 113 ? -3.236  -11.392 -4.523  1.00 78.53  ? 113 GLU A CG  1 
ATOM   749  C  CD  . GLU A 1 113 ? -3.087  -12.719 -3.780  1.00 79.16  ? 113 GLU A CD  1 
ATOM   750  O  OE1 . GLU A 1 113 ? -3.867  -12.997 -2.833  1.00 79.48  ? 113 GLU A OE1 1 
ATOM   751  O  OE2 . GLU A 1 113 ? -2.183  -13.496 -4.161  1.00 79.54  ? 113 GLU A OE2 1 
ATOM   752  N  N   . LYS A 1 114 ? -1.190  -8.003  -4.749  1.00 77.68  ? 114 LYS A N   1 
ATOM   753  C  CA  . LYS A 1 114 ? -0.481  -7.300  -5.824  1.00 78.29  ? 114 LYS A CA  1 
ATOM   754  C  C   . LYS A 1 114 ? 0.871   -6.719  -5.421  1.00 77.05  ? 114 LYS A C   1 
ATOM   755  O  O   . LYS A 1 114 ? 1.712   -6.412  -6.270  1.00 76.56  ? 114 LYS A O   1 
ATOM   756  C  CB  . LYS A 1 114 ? -1.359  -6.193  -6.388  1.00 78.50  ? 114 LYS A CB  1 
ATOM   757  N  N   . PHE A 1 115 ? 1.069   -6.517  -4.130  1.00 77.38  ? 115 PHE A N   1 
ATOM   758  C  CA  . PHE A 1 115 ? 2.351   -6.001  -3.666  1.00 78.50  ? 115 PHE A CA  1 
ATOM   759  C  C   . PHE A 1 115 ? 3.363   -7.160  -3.593  1.00 79.49  ? 115 PHE A C   1 
ATOM   760  O  O   . PHE A 1 115 ? 4.545   -6.977  -3.883  1.00 79.61  ? 115 PHE A O   1 
ATOM   761  C  CB  . PHE A 1 115 ? 2.197   -5.345  -2.290  1.00 78.05  ? 115 PHE A CB  1 
ATOM   762  C  CG  . PHE A 1 115 ? 3.497   -4.884  -1.681  1.00 77.34  ? 115 PHE A CG  1 
ATOM   763  C  CD1 . PHE A 1 115 ? 4.054   -3.660  -2.038  1.00 77.50  ? 115 PHE A CD1 1 
ATOM   764  C  CD2 . PHE A 1 115 ? 4.178   -5.692  -0.768  1.00 76.65  ? 115 PHE A CD2 1 
ATOM   765  C  CE1 . PHE A 1 115 ? 5.267   -3.247  -1.496  1.00 77.47  ? 115 PHE A CE1 1 
ATOM   766  C  CE2 . PHE A 1 115 ? 5.388   -5.289  -0.222  1.00 76.35  ? 115 PHE A CE2 1 
ATOM   767  C  CZ  . PHE A 1 115 ? 5.935   -4.065  -0.588  1.00 76.74  ? 115 PHE A CZ  1 
ATOM   768  N  N   . ALA A 1 116 ? 2.895   -8.347  -3.206  1.00 79.48  ? 116 ALA A N   1 
ATOM   769  C  CA  . ALA A 1 116 ? 3.768   -9.508  -3.106  1.00 79.66  ? 116 ALA A CA  1 
ATOM   770  C  C   . ALA A 1 116 ? 4.103   -10.086 -4.473  1.00 79.97  ? 116 ALA A C   1 
ATOM   771  O  O   . ALA A 1 116 ? 5.192   -10.637 -4.669  1.00 80.04  ? 116 ALA A O   1 
ATOM   772  C  CB  . ALA A 1 116 ? 3.131   -10.581 -2.220  1.00 80.30  ? 116 ALA A CB  1 
ATOM   773  N  N   . ALA A 1 117 ? 3.163   -9.973  -5.411  1.00 80.06  ? 117 ALA A N   1 
ATOM   774  C  CA  . ALA A 1 117 ? 3.356   -10.482 -6.769  1.00 79.13  ? 117 ALA A CA  1 
ATOM   775  C  C   . ALA A 1 117 ? 4.205   -9.540  -7.627  1.00 78.84  ? 117 ALA A C   1 
ATOM   776  O  O   . ALA A 1 117 ? 4.829   -9.986  -8.591  1.00 79.85  ? 117 ALA A O   1 
ATOM   777  C  CB  . ALA A 1 117 ? 2.003   -10.728 -7.433  1.00 78.92  ? 117 ALA A CB  1 
ATOM   778  N  N   . ARG A 1 118 ? 4.220   -8.251  -7.260  1.00 78.90  ? 118 ARG A N   1 
ATOM   779  C  CA  . ARG A 1 118 ? 4.984   -7.200  -7.959  1.00 77.67  ? 118 ARG A CA  1 
ATOM   780  C  C   . ARG A 1 118 ? 6.440   -7.108  -7.469  1.00 78.24  ? 118 ARG A C   1 
ATOM   781  O  O   . ARG A 1 118 ? 7.349   -6.726  -8.234  1.00 78.99  ? 118 ARG A O   1 
ATOM   782  C  CB  . ARG A 1 118 ? 4.301   -5.850  -7.782  1.00 73.78  ? 118 ARG A CB  1 
ATOM   783  N  N   . TYR A 1 119 ? 6.627   -7.424  -6.181  1.00 78.20  ? 119 TYR A N   1 
ATOM   784  C  CA  . TYR A 1 119 ? 7.931   -7.444  -5.507  1.00 79.19  ? 119 TYR A CA  1 
ATOM   785  C  C   . TYR A 1 119 ? 8.676   -8.638  -6.100  1.00 78.18  ? 119 TYR A C   1 
ATOM   786  O  O   . TYR A 1 119 ? 9.744   -8.508  -6.719  1.00 78.43  ? 119 TYR A O   1 
ATOM   787  C  CB  . TYR A 1 119 ? 7.723   -7.623  -3.983  1.00 81.55  ? 119 TYR A CB  1 
ATOM   788  C  CG  . TYR A 1 119 ? 8.977   -7.506  -3.111  1.00 82.23  ? 119 TYR A CG  1 
ATOM   789  C  CD1 . TYR A 1 119 ? 9.604   -6.269  -2.912  1.00 82.65  ? 119 TYR A CD1 1 
ATOM   790  C  CD2 . TYR A 1 119 ? 9.570   -8.646  -2.536  1.00 82.41  ? 119 TYR A CD2 1 
ATOM   791  C  CE1 . TYR A 1 119 ? 10.804  -6.170  -2.164  1.00 82.57  ? 119 TYR A CE1 1 
ATOM   792  C  CE2 . TYR A 1 119 ? 10.765  -8.560  -1.790  1.00 81.90  ? 119 TYR A CE2 1 
ATOM   793  C  CZ  . TYR A 1 119 ? 11.384  -7.324  -1.617  1.00 82.30  ? 119 TYR A CZ  1 
ATOM   794  O  OH  . TYR A 1 119 ? 12.606  -7.256  -0.959  1.00 81.39  ? 119 TYR A OH  1 
ATOM   795  N  N   . ILE A 1 120 ? 8.085   -9.808  -5.917  1.00 77.15  ? 120 ILE A N   1 
ATOM   796  C  CA  . ILE A 1 120 ? 8.656   -10.999 -6.482  1.00 76.14  ? 120 ILE A CA  1 
ATOM   797  C  C   . ILE A 1 120 ? 8.471   -10.871 -7.981  1.00 75.47  ? 120 ILE A C   1 
ATOM   798  O  O   . ILE A 1 120 ? 7.608   -11.519 -8.566  1.00 74.30  ? 120 ILE A O   1 
ATOM   799  C  CB  . ILE A 1 120 ? 7.938   -12.232 -5.974  1.00 75.80  ? 120 ILE A CB  1 
ATOM   800  C  CG1 . ILE A 1 120 ? 7.941   -12.187 -4.450  1.00 76.73  ? 120 ILE A CG1 1 
ATOM   801  C  CG2 . ILE A 1 120 ? 8.673   -13.479 -6.406  1.00 76.63  ? 120 ILE A CG2 1 
ATOM   802  C  CD1 . ILE A 1 120 ? 9.368   -12.156 -3.893  1.00 77.69  ? 120 ILE A CD1 1 
ATOM   803  N  N   . GLU A 1 121 ? 9.254   -9.987  -8.589  1.00 75.25  ? 121 GLU A N   1 
ATOM   804  C  CA  . GLU A 1 121 ? 9.205   -9.788  -10.029 1.00 77.42  ? 121 GLU A CA  1 
ATOM   805  C  C   . GLU A 1 121 ? 10.525  -9.231  -10.535 1.00 77.49  ? 121 GLU A C   1 
ATOM   806  O  O   . GLU A 1 121 ? 10.974  -9.561  -11.640 1.00 76.50  ? 121 GLU A O   1 
ATOM   807  C  CB  . GLU A 1 121 ? 8.056   -8.855  -10.433 1.00 80.77  ? 121 GLU A CB  1 
ATOM   808  C  CG  . GLU A 1 121 ? 7.728   -8.931  -11.930 1.00 85.85  ? 121 GLU A CG  1 
ATOM   809  C  CD  . GLU A 1 121 ? 6.569   -8.023  -12.360 1.00 88.48  ? 121 GLU A CD  1 
ATOM   810  O  OE1 . GLU A 1 121 ? 5.464   -8.133  -11.785 1.00 89.83  ? 121 GLU A OE1 1 
ATOM   811  O  OE2 . GLU A 1 121 ? 6.760   -7.201  -13.284 1.00 90.53  ? 121 GLU A OE2 1 
ATOM   812  N  N   . CYS A 1 122 ? 11.135  -8.370  -9.727  1.00 78.39  ? 122 CYS A N   1 
ATOM   813  C  CA  . CYS A 1 122 ? 12.411  -7.762  -10.089 1.00 80.99  ? 122 CYS A CA  1 
ATOM   814  C  C   . CYS A 1 122 ? 13.412  -7.804  -8.930  1.00 82.34  ? 122 CYS A C   1 
ATOM   815  O  O   . CYS A 1 122 ? 13.036  -7.928  -7.765  1.00 84.01  ? 122 CYS A O   1 
ATOM   816  C  CB  . CYS A 1 122 ? 12.205  -6.308  -10.550 1.00 79.76  ? 122 CYS A CB  1 
ATOM   817  S  SG  . CYS A 1 122 ? 11.488  -5.205  -9.318  1.00 79.74  ? 122 CYS A SG  1 
ATOM   818  N  N   . LEU A 1 128 ? 17.056  -15.929 -1.043  1.00 79.12  ? 128 LEU A N   1 
ATOM   819  C  CA  . LEU A 1 128 ? 16.090  -15.180 -0.251  1.00 78.03  ? 128 LEU A CA  1 
ATOM   820  C  C   . LEU A 1 128 ? 14.677  -15.454 -0.735  1.00 79.52  ? 128 LEU A C   1 
ATOM   821  O  O   . LEU A 1 128 ? 14.426  -15.523 -1.942  1.00 81.34  ? 128 LEU A O   1 
ATOM   822  C  CB  . LEU A 1 128 ? 16.361  -13.678 -0.351  1.00 78.77  ? 128 LEU A CB  1 
ATOM   823  C  CG  . LEU A 1 128 ? 16.365  -13.139 -1.793  1.00 78.23  ? 128 LEU A CG  1 
ATOM   824  C  CD1 . LEU A 1 128 ? 15.921  -11.665 -1.836  1.00 78.46  ? 128 LEU A CD1 1 
ATOM   825  C  CD2 . LEU A 1 128 ? 17.764  -13.316 -2.381  1.00 77.15  ? 128 LEU A CD2 1 
ATOM   826  N  N   . PHE A 1 129 ? 13.754  -15.591 0.212   1.00 80.19  ? 129 PHE A N   1 
ATOM   827  C  CA  . PHE A 1 129 ? 12.339  -15.859 -0.079  1.00 79.94  ? 129 PHE A CA  1 
ATOM   828  C  C   . PHE A 1 129 ? 12.042  -17.265 -0.579  1.00 79.57  ? 129 PHE A C   1 
ATOM   829  O  O   . PHE A 1 129 ? 12.911  -18.140 -0.606  1.00 78.26  ? 129 PHE A O   1 
ATOM   830  C  CB  . PHE A 1 129 ? 11.774  -14.809 -1.055  1.00 78.80  ? 129 PHE A CB  1 
ATOM   831  C  CG  . PHE A 1 129 ? 11.405  -13.518 -0.376  1.00 79.25  ? 129 PHE A CG  1 
ATOM   832  C  CD1 . PHE A 1 129 ? 10.372  -13.491 0.563   1.00 79.04  ? 129 PHE A CD1 1 
ATOM   833  C  CD2 . PHE A 1 129 ? 12.143  -12.358 -0.591  1.00 78.84  ? 129 PHE A CD2 1 
ATOM   834  C  CE1 . PHE A 1 129 ? 10.082  -12.333 1.286   1.00 78.55  ? 129 PHE A CE1 1 
ATOM   835  C  CE2 . PHE A 1 129 ? 11.864  -11.192 0.128   1.00 78.50  ? 129 PHE A CE2 1 
ATOM   836  C  CZ  . PHE A 1 129 ? 10.832  -11.183 1.068   1.00 78.48  ? 129 PHE A CZ  1 
ATOM   837  N  N   . ALA A 1 130 ? 10.797  -17.487 -0.964  1.00 78.82  ? 130 ALA A N   1 
ATOM   838  C  CA  . ALA A 1 130 ? 10.422  -18.791 -1.449  1.00 80.15  ? 130 ALA A CA  1 
ATOM   839  C  C   . ALA A 1 130 ? 9.313   -18.700 -2.487  1.00 81.09  ? 130 ALA A C   1 
ATOM   840  O  O   . ALA A 1 130 ? 9.373   -19.365 -3.518  1.00 82.14  ? 130 ALA A O   1 
ATOM   841  C  CB  . ALA A 1 130 ? 10.005  -19.669 -0.291  1.00 79.46  ? 130 ALA A CB  1 
ATOM   842  N  N   . SER A 1 131 ? 8.295   -17.891 -2.218  1.00 81.56  ? 131 SER A N   1 
ATOM   843  C  CA  . SER A 1 131 ? 7.194   -17.709 -3.167  1.00 81.46  ? 131 SER A CA  1 
ATOM   844  C  C   . SER A 1 131 ? 6.660   -16.313 -2.961  1.00 79.85  ? 131 SER A C   1 
ATOM   845  O  O   . SER A 1 131 ? 7.200   -15.546 -2.171  1.00 79.37  ? 131 SER A O   1 
ATOM   846  C  CB  . SER A 1 131 ? 6.067   -18.737 -2.946  1.00 83.29  ? 131 SER A CB  1 
ATOM   847  O  OG  . SER A 1 131 ? 6.473   -20.049 -3.346  1.00 86.21  ? 131 SER A OG  1 
ATOM   848  N  N   . ALA A 1 132 ? 5.618   -15.968 -3.698  1.00 78.58  ? 132 ALA A N   1 
ATOM   849  C  CA  . ALA A 1 132 ? 4.997   -14.667 -3.541  1.00 76.00  ? 132 ALA A CA  1 
ATOM   850  C  C   . ALA A 1 132 ? 4.101   -14.748 -2.312  1.00 73.39  ? 132 ALA A C   1 
ATOM   851  O  O   . ALA A 1 132 ? 3.779   -13.736 -1.711  1.00 73.08  ? 132 ALA A O   1 
ATOM   852  C  CB  . ALA A 1 132 ? 4.189   -14.329 -4.767  1.00 77.14  ? 132 ALA A CB  1 
ATOM   853  N  N   . ASP A 1 133 ? 3.697   -15.968 -1.963  1.00 71.49  ? 133 ASP A N   1 
ATOM   854  C  CA  . ASP A 1 133 ? 2.871   -16.182 -0.793  1.00 71.94  ? 133 ASP A CA  1 
ATOM   855  C  C   . ASP A 1 133 ? 3.719   -15.963 0.443   1.00 72.29  ? 133 ASP A C   1 
ATOM   856  O  O   . ASP A 1 133 ? 3.201   -15.744 1.525   1.00 70.54  ? 133 ASP A O   1 
ATOM   857  N  N   . THR A 1 134 ? 5.035   -16.003 0.291   1.00 72.59  ? 134 THR A N   1 
ATOM   858  C  CA  . THR A 1 134 ? 5.906   -15.802 1.444   1.00 74.27  ? 134 THR A CA  1 
ATOM   859  C  C   . THR A 1 134 ? 6.017   -14.348 1.835   1.00 73.60  ? 134 THR A C   1 
ATOM   860  O  O   . THR A 1 134 ? 6.067   -14.017 3.016   1.00 73.77  ? 134 THR A O   1 
ATOM   861  C  CB  . THR A 1 134 ? 7.315   -16.317 1.186   1.00 76.25  ? 134 THR A CB  1 
ATOM   862  O  OG1 . THR A 1 134 ? 7.264   -17.735 0.989   1.00 77.42  ? 134 THR A OG1 1 
ATOM   863  C  CG2 . THR A 1 134 ? 8.232   -15.988 2.364   1.00 78.75  ? 134 THR A CG2 1 
ATOM   864  N  N   . ALA A 1 135 ? 6.110   -13.490 0.830   1.00 74.64  ? 135 ALA A N   1 
ATOM   865  C  CA  . ALA A 1 135 ? 6.194   -12.064 1.045   1.00 76.59  ? 135 ALA A CA  1 
ATOM   866  C  C   . ALA A 1 135 ? 4.815   -11.585 1.475   1.00 77.09  ? 135 ALA A C   1 
ATOM   867  O  O   . ALA A 1 135 ? 4.677   -10.619 2.219   1.00 77.90  ? 135 ALA A O   1 
ATOM   868  C  CB  . ALA A 1 135 ? 6.601   -11.384 -0.238  1.00 76.86  ? 135 ALA A CB  1 
ATOM   869  N  N   . TYR A 1 136 ? 3.789   -12.244 0.960   1.00 76.94  ? 136 TYR A N   1 
ATOM   870  C  CA  . TYR A 1 136 ? 2.428   -11.891 1.300   1.00 75.52  ? 136 TYR A CA  1 
ATOM   871  C  C   . TYR A 1 136 ? 2.198   -11.909 2.806   1.00 74.80  ? 136 TYR A C   1 
ATOM   872  O  O   . TYR A 1 136 ? 1.729   -10.920 3.364   1.00 74.82  ? 136 TYR A O   1 
ATOM   873  C  CB  . TYR A 1 136 ? 1.478   -12.855 0.612   1.00 76.54  ? 136 TYR A CB  1 
ATOM   874  C  CG  . TYR A 1 136 ? 0.039   -12.674 0.976   1.00 77.15  ? 136 TYR A CG  1 
ATOM   875  C  CD1 . TYR A 1 136 ? -0.725  -11.651 0.411   1.00 77.93  ? 136 TYR A CD1 1 
ATOM   876  C  CD2 . TYR A 1 136 ? -0.585  -13.572 1.844   1.00 77.41  ? 136 TYR A CD2 1 
ATOM   877  C  CE1 . TYR A 1 136 ? -2.093  -11.538 0.688   1.00 79.43  ? 136 TYR A CE1 1 
ATOM   878  C  CE2 . TYR A 1 136 ? -1.941  -13.475 2.130   1.00 79.27  ? 136 TYR A CE2 1 
ATOM   879  C  CZ  . TYR A 1 136 ? -2.695  -12.461 1.551   1.00 79.86  ? 136 TYR A CZ  1 
ATOM   880  O  OH  . TYR A 1 136 ? -4.050  -12.414 1.805   1.00 81.37  ? 136 TYR A OH  1 
ATOM   881  N  N   . VAL A 1 137 ? 2.536   -13.032 3.447   1.00 75.31  ? 137 VAL A N   1 
ATOM   882  C  CA  . VAL A 1 137 ? 2.370   -13.232 4.903   1.00 75.62  ? 137 VAL A CA  1 
ATOM   883  C  C   . VAL A 1 137 ? 3.388   -12.486 5.745   1.00 75.96  ? 137 VAL A C   1 
ATOM   884  O  O   . VAL A 1 137 ? 3.196   -12.291 6.957   1.00 76.25  ? 137 VAL A O   1 
ATOM   885  C  CB  . VAL A 1 137 ? 2.512   -14.709 5.305   1.00 76.02  ? 137 VAL A CB  1 
ATOM   886  C  CG1 . VAL A 1 137 ? 2.451   -14.845 6.821   1.00 75.92  ? 137 VAL A CG1 1 
ATOM   887  C  CG2 . VAL A 1 137 ? 1.442   -15.536 4.647   1.00 76.06  ? 137 VAL A CG2 1 
ATOM   888  N  N   . LEU A 1 138 ? 4.492   -12.127 5.101   1.00 75.27  ? 138 LEU A N   1 
ATOM   889  C  CA  . LEU A 1 138 ? 5.562   -11.399 5.749   1.00 75.24  ? 138 LEU A CA  1 
ATOM   890  C  C   . LEU A 1 138 ? 5.152   -9.939  5.864   1.00 74.68  ? 138 LEU A C   1 
ATOM   891  O  O   . LEU A 1 138 ? 5.505   -9.254  6.832   1.00 74.60  ? 138 LEU A O   1 
ATOM   892  C  CB  . LEU A 1 138 ? 6.835   -11.485 4.920   1.00 75.07  ? 138 LEU A CB  1 
ATOM   893  C  CG  . LEU A 1 138 ? 8.038   -10.881 5.638   1.00 74.69  ? 138 LEU A CG  1 
ATOM   894  C  CD1 . LEU A 1 138 ? 8.432   -11.865 6.720   1.00 74.50  ? 138 LEU A CD1 1 
ATOM   895  C  CD2 . LEU A 1 138 ? 9.185   -10.611 4.695   1.00 74.13  ? 138 LEU A CD2 1 
ATOM   896  N  N   . ALA A 1 139 ? 4.401   -9.479  4.864   1.00 73.81  ? 139 ALA A N   1 
ATOM   897  C  CA  . ALA A 1 139 ? 3.910   -8.110  4.790   1.00 70.74  ? 139 ALA A CA  1 
ATOM   898  C  C   . ALA A 1 139 ? 2.950   -7.855  5.927   1.00 71.14  ? 139 ALA A C   1 
ATOM   899  O  O   . ALA A 1 139 ? 2.985   -6.795  6.552   1.00 71.77  ? 139 ALA A O   1 
ATOM   900  C  CB  . ALA A 1 139 ? 3.224   -7.887  3.454   1.00 67.97  ? 139 ALA A CB  1 
ATOM   901  N  N   . TYR A 1 140 ? 2.107   -8.854  6.188   1.00 73.32  ? 140 TYR A N   1 
ATOM   902  C  CA  . TYR A 1 140 ? 1.115   -8.806  7.255   1.00 74.54  ? 140 TYR A CA  1 
ATOM   903  C  C   . TYR A 1 140 ? 1.714   -8.906  8.662   1.00 74.79  ? 140 TYR A C   1 
ATOM   904  O  O   . TYR A 1 140 ? 1.166   -8.345  9.613   1.00 76.32  ? 140 TYR A O   1 
ATOM   905  C  CB  . TYR A 1 140 ? 0.103   -9.923  7.088   1.00 72.61  ? 140 TYR A CB  1 
ATOM   906  C  CG  . TYR A 1 140 ? -1.072  -9.574  6.217   1.00 70.87  ? 140 TYR A CG  1 
ATOM   907  C  CD1 . TYR A 1 140 ? -1.086  -9.886  4.866   1.00 71.58  ? 140 TYR A CD1 1 
ATOM   908  C  CD2 . TYR A 1 140 ? -2.193  -8.985  6.764   1.00 70.14  ? 140 TYR A CD2 1 
ATOM   909  C  CE1 . TYR A 1 140 ? -2.213  -9.639  4.084   1.00 72.64  ? 140 TYR A CE1 1 
ATOM   910  C  CE2 . TYR A 1 140 ? -3.311  -8.732  6.010   1.00 71.66  ? 140 TYR A CE2 1 
ATOM   911  C  CZ  . TYR A 1 140 ? -3.329  -9.059  4.670   1.00 72.40  ? 140 TYR A CZ  1 
ATOM   912  O  OH  . TYR A 1 140 ? -4.492  -8.842  3.962   1.00 73.65  ? 140 TYR A OH  1 
ATOM   913  N  N   . SER A 1 141 ? 2.813   -9.636  8.814   1.00 74.41  ? 141 SER A N   1 
ATOM   914  C  CA  . SER A 1 141 ? 3.435   -9.732  10.120  1.00 73.55  ? 141 SER A CA  1 
ATOM   915  C  C   . SER A 1 141 ? 4.043   -8.370  10.452  1.00 73.79  ? 141 SER A C   1 
ATOM   916  O  O   . SER A 1 141 ? 4.094   -7.983  11.611  1.00 75.18  ? 141 SER A O   1 
ATOM   917  C  CB  . SER A 1 141 ? 4.514   -10.785 10.117  1.00 72.39  ? 141 SER A CB  1 
ATOM   918  O  OG  . SER A 1 141 ? 5.455   -10.504 9.126   1.00 69.08  ? 141 SER A OG  1 
ATOM   919  N  N   . ILE A 1 142 ? 4.497   -7.644  9.427   1.00 72.88  ? 142 ILE A N   1 
ATOM   920  C  CA  . ILE A 1 142 ? 5.075   -6.309  9.603   1.00 72.46  ? 142 ILE A CA  1 
ATOM   921  C  C   . ILE A 1 142 ? 3.985   -5.313  9.920   1.00 71.09  ? 142 ILE A C   1 
ATOM   922  O  O   . ILE A 1 142 ? 4.206   -4.352  10.636  1.00 71.78  ? 142 ILE A O   1 
ATOM   923  C  CB  . ILE A 1 142 ? 5.763   -5.806  8.354   1.00 71.59  ? 142 ILE A CB  1 
ATOM   924  C  CG1 . ILE A 1 142 ? 6.851   -6.791  7.950   1.00 70.01  ? 142 ILE A CG1 1 
ATOM   925  C  CG2 . ILE A 1 142 ? 6.299   -4.415  8.602   1.00 71.93  ? 142 ILE A CG2 1 
ATOM   926  C  CD1 . ILE A 1 142 ? 7.549   -6.396  6.694   1.00 67.57  ? 142 ILE A CD1 1 
ATOM   927  N  N   . ILE A 1 143 ? 2.810   -5.515  9.346   1.00 71.24  ? 143 ILE A N   1 
ATOM   928  C  CA  . ILE A 1 143 ? 1.701   -4.629  9.646   1.00 70.91  ? 143 ILE A CA  1 
ATOM   929  C  C   . ILE A 1 143 ? 1.178   -5.053  11.007  1.00 71.91  ? 143 ILE A C   1 
ATOM   930  O  O   . ILE A 1 143 ? 0.365   -4.357  11.621  1.00 70.42  ? 143 ILE A O   1 
ATOM   931  C  CB  . ILE A 1 143 ? 0.556   -4.778  8.665   1.00 69.20  ? 143 ILE A CB  1 
ATOM   932  C  CG1 . ILE A 1 143 ? 0.982   -4.301  7.288   1.00 67.54  ? 143 ILE A CG1 1 
ATOM   933  C  CG2 . ILE A 1 143 ? -0.621  -3.999  9.165   1.00 71.45  ? 143 ILE A CG2 1 
ATOM   934  C  CD1 . ILE A 1 143 ? -0.005  -4.628  6.250   1.00 62.87  ? 143 ILE A CD1 1 
HETATM 935  N  N   . MSE A 1 144 ? 1.591   -6.235  11.446  1.00 74.90  ? 144 MSE A N   1 
HETATM 936  C  CA  . MSE A 1 144 ? 1.171   -6.738  12.747  1.00 78.05  ? 144 MSE A CA  1 
HETATM 937  C  C   . MSE A 1 144 ? 2.214   -6.305  13.794  1.00 76.35  ? 144 MSE A C   1 
HETATM 938  O  O   . MSE A 1 144 ? 2.171   -6.736  14.953  1.00 73.48  ? 144 MSE A O   1 
HETATM 939  C  CB  . MSE A 1 144 ? 1.064   -8.265  12.721  1.00 85.05  ? 144 MSE A CB  1 
HETATM 940  C  CG  . MSE A 1 144 ? 0.939   -8.912  14.117  1.00 97.12  ? 144 MSE A CG  1 
HETATM 941  SE SE  . MSE A 1 144 ? 1.401   -10.793 14.287  1.00 101.02 ? 144 MSE A SE  1 
HETATM 942  C  CE  . MSE A 1 144 ? 3.250   -10.535 14.754  1.00 109.51 ? 144 MSE A CE  1 
ATOM   943  N  N   . LEU A 1 145 ? 3.148   -5.453  13.364  1.00 73.81  ? 145 LEU A N   1 
ATOM   944  C  CA  . LEU A 1 145 ? 4.221   -4.935  14.213  1.00 73.99  ? 145 LEU A CA  1 
ATOM   945  C  C   . LEU A 1 145 ? 4.273   -3.385  14.167  1.00 74.29  ? 145 LEU A C   1 
ATOM   946  O  O   . LEU A 1 145 ? 4.623   -2.743  15.159  1.00 75.08  ? 145 LEU A O   1 
ATOM   947  C  CB  . LEU A 1 145 ? 5.569   -5.581  13.797  1.00 72.91  ? 145 LEU A CB  1 
ATOM   948  C  CG  . LEU A 1 145 ? 6.803   -5.620  14.722  1.00 71.21  ? 145 LEU A CG  1 
ATOM   949  C  CD1 . LEU A 1 145 ? 6.434   -6.251  16.045  1.00 71.18  ? 145 LEU A CD1 1 
ATOM   950  C  CD2 . LEU A 1 145 ? 7.929   -6.406  14.070  1.00 70.86  ? 145 LEU A CD2 1 
ATOM   951  N  N   . THR A 1 146 ? 3.938   -2.766  13.041  1.00 74.97  ? 146 THR A N   1 
ATOM   952  C  CA  . THR A 1 146 ? 3.937   -1.299  13.043  1.00 77.30  ? 146 THR A CA  1 
ATOM   953  C  C   . THR A 1 146 ? 2.694   -0.772  13.761  1.00 80.18  ? 146 THR A C   1 
ATOM   954  O  O   . THR A 1 146 ? 2.613   0.417   14.077  1.00 81.91  ? 146 THR A O   1 
ATOM   955  C  CB  . THR A 1 146 ? 3.927   -0.683  11.637  1.00 76.45  ? 146 THR A CB  1 
ATOM   956  O  OG1 . THR A 1 146 ? 3.845   0.743   11.746  1.00 74.30  ? 146 THR A OG1 1 
ATOM   957  C  CG2 . THR A 1 146 ? 2.724   -1.161  10.842  1.00 74.07  ? 146 THR A CG2 1 
ATOM   958  N  N   . THR A 1 147 ? 1.724   -1.659  14.003  1.00 81.09  ? 147 THR A N   1 
ATOM   959  C  CA  . THR A 1 147 ? 0.477   -1.290  14.695  1.00 80.24  ? 147 THR A CA  1 
ATOM   960  C  C   . THR A 1 147 ? 0.593   -1.675  16.160  1.00 80.82  ? 147 THR A C   1 
ATOM   961  O  O   . THR A 1 147 ? -0.036  -1.069  17.040  1.00 80.64  ? 147 THR A O   1 
ATOM   962  C  CB  . THR A 1 147 ? -0.777  -2.034  14.143  1.00 78.66  ? 147 THR A CB  1 
ATOM   963  O  OG1 . THR A 1 147 ? -0.748  -2.054  12.710  1.00 76.38  ? 147 THR A OG1 1 
ATOM   964  C  CG2 . THR A 1 147 ? -2.051  -1.338  14.628  1.00 78.48  ? 147 THR A CG2 1 
ATOM   965  N  N   . ASP A 1 148 ? 1.379   -2.715  16.400  1.00 80.69  ? 148 ASP A N   1 
ATOM   966  C  CA  . ASP A 1 148 ? 1.599   -3.207  17.741  1.00 81.71  ? 148 ASP A CA  1 
ATOM   967  C  C   . ASP A 1 148 ? 2.603   -2.270  18.453  1.00 82.78  ? 148 ASP A C   1 
ATOM   968  O  O   . ASP A 1 148 ? 2.489   -2.019  19.659  1.00 83.28  ? 148 ASP A O   1 
ATOM   969  C  CB  . ASP A 1 148 ? 2.105   -4.659  17.657  1.00 81.48  ? 148 ASP A CB  1 
ATOM   970  C  CG  . ASP A 1 148 ? 2.002   -5.407  18.984  1.00 81.00  ? 148 ASP A CG  1 
ATOM   971  O  OD1 . ASP A 1 148 ? 2.897   -5.248  19.848  1.00 79.56  ? 148 ASP A OD1 1 
ATOM   972  O  OD2 . ASP A 1 148 ? 1.022   -6.163  19.159  1.00 82.44  ? 148 ASP A OD2 1 
ATOM   973  N  N   . LEU A 1 149 ? 3.554   -1.712  17.706  1.00 83.08  ? 149 LEU A N   1 
ATOM   974  C  CA  . LEU A 1 149 ? 4.553   -0.826  18.303  1.00 82.64  ? 149 LEU A CA  1 
ATOM   975  C  C   . LEU A 1 149 ? 4.492   0.612   17.789  1.00 83.77  ? 149 LEU A C   1 
ATOM   976  O  O   . LEU A 1 149 ? 3.618   1.390   18.172  1.00 84.86  ? 149 LEU A O   1 
ATOM   977  C  CB  . LEU A 1 149 ? 5.959   -1.405  18.075  1.00 81.52  ? 149 LEU A CB  1 
ATOM   978  C  CG  . LEU A 1 149 ? 6.314   -2.730  18.781  1.00 79.71  ? 149 LEU A CG  1 
ATOM   979  C  CD1 . LEU A 1 149 ? 7.607   -3.307  18.229  1.00 77.17  ? 149 LEU A CD1 1 
ATOM   980  C  CD2 . LEU A 1 149 ? 6.439   -2.496  20.273  1.00 79.07  ? 149 LEU A CD2 1 
ATOM   981  N  N   . PRO A 1 152 ? 0.543   0.340   21.462  1.00 84.98  ? 152 PRO A N   1 
ATOM   982  C  CA  . PRO A 1 152 ? 0.629   1.564   22.263  1.00 84.98  ? 152 PRO A CA  1 
ATOM   983  C  C   . PRO A 1 152 ? -0.132  1.536   23.596  1.00 84.06  ? 152 PRO A C   1 
ATOM   984  O  O   . PRO A 1 152 ? 0.109   2.376   24.466  1.00 84.62  ? 152 PRO A O   1 
ATOM   985  C  CB  . PRO A 1 152 ? 0.095   2.628   21.314  1.00 85.63  ? 152 PRO A CB  1 
ATOM   986  C  CG  . PRO A 1 152 ? -0.850  1.865   20.422  1.00 85.59  ? 152 PRO A CG  1 
ATOM   987  C  CD  . PRO A 1 152 ? -0.047  0.623   20.141  1.00 85.44  ? 152 PRO A CD  1 
ATOM   988  N  N   . GLN A 1 153 ? -1.056  0.587   23.750  1.00 83.16  ? 153 GLN A N   1 
ATOM   989  C  CA  . GLN A 1 153 ? -1.832  0.464   24.990  1.00 81.94  ? 153 GLN A CA  1 
ATOM   990  C  C   . GLN A 1 153 ? -1.551  -0.879  25.640  1.00 80.80  ? 153 GLN A C   1 
ATOM   991  O  O   . GLN A 1 153 ? -2.295  -1.320  26.522  1.00 80.38  ? 153 GLN A O   1 
ATOM   992  C  CB  . GLN A 1 153 ? -3.331  0.563   24.718  1.00 80.56  ? 153 GLN A CB  1 
ATOM   993  C  CG  . GLN A 1 153 ? -3.826  -0.409  23.668  1.00 79.72  ? 153 GLN A CG  1 
ATOM   994  C  CD  . GLN A 1 153 ? -4.053  0.257   22.328  1.00 79.33  ? 153 GLN A CD  1 
ATOM   995  O  OE1 . GLN A 1 153 ? -3.653  1.403   22.107  1.00 79.07  ? 153 GLN A OE1 1 
ATOM   996  N  NE2 . GLN A 1 153 ? -4.699  -0.459  21.420  1.00 78.87  ? 153 GLN A NE2 1 
ATOM   997  N  N   . VAL A 1 154 ? -0.486  -1.531  25.180  1.00 80.34  ? 154 VAL A N   1 
ATOM   998  C  CA  . VAL A 1 154 ? -0.104  -2.820  25.722  1.00 81.13  ? 154 VAL A CA  1 
ATOM   999  C  C   . VAL A 1 154 ? 1.221   -2.692  26.440  1.00 80.72  ? 154 VAL A C   1 
ATOM   1000 O  O   . VAL A 1 154 ? 2.159   -2.112  25.898  1.00 80.58  ? 154 VAL A O   1 
ATOM   1001 C  CB  . VAL A 1 154 ? 0.074   -3.900  24.630  1.00 80.18  ? 154 VAL A CB  1 
ATOM   1002 C  CG1 . VAL A 1 154 ? 0.195   -5.275  25.299  1.00 80.66  ? 154 VAL A CG1 1 
ATOM   1003 C  CG2 . VAL A 1 154 ? -1.083  -3.871  23.643  1.00 79.53  ? 154 VAL A CG2 1 
ATOM   1004 N  N   . LYS A 1 155 ? 1.279   -3.245  27.654  1.00 82.12  ? 155 LYS A N   1 
ATOM   1005 C  CA  . LYS A 1 155 ? 2.490   -3.254  28.485  1.00 83.59  ? 155 LYS A CA  1 
ATOM   1006 C  C   . LYS A 1 155 ? 3.567   -4.135  27.876  1.00 82.89  ? 155 LYS A C   1 
ATOM   1007 O  O   . LYS A 1 155 ? 4.732   -3.747  27.795  1.00 84.09  ? 155 LYS A O   1 
ATOM   1008 C  CB  . LYS A 1 155 ? 2.191   -3.769  29.904  1.00 84.87  ? 155 LYS A CB  1 
ATOM   1009 C  CG  . LYS A 1 155 ? 3.427   -4.322  30.672  1.00 86.04  ? 155 LYS A CG  1 
ATOM   1010 C  CD  . LYS A 1 155 ? 4.245   -3.246  31.395  1.00 85.96  ? 155 LYS A CD  1 
ATOM   1011 C  CE  . LYS A 1 155 ? 3.664   -2.885  32.751  1.00 85.65  ? 155 LYS A CE  1 
ATOM   1012 N  NZ  . LYS A 1 155 ? 4.469   -1.789  33.366  1.00 85.33  ? 155 LYS A NZ  1 
ATOM   1013 N  N   . ASN A 1 156 ? 3.208   -5.344  27.485  1.00 81.21  ? 156 ASN A N   1 
ATOM   1014 C  CA  . ASN A 1 156 ? 4.219   -6.181  26.884  1.00 81.47  ? 156 ASN A CA  1 
ATOM   1015 C  C   . ASN A 1 156 ? 4.234   -5.853  25.391  1.00 80.54  ? 156 ASN A C   1 
ATOM   1016 O  O   . ASN A 1 156 ? 3.216   -5.471  24.819  1.00 78.97  ? 156 ASN A O   1 
ATOM   1017 C  CB  . ASN A 1 156 ? 3.903   -7.663  27.130  1.00 80.04  ? 156 ASN A CB  1 
ATOM   1018 N  N   . LYS A 1 157 ? 5.407   -5.969  24.783  1.00 80.66  ? 157 LYS A N   1 
ATOM   1019 C  CA  . LYS A 1 157 ? 5.582   -5.718  23.358  1.00 81.17  ? 157 LYS A CA  1 
ATOM   1020 C  C   . LYS A 1 157 ? 5.868   -7.076  22.701  1.00 83.22  ? 157 LYS A C   1 
ATOM   1021 O  O   . LYS A 1 157 ? 5.930   -8.093  23.411  1.00 83.68  ? 157 LYS A O   1 
ATOM   1022 C  CB  . LYS A 1 157 ? 6.757   -4.767  23.148  1.00 81.35  ? 157 LYS A CB  1 
HETATM 1023 N  N   . MSE A 1 158 ? 6.024   -7.120  21.371  1.00 84.53  ? 158 MSE A N   1 
HETATM 1024 C  CA  . MSE A 1 158 ? 6.355   -8.393  20.676  1.00 85.61  ? 158 MSE A CA  1 
HETATM 1025 C  C   . MSE A 1 158 ? 7.762   -8.898  21.014  1.00 85.43  ? 158 MSE A C   1 
HETATM 1026 O  O   . MSE A 1 158 ? 8.755   -8.306  20.599  1.00 84.73  ? 158 MSE A O   1 
HETATM 1027 C  CB  . MSE A 1 158 ? 6.280   -8.238  19.157  1.00 85.75  ? 158 MSE A CB  1 
HETATM 1028 C  CG  . MSE A 1 158 ? 4.892   -8.146  18.598  1.00 86.67  ? 158 MSE A CG  1 
HETATM 1029 SE SE  . MSE A 1 158 ? 4.439   -9.634  17.549  1.00 86.58  ? 158 MSE A SE  1 
HETATM 1030 C  CE  . MSE A 1 158 ? 2.574   -9.831  18.025  1.00 86.61  ? 158 MSE A CE  1 
ATOM   1031 N  N   . THR A 1 159 ? 7.827   -10.009 21.743  1.00 86.08  ? 159 THR A N   1 
ATOM   1032 C  CA  . THR A 1 159 ? 9.089   -10.610 22.193  1.00 85.04  ? 159 THR A CA  1 
ATOM   1033 C  C   . THR A 1 159 ? 10.199  -10.808 21.135  1.00 85.50  ? 159 THR A C   1 
ATOM   1034 O  O   . THR A 1 159 ? 9.919   -11.182 19.997  1.00 86.61  ? 159 THR A O   1 
ATOM   1035 C  CB  . THR A 1 159 ? 8.845   -12.002 22.826  1.00 84.35  ? 159 THR A CB  1 
ATOM   1036 O  OG1 . THR A 1 159 ? 7.514   -12.077 23.354  1.00 83.39  ? 159 THR A OG1 1 
ATOM   1037 C  CG2 . THR A 1 159 ? 9.858   -12.267 23.966  1.00 83.82  ? 159 THR A CG2 1 
ATOM   1038 N  N   . LYS A 1 160 ? 11.454  -10.539 21.509  1.00 84.03  ? 160 LYS A N   1 
ATOM   1039 C  CA  . LYS A 1 160 ? 12.584  -10.764 20.611  1.00 80.34  ? 160 LYS A CA  1 
ATOM   1040 C  C   . LYS A 1 160 ? 12.641  -12.256 20.346  1.00 77.53  ? 160 LYS A C   1 
ATOM   1041 O  O   . LYS A 1 160 ? 13.030  -12.674 19.271  1.00 78.03  ? 160 LYS A O   1 
ATOM   1042 N  N   . GLU A 1 161 ? 12.229  -13.051 21.338  1.00 76.53  ? 161 GLU A N   1 
ATOM   1043 C  CA  . GLU A 1 161 ? 12.157  -14.505 21.203  1.00 74.64  ? 161 GLU A CA  1 
ATOM   1044 C  C   . GLU A 1 161 ? 10.926  -14.861 20.386  1.00 73.28  ? 161 GLU A C   1 
ATOM   1045 O  O   . GLU A 1 161 ? 10.948  -15.756 19.543  1.00 71.27  ? 161 GLU A O   1 
ATOM   1046 N  N   . GLN A 1 162 ? 9.839   -14.140 20.640  1.00 75.30  ? 162 GLN A N   1 
ATOM   1047 C  CA  . GLN A 1 162 ? 8.616   -14.348 19.883  1.00 77.48  ? 162 GLN A CA  1 
ATOM   1048 C  C   . GLN A 1 162 ? 8.750   -13.685 18.523  1.00 79.21  ? 162 GLN A C   1 
ATOM   1049 O  O   . GLN A 1 162 ? 9.827   -13.214 18.166  1.00 80.52  ? 162 GLN A O   1 
ATOM   1050 N  N   . TYR A 1 163 ? 7.676   -13.651 17.748  1.00 80.28  ? 163 TYR A N   1 
ATOM   1051 C  CA  . TYR A 1 163 ? 7.739   -13.039 16.422  1.00 81.36  ? 163 TYR A CA  1 
ATOM   1052 C  C   . TYR A 1 163 ? 8.615   -13.874 15.478  1.00 81.39  ? 163 TYR A C   1 
ATOM   1053 O  O   . TYR A 1 163 ? 8.497   -13.787 14.262  1.00 80.54  ? 163 TYR A O   1 
ATOM   1054 C  CB  . TYR A 1 163 ? 8.258   -11.588 16.523  1.00 80.74  ? 163 TYR A CB  1 
ATOM   1055 C  CG  . TYR A 1 163 ? 8.113   -10.774 15.241  1.00 81.76  ? 163 TYR A CG  1 
ATOM   1056 C  CD1 . TYR A 1 163 ? 9.229   -10.440 14.469  1.00 81.70  ? 163 TYR A CD1 1 
ATOM   1057 C  CD2 . TYR A 1 163 ? 6.849   -10.420 14.754  1.00 81.37  ? 163 TYR A CD2 1 
ATOM   1058 C  CE1 . TYR A 1 163 ? 9.085   -9.791  13.237  1.00 82.50  ? 163 TYR A CE1 1 
ATOM   1059 C  CE2 . TYR A 1 163 ? 6.692   -9.772  13.525  1.00 82.06  ? 163 TYR A CE2 1 
ATOM   1060 C  CZ  . TYR A 1 163 ? 7.811   -9.468  12.766  1.00 82.88  ? 163 TYR A CZ  1 
ATOM   1061 O  OH  . TYR A 1 163 ? 7.659   -8.926  11.505  1.00 84.29  ? 163 TYR A OH  1 
ATOM   1062 N  N   . ILE A 1 164 ? 9.490   -14.698 16.037  1.00 81.84  ? 164 ILE A N   1 
ATOM   1063 C  CA  . ILE A 1 164 ? 10.329  -15.551 15.212  1.00 81.77  ? 164 ILE A CA  1 
ATOM   1064 C  C   . ILE A 1 164 ? 9.754   -16.945 15.349  1.00 81.62  ? 164 ILE A C   1 
ATOM   1065 O  O   . ILE A 1 164 ? 9.755   -17.736 14.405  1.00 81.83  ? 164 ILE A O   1 
ATOM   1066 C  CB  . ILE A 1 164 ? 11.778  -15.570 15.687  1.00 82.43  ? 164 ILE A CB  1 
ATOM   1067 C  CG1 . ILE A 1 164 ? 12.342  -14.143 15.696  1.00 82.94  ? 164 ILE A CG1 1 
ATOM   1068 C  CG2 . ILE A 1 164 ? 12.575  -16.473 14.780  1.00 82.91  ? 164 ILE A CG2 1 
ATOM   1069 C  CD1 . ILE A 1 164 ? 13.760  -14.072 16.241  1.00 82.99  ? 164 ILE A CD1 1 
ATOM   1070 N  N   . LYS A 1 165 ? 9.285   -17.246 16.552  1.00 81.92  ? 165 LYS A N   1 
ATOM   1071 C  CA  . LYS A 1 165 ? 8.674   -18.538 16.821  1.00 83.26  ? 165 LYS A CA  1 
ATOM   1072 C  C   . LYS A 1 165 ? 7.257   -18.489 16.260  1.00 83.93  ? 165 LYS A C   1 
ATOM   1073 O  O   . LYS A 1 165 ? 6.646   -19.521 15.941  1.00 84.22  ? 165 LYS A O   1 
ATOM   1074 C  CB  . LYS A 1 165 ? 8.640   -18.790 18.314  1.00 81.61  ? 165 LYS A CB  1 
HETATM 1075 N  N   . MSE A 1 166 ? 6.748   -17.269 16.155  1.00 84.28  ? 166 MSE A N   1 
HETATM 1076 C  CA  . MSE A 1 166 ? 5.423   -17.017 15.642  1.00 85.14  ? 166 MSE A CA  1 
HETATM 1077 C  C   . MSE A 1 166 ? 5.369   -17.008 14.095  1.00 84.03  ? 166 MSE A C   1 
HETATM 1078 O  O   . MSE A 1 166 ? 4.336   -17.338 13.496  1.00 84.12  ? 166 MSE A O   1 
HETATM 1079 C  CB  . MSE A 1 166 ? 4.973   -15.694 16.215  1.00 86.01  ? 166 MSE A CB  1 
HETATM 1080 C  CG  . MSE A 1 166 ? 3.629   -15.282 15.751  1.00 88.14  ? 166 MSE A CG  1 
HETATM 1081 SE SE  . MSE A 1 166 ? 3.302   -13.519 16.385  1.00 89.62  ? 166 MSE A SE  1 
HETATM 1082 C  CE  . MSE A 1 166 ? 2.855   -13.886 18.227  1.00 91.16  ? 166 MSE A CE  1 
ATOM   1083 N  N   . ASN A 1 167 ? 6.490   -16.634 13.467  1.00 83.60  ? 167 ASN A N   1 
ATOM   1084 C  CA  . ASN A 1 167 ? 6.628   -16.578 12.000  1.00 81.95  ? 167 ASN A CA  1 
ATOM   1085 C  C   . ASN A 1 167 ? 7.256   -17.838 11.435  1.00 82.47  ? 167 ASN A C   1 
ATOM   1086 O  O   . ASN A 1 167 ? 7.745   -17.853 10.292  1.00 83.18  ? 167 ASN A O   1 
ATOM   1087 C  CB  . ASN A 1 167 ? 7.533   -15.434 11.559  1.00 79.90  ? 167 ASN A CB  1 
ATOM   1088 C  CG  . ASN A 1 167 ? 6.897   -14.080 11.726  1.00 78.33  ? 167 ASN A CG  1 
ATOM   1089 O  OD1 . ASN A 1 167 ? 7.282   -13.117 11.059  1.00 77.52  ? 167 ASN A OD1 1 
ATOM   1090 N  ND2 . ASN A 1 167 ? 5.929   -13.988 12.626  1.00 77.04  ? 167 ASN A ND2 1 
ATOM   1091 N  N   . ARG A 1 168 ? 7.285   -18.877 12.254  1.00 83.86  ? 168 ARG A N   1 
ATOM   1092 C  CA  . ARG A 1 168 ? 7.865   -20.147 11.858  1.00 86.10  ? 168 ARG A CA  1 
ATOM   1093 C  C   . ARG A 1 168 ? 7.048   -20.830 10.770  1.00 87.04  ? 168 ARG A C   1 
ATOM   1094 O  O   . ARG A 1 168 ? 5.846   -21.032 10.914  1.00 87.50  ? 168 ARG A O   1 
ATOM   1095 C  CB  . ARG A 1 168 ? 7.997   -21.050 13.096  1.00 84.74  ? 168 ARG A CB  1 
ATOM   1096 C  CG  . ARG A 1 168 ? 8.356   -22.504 12.796  1.00 83.78  ? 168 ARG A CG  1 
ATOM   1097 C  CD  . ARG A 1 168 ? 9.153   -23.096 13.953  1.00 83.02  ? 168 ARG A CD  1 
ATOM   1098 N  NE  . ARG A 1 168 ? 10.480  -22.485 14.035  1.00 83.28  ? 168 ARG A NE  1 
ATOM   1099 C  CZ  . ARG A 1 168 ? 11.401  -22.779 14.950  1.00 83.43  ? 168 ARG A CZ  1 
ATOM   1100 N  NH1 . ARG A 1 168 ? 12.578  -22.161 14.926  1.00 83.68  ? 168 ARG A NH1 1 
ATOM   1101 N  NH2 . ARG A 1 168 ? 11.152  -23.681 15.889  1.00 84.34  ? 168 ARG A NH2 1 
ATOM   1102 N  N   . GLY A 1 169 ? 7.715   -21.184 9.680   1.00 86.18  ? 169 GLY A N   1 
ATOM   1103 C  CA  . GLY A 1 169 ? 7.025   -21.851 8.603   1.00 85.12  ? 169 GLY A CA  1 
ATOM   1104 C  C   . GLY A 1 169 ? 6.452   -20.847 7.644   1.00 84.91  ? 169 GLY A C   1 
ATOM   1105 O  O   . GLY A 1 169 ? 5.245   -20.743 7.466   1.00 84.47  ? 169 GLY A O   1 
ATOM   1106 N  N   . ILE A 1 170 ? 7.335   -20.090 7.022   1.00 84.54  ? 170 ILE A N   1 
ATOM   1107 C  CA  . ILE A 1 170 ? 6.889   -19.108 6.073   1.00 83.01  ? 170 ILE A CA  1 
ATOM   1108 C  C   . ILE A 1 170 ? 7.550   -19.360 4.709   1.00 83.91  ? 170 ILE A C   1 
ATOM   1109 O  O   . ILE A 1 170 ? 7.066   -18.860 3.694   1.00 85.34  ? 170 ILE A O   1 
ATOM   1110 C  CB  . ILE A 1 170 ? 7.137   -17.695 6.647   1.00 79.91  ? 170 ILE A CB  1 
ATOM   1111 C  CG1 . ILE A 1 170 ? 6.423   -16.643 5.807   1.00 77.64  ? 170 ILE A CG1 1 
ATOM   1112 C  CG2 . ILE A 1 170 ? 8.632   -17.449 6.792   1.00 80.24  ? 170 ILE A CG2 1 
ATOM   1113 C  CD1 . ILE A 1 170 ? 6.482   -15.291 6.442   1.00 73.96  ? 170 ILE A CD1 1 
ATOM   1114 N  N   . ASN A 1 171 ? 8.642   -20.140 4.685   1.00 83.82  ? 171 ASN A N   1 
ATOM   1115 C  CA  . ASN A 1 171 ? 9.310   -20.530 3.425   1.00 83.25  ? 171 ASN A CA  1 
ATOM   1116 C  C   . ASN A 1 171 ? 9.005   -22.018 3.174   1.00 84.09  ? 171 ASN A C   1 
ATOM   1117 O  O   . ASN A 1 171 ? 9.839   -22.890 3.456   1.00 83.17  ? 171 ASN A O   1 
ATOM   1118 C  CB  . ASN A 1 171 ? 10.833  -20.404 3.492   1.00 81.28  ? 171 ASN A CB  1 
ATOM   1119 C  CG  . ASN A 1 171 ? 11.342  -19.030 3.092   1.00 80.11  ? 171 ASN A CG  1 
ATOM   1120 O  OD1 . ASN A 1 171 ? 10.873  -18.422 2.135   1.00 80.55  ? 171 ASN A OD1 1 
ATOM   1121 N  ND2 . ASN A 1 171 ? 12.342  -18.555 3.807   1.00 77.24  ? 171 ASN A ND2 1 
ATOM   1122 N  N   . ASP A 1 172 ? 7.808   -22.311 2.674   1.00 84.19  ? 172 ASP A N   1 
ATOM   1123 C  CA  . ASP A 1 172 ? 7.401   -23.689 2.409   1.00 85.09  ? 172 ASP A CA  1 
ATOM   1124 C  C   . ASP A 1 172 ? 7.201   -24.440 3.702   1.00 86.47  ? 172 ASP A C   1 
ATOM   1125 O  O   . ASP A 1 172 ? 6.074   -24.658 4.143   1.00 87.23  ? 172 ASP A O   1 
ATOM   1126 C  CB  . ASP A 1 172 ? 8.451   -24.406 1.566   1.00 83.54  ? 172 ASP A CB  1 
ATOM   1127 C  CG  . ASP A 1 172 ? 8.272   -24.142 0.108   1.00 82.15  ? 172 ASP A CG  1 
ATOM   1128 O  OD1 . ASP A 1 172 ? 8.238   -22.947 -0.256  1.00 79.63  ? 172 ASP A OD1 1 
ATOM   1129 O  OD2 . ASP A 1 172 ? 8.153   -25.120 -0.661  1.00 82.12  ? 172 ASP A OD2 1 
ATOM   1130 N  N   . SER A 1 173 ? 8.298   -24.854 4.310   1.00 86.09  ? 173 SER A N   1 
ATOM   1131 C  CA  . SER A 1 173 ? 8.172   -25.566 5.552   1.00 85.79  ? 173 SER A CA  1 
ATOM   1132 C  C   . SER A 1 173 ? 9.115   -24.951 6.547   1.00 83.93  ? 173 SER A C   1 
ATOM   1133 O  O   . SER A 1 173 ? 8.897   -25.060 7.750   1.00 83.96  ? 173 SER A O   1 
ATOM   1134 C  CB  . SER A 1 173 ? 8.483   -27.050 5.340   1.00 88.25  ? 173 SER A CB  1 
ATOM   1135 O  OG  . SER A 1 173 ? 7.542   -27.626 4.444   1.00 91.32  ? 173 SER A OG  1 
ATOM   1136 N  N   . LYS A 1 174 ? 10.140  -24.267 6.051   1.00 82.45  ? 174 LYS A N   1 
ATOM   1137 C  CA  . LYS A 1 174 ? 11.129  -23.674 6.942   1.00 82.42  ? 174 LYS A CA  1 
ATOM   1138 C  C   . LYS A 1 174 ? 10.934  -22.189 7.260   1.00 82.81  ? 174 LYS A C   1 
ATOM   1139 O  O   . LYS A 1 174 ? 10.091  -21.497 6.678   1.00 81.44  ? 174 LYS A O   1 
ATOM   1140 C  CB  . LYS A 1 174 ? 12.526  -23.913 6.379   1.00 80.14  ? 174 LYS A CB  1 
ATOM   1141 N  N   . ASP A 1 175 ? 11.729  -21.708 8.203   1.00 83.79  ? 175 ASP A N   1 
ATOM   1142 C  CA  . ASP A 1 175 ? 11.657  -20.323 8.597   1.00 84.55  ? 175 ASP A CA  1 
ATOM   1143 C  C   . ASP A 1 175 ? 12.513  -19.487 7.670   1.00 82.72  ? 175 ASP A C   1 
ATOM   1144 O  O   . ASP A 1 175 ? 13.217  -19.996 6.799   1.00 82.81  ? 175 ASP A O   1 
ATOM   1145 C  CB  . ASP A 1 175 ? 12.180  -20.155 10.035  1.00 88.40  ? 175 ASP A CB  1 
ATOM   1146 C  CG  . ASP A 1 175 ? 11.096  -19.711 11.009  1.00 92.56  ? 175 ASP A CG  1 
ATOM   1147 O  OD1 . ASP A 1 175 ? 10.493  -18.648 10.783  1.00 94.28  ? 175 ASP A OD1 1 
ATOM   1148 O  OD2 . ASP A 1 175 ? 10.835  -20.445 11.985  1.00 96.21  ? 175 ASP A OD2 1 
ATOM   1149 N  N   . LEU A 1 176 ? 12.397  -18.182 7.879   1.00 82.31  ? 176 LEU A N   1 
ATOM   1150 C  CA  . LEU A 1 176 ? 13.198  -17.177 7.190   1.00 84.14  ? 176 LEU A CA  1 
ATOM   1151 C  C   . LEU A 1 176 ? 14.432  -16.945 8.065   1.00 84.68  ? 176 LEU A C   1 
ATOM   1152 O  O   . LEU A 1 176 ? 14.328  -16.995 9.290   1.00 84.68  ? 176 LEU A O   1 
ATOM   1153 C  CB  . LEU A 1 176 ? 12.402  -15.873 7.031   1.00 79.89  ? 176 LEU A CB  1 
ATOM   1154 N  N   . PRO A 1 177 ? 15.614  -16.706 7.459   1.00 84.61  ? 177 PRO A N   1 
ATOM   1155 C  CA  . PRO A 1 177 ? 16.770  -16.496 8.335   1.00 86.25  ? 177 PRO A CA  1 
ATOM   1156 C  C   . PRO A 1 177 ? 16.482  -15.624 9.565   1.00 84.62  ? 177 PRO A C   1 
ATOM   1157 O  O   . PRO A 1 177 ? 16.055  -14.472 9.435   1.00 84.63  ? 177 PRO A O   1 
ATOM   1158 C  CB  . PRO A 1 177 ? 17.798  -15.908 7.379   1.00 85.56  ? 177 PRO A CB  1 
ATOM   1159 C  CG  . PRO A 1 177 ? 17.534  -16.726 6.127   1.00 86.22  ? 177 PRO A CG  1 
ATOM   1160 C  CD  . PRO A 1 177 ? 16.009  -16.603 6.038   1.00 85.88  ? 177 PRO A CD  1 
ATOM   1161 N  N   . GLU A 1 178 ? 16.690  -16.214 10.749  1.00 84.14  ? 178 GLU A N   1 
ATOM   1162 C  CA  . GLU A 1 178 ? 16.441  -15.544 12.030  1.00 83.21  ? 178 GLU A CA  1 
ATOM   1163 C  C   . GLU A 1 178 ? 17.160  -14.214 12.121  1.00 82.45  ? 178 GLU A C   1 
ATOM   1164 O  O   . GLU A 1 178 ? 16.842  -13.388 12.965  1.00 82.28  ? 178 GLU A O   1 
ATOM   1165 C  CB  . GLU A 1 178 ? 16.857  -16.429 13.220  1.00 81.55  ? 178 GLU A CB  1 
ATOM   1166 C  CG  . GLU A 1 178 ? 16.373  -15.918 14.586  1.00 80.09  ? 178 GLU A CG  1 
ATOM   1167 C  CD  . GLU A 1 178 ? 16.817  -16.798 15.742  1.00 79.29  ? 178 GLU A CD  1 
ATOM   1168 O  OE1 . GLU A 1 178 ? 16.581  -18.022 15.676  1.00 78.45  ? 178 GLU A OE1 1 
ATOM   1169 O  OE2 . GLU A 1 178 ? 17.396  -16.263 16.714  1.00 78.42  ? 178 GLU A OE2 1 
ATOM   1170 N  N   . GLU A 1 179 ? 18.137  -14.008 11.255  1.00 82.61  ? 179 GLU A N   1 
ATOM   1171 C  CA  . GLU A 1 179 ? 18.848  -12.746 11.266  1.00 82.11  ? 179 GLU A CA  1 
ATOM   1172 C  C   . GLU A 1 179 ? 18.070  -11.697 10.478  1.00 81.89  ? 179 GLU A C   1 
ATOM   1173 O  O   . GLU A 1 179 ? 18.242  -10.500 10.715  1.00 81.81  ? 179 GLU A O   1 
ATOM   1174 C  CB  . GLU A 1 179 ? 20.238  -12.893 10.660  1.00 83.89  ? 179 GLU A CB  1 
ATOM   1175 C  CG  . GLU A 1 179 ? 20.954  -11.561 10.538  1.00 85.53  ? 179 GLU A CG  1 
ATOM   1176 C  CD  . GLU A 1 179 ? 21.266  -10.937 11.892  1.00 86.13  ? 179 GLU A CD  1 
ATOM   1177 O  OE1 . GLU A 1 179 ? 21.126  -9.699  12.033  1.00 84.64  ? 179 GLU A OE1 1 
ATOM   1178 O  OE2 . GLU A 1 179 ? 21.670  -11.690 12.808  1.00 88.27  ? 179 GLU A OE2 1 
ATOM   1179 N  N   . TYR A 1 180 ? 17.214  -12.158 9.557   1.00 80.40  ? 180 TYR A N   1 
ATOM   1180 C  CA  . TYR A 1 180 ? 16.401  -11.281 8.703   1.00 79.93  ? 180 TYR A CA  1 
ATOM   1181 C  C   . TYR A 1 180 ? 15.169  -10.726 9.392   1.00 78.96  ? 180 TYR A C   1 
ATOM   1182 O  O   . TYR A 1 180 ? 14.811  -9.556  9.192   1.00 77.16  ? 180 TYR A O   1 
ATOM   1183 C  CB  . TYR A 1 180 ? 15.950  -12.006 7.428   1.00 81.21  ? 180 TYR A CB  1 
ATOM   1184 C  CG  . TYR A 1 180 ? 15.285  -11.078 6.410   1.00 83.21  ? 180 TYR A CG  1 
ATOM   1185 C  CD1 . TYR A 1 180 ? 13.889  -10.911 6.357   1.00 83.14  ? 180 TYR A CD1 1 
ATOM   1186 C  CD2 . TYR A 1 180 ? 16.062  -10.347 5.510   1.00 84.26  ? 180 TYR A CD2 1 
ATOM   1187 C  CE1 . TYR A 1 180 ? 13.295  -10.031 5.425   1.00 82.43  ? 180 TYR A CE1 1 
ATOM   1188 C  CE2 . TYR A 1 180 ? 15.485  -9.473  4.587   1.00 83.68  ? 180 TYR A CE2 1 
ATOM   1189 C  CZ  . TYR A 1 180 ? 14.106  -9.318  4.543   1.00 82.95  ? 180 TYR A CZ  1 
ATOM   1190 O  OH  . TYR A 1 180 ? 13.566  -8.453  3.613   1.00 80.50  ? 180 TYR A OH  1 
ATOM   1191 N  N   . LEU A 1 181 ? 14.513  -11.589 10.167  1.00 78.84  ? 181 LEU A N   1 
ATOM   1192 C  CA  . LEU A 1 181 ? 13.320  -11.231 10.931  1.00 80.56  ? 181 LEU A CA  1 
ATOM   1193 C  C   . LEU A 1 181 ? 13.733  -10.287 12.057  1.00 82.07  ? 181 LEU A C   1 
ATOM   1194 O  O   . LEU A 1 181 ? 12.931  -9.476  12.537  1.00 83.78  ? 181 LEU A O   1 
ATOM   1195 C  CB  . LEU A 1 181 ? 12.672  -12.485 11.541  1.00 79.22  ? 181 LEU A CB  1 
ATOM   1196 C  CG  . LEU A 1 181 ? 11.879  -13.506 10.711  1.00 77.82  ? 181 LEU A CG  1 
ATOM   1197 C  CD1 . LEU A 1 181 ? 11.689  -14.812 11.479  1.00 76.37  ? 181 LEU A CD1 1 
ATOM   1198 C  CD2 . LEU A 1 181 ? 10.545  -12.899 10.355  1.00 77.46  ? 181 LEU A CD2 1 
ATOM   1199 N  N   . SER A 1 182 ? 14.994  -10.403 12.467  1.00 81.83  ? 182 SER A N   1 
ATOM   1200 C  CA  . SER A 1 182 ? 15.560  -9.568  13.527  1.00 81.07  ? 182 SER A CA  1 
ATOM   1201 C  C   . SER A 1 182 ? 15.937  -8.185  13.015  1.00 79.31  ? 182 SER A C   1 
ATOM   1202 O  O   . SER A 1 182 ? 15.702  -7.179  13.682  1.00 78.34  ? 182 SER A O   1 
ATOM   1203 C  CB  . SER A 1 182 ? 16.799  -10.234 14.121  1.00 82.70  ? 182 SER A CB  1 
ATOM   1204 O  OG  . SER A 1 182 ? 16.454  -11.432 14.802  1.00 84.89  ? 182 SER A OG  1 
ATOM   1205 N  N   . SER A 1 183 ? 16.529  -8.152  11.828  1.00 80.26  ? 183 SER A N   1 
ATOM   1206 C  CA  . SER A 1 183 ? 16.916  -6.904  11.206  1.00 81.16  ? 183 SER A CA  1 
ATOM   1207 C  C   . SER A 1 183 ? 15.619  -6.168  10.861  1.00 81.70  ? 183 SER A C   1 
ATOM   1208 O  O   . SER A 1 183 ? 15.572  -4.939  10.827  1.00 82.11  ? 183 SER A O   1 
ATOM   1209 C  CB  . SER A 1 183 ? 17.724  -7.190  9.937   1.00 79.17  ? 183 SER A CB  1 
ATOM   1210 O  OG  . SER A 1 183 ? 16.950  -7.892  8.979   1.00 76.70  ? 183 SER A OG  1 
ATOM   1211 N  N   . ILE A 1 184 ? 14.562  -6.936  10.600  1.00 80.78  ? 184 ILE A N   1 
ATOM   1212 C  CA  . ILE A 1 184 ? 13.257  -6.364  10.265  1.00 81.38  ? 184 ILE A CA  1 
ATOM   1213 C  C   . ILE A 1 184 ? 12.593  -5.749  11.475  1.00 81.37  ? 184 ILE A C   1 
ATOM   1214 O  O   . ILE A 1 184 ? 12.011  -4.662  11.390  1.00 82.35  ? 184 ILE A O   1 
ATOM   1215 C  CB  . ILE A 1 184 ? 12.312  -7.415  9.682   1.00 78.87  ? 184 ILE A CB  1 
ATOM   1216 C  CG1 . ILE A 1 184 ? 12.950  -7.998  8.441   1.00 78.24  ? 184 ILE A CG1 1 
ATOM   1217 C  CG2 . ILE A 1 184 ? 11.013  -6.767  9.234   1.00 76.98  ? 184 ILE A CG2 1 
ATOM   1218 C  CD1 . ILE A 1 184 ? 13.193  -6.935  7.393   1.00 79.32  ? 184 ILE A CD1 1 
ATOM   1219 N  N   . TYR A 1 185 ? 12.686  -6.468  12.589  1.00 82.63  ? 185 TYR A N   1 
ATOM   1220 C  CA  . TYR A 1 185 ? 12.115  -6.057  13.858  1.00 82.61  ? 185 TYR A CA  1 
ATOM   1221 C  C   . TYR A 1 185 ? 12.661  -4.704  14.332  1.00 82.19  ? 185 TYR A C   1 
ATOM   1222 O  O   . TYR A 1 185 ? 11.895  -3.810  14.718  1.00 83.12  ? 185 TYR A O   1 
ATOM   1223 C  CB  . TYR A 1 185 ? 12.414  -7.115  14.918  1.00 82.38  ? 185 TYR A CB  1 
ATOM   1224 C  CG  . TYR A 1 185 ? 11.882  -6.796  16.304  1.00 82.84  ? 185 TYR A CG  1 
ATOM   1225 C  CD1 . TYR A 1 185 ? 10.515  -6.877  16.590  1.00 83.60  ? 185 TYR A CD1 1 
ATOM   1226 C  CD2 . TYR A 1 185 ? 12.741  -6.428  17.329  1.00 83.08  ? 185 TYR A CD2 1 
ATOM   1227 C  CE1 . TYR A 1 185 ? 10.023  -6.624  17.869  1.00 83.71  ? 185 TYR A CE1 1 
ATOM   1228 C  CE2 . TYR A 1 185 ? 12.263  -6.173  18.610  1.00 83.29  ? 185 TYR A CE2 1 
ATOM   1229 C  CZ  . TYR A 1 185 ? 10.902  -6.267  18.871  1.00 83.39  ? 185 TYR A CZ  1 
ATOM   1230 O  OH  . TYR A 1 185 ? 10.424  -6.057  20.143  1.00 83.94  ? 185 TYR A OH  1 
ATOM   1231 N  N   . GLU A 1 186 ? 13.982  -4.551  14.321  1.00 81.06  ? 186 GLU A N   1 
ATOM   1232 C  CA  . GLU A 1 186 ? 14.586  -3.311  14.799  1.00 80.47  ? 186 GLU A CA  1 
ATOM   1233 C  C   . GLU A 1 186 ? 14.305  -2.064  13.973  1.00 79.56  ? 186 GLU A C   1 
ATOM   1234 O  O   . GLU A 1 186 ? 14.395  -0.955  14.477  1.00 78.50  ? 186 GLU A O   1 
ATOM   1235 C  CB  . GLU A 1 186 ? 16.095  -3.505  14.952  1.00 81.11  ? 186 GLU A CB  1 
ATOM   1236 C  CG  . GLU A 1 186 ? 16.455  -4.557  15.984  1.00 82.45  ? 186 GLU A CG  1 
ATOM   1237 C  CD  . GLU A 1 186 ? 17.944  -4.825  16.061  1.00 83.60  ? 186 GLU A CD  1 
ATOM   1238 O  OE1 . GLU A 1 186 ? 18.700  -3.867  16.356  1.00 85.84  ? 186 GLU A OE1 1 
ATOM   1239 O  OE2 . GLU A 1 186 ? 18.352  -5.992  15.825  1.00 83.32  ? 186 GLU A OE2 1 
ATOM   1240 N  N   . GLU A 1 187 ? 13.954  -2.255  12.710  1.00 79.55  ? 187 GLU A N   1 
ATOM   1241 C  CA  . GLU A 1 187 ? 13.691  -1.145  11.802  1.00 79.55  ? 187 GLU A CA  1 
ATOM   1242 C  C   . GLU A 1 187 ? 12.369  -0.448  12.052  1.00 79.48  ? 187 GLU A C   1 
ATOM   1243 O  O   . GLU A 1 187 ? 12.296  0.773   12.151  1.00 79.54  ? 187 GLU A O   1 
ATOM   1244 C  CB  . GLU A 1 187 ? 13.717  -1.655  10.360  1.00 81.42  ? 187 GLU A CB  1 
ATOM   1245 C  CG  . GLU A 1 187 ? 14.135  -0.636  9.296   1.00 83.71  ? 187 GLU A CG  1 
ATOM   1246 C  CD  . GLU A 1 187 ? 13.120  0.485   9.059   1.00 84.98  ? 187 GLU A CD  1 
ATOM   1247 O  OE1 . GLU A 1 187 ? 12.979  1.366   9.935   1.00 87.27  ? 187 GLU A OE1 1 
ATOM   1248 O  OE2 . GLU A 1 187 ? 12.458  0.485   7.994   1.00 84.29  ? 187 GLU A OE2 1 
ATOM   1249 N  N   . ILE A 1 188 ? 11.305  -1.227  12.123  1.00 78.07  ? 188 ILE A N   1 
ATOM   1250 C  CA  . ILE A 1 188 ? 9.996   -0.637  12.305  1.00 75.96  ? 188 ILE A CA  1 
ATOM   1251 C  C   . ILE A 1 188 ? 9.712   -0.282  13.745  1.00 77.49  ? 188 ILE A C   1 
ATOM   1252 O  O   . ILE A 1 188 ? 8.741   0.403   14.022  1.00 76.28  ? 188 ILE A O   1 
ATOM   1253 C  CB  . ILE A 1 188 ? 8.877   -1.569  11.798  1.00 75.82  ? 188 ILE A CB  1 
ATOM   1254 C  CG1 . ILE A 1 188 ? 8.752   -2.752  12.745  1.00 73.82  ? 188 ILE A CG1 1 
ATOM   1255 C  CG2 . ILE A 1 188 ? 9.181   -2.055  10.373  1.00 75.69  ? 188 ILE A CG2 1 
ATOM   1256 C  CD1 . ILE A 1 188 ? 9.868   -3.732  12.631  1.00 71.42  ? 188 ILE A CD1 1 
ATOM   1257 N  N   . GLU A 1 189 ? 10.509  -0.764  14.686  1.00 77.85  ? 189 GLU A N   1 
ATOM   1258 C  CA  . GLU A 1 189 ? 10.208  -0.369  16.049  1.00 77.77  ? 189 GLU A CA  1 
ATOM   1259 C  C   . GLU A 1 189 ? 10.801  1.010   16.284  1.00 78.06  ? 189 GLU A C   1 
ATOM   1260 O  O   . GLU A 1 189 ? 10.484  1.659   17.273  1.00 78.35  ? 189 GLU A O   1 
ATOM   1261 C  CB  . GLU A 1 189 ? 10.775  -1.340  17.051  1.00 78.63  ? 189 GLU A CB  1 
ATOM   1262 C  CG  . GLU A 1 189 ? 12.245  -1.191  17.240  1.00 80.49  ? 189 GLU A CG  1 
ATOM   1263 C  CD  . GLU A 1 189 ? 12.720  -1.996  18.414  1.00 81.41  ? 189 GLU A CD  1 
ATOM   1264 O  OE1 . GLU A 1 189 ? 12.227  -1.749  19.538  1.00 80.84  ? 189 GLU A OE1 1 
ATOM   1265 O  OE2 . GLU A 1 189 ? 13.580  -2.875  18.210  1.00 83.06  ? 189 GLU A OE2 1 
ATOM   1266 N  N   . GLY A 1 190 ? 11.663  1.446   15.367  1.00 77.99  ? 190 GLY A N   1 
ATOM   1267 C  CA  . GLY A 1 190 ? 12.254  2.769   15.451  1.00 79.08  ? 190 GLY A CA  1 
ATOM   1268 C  C   . GLY A 1 190 ? 11.404  3.752   14.669  1.00 78.77  ? 190 GLY A C   1 
ATOM   1269 O  O   . GLY A 1 190 ? 10.985  4.774   15.219  1.00 79.03  ? 190 GLY A O   1 
ATOM   1270 N  N   . LYS A 1 191 ? 11.143  3.417   13.401  1.00 78.64  ? 191 LYS A N   1 
ATOM   1271 C  CA  . LYS A 1 191 ? 10.326  4.231   12.491  1.00 78.97  ? 191 LYS A CA  1 
ATOM   1272 C  C   . LYS A 1 191 ? 9.027   3.469   12.152  1.00 78.00  ? 191 LYS A C   1 
ATOM   1273 O  O   . LYS A 1 191 ? 9.021   2.558   11.316  1.00 76.69  ? 191 LYS A O   1 
ATOM   1274 C  CB  . LYS A 1 191 ? 11.131  4.532   11.220  1.00 80.26  ? 191 LYS A CB  1 
ATOM   1275 C  CG  . LYS A 1 191 ? 10.835  5.881   10.554  1.00 83.31  ? 191 LYS A CG  1 
ATOM   1276 C  CD  . LYS A 1 191 ? 11.281  7.061   11.439  1.00 84.87  ? 191 LYS A CD  1 
ATOM   1277 C  CE  . LYS A 1 191 ? 10.865  8.427   10.876  1.00 85.30  ? 191 LYS A CE  1 
ATOM   1278 N  NZ  . LYS A 1 191 ? 11.323  8.707   9.488   1.00 84.68  ? 191 LYS A NZ  1 
ATOM   1279 N  N   . LYS A 1 192 ? 7.937   3.853   12.809  1.00 78.29  ? 192 LYS A N   1 
ATOM   1280 C  CA  . LYS A 1 192 ? 6.644   3.216   12.585  1.00 78.56  ? 192 LYS A CA  1 
ATOM   1281 C  C   . LYS A 1 192 ? 5.992   3.726   11.304  1.00 78.15  ? 192 LYS A C   1 
ATOM   1282 O  O   . LYS A 1 192 ? 5.175   4.647   11.336  1.00 78.96  ? 192 LYS A O   1 
ATOM   1283 C  CB  . LYS A 1 192 ? 5.716   3.455   13.778  1.00 77.96  ? 192 LYS A CB  1 
ATOM   1284 C  CG  . LYS A 1 192 ? 6.353   3.165   15.128  1.00 78.15  ? 192 LYS A CG  1 
ATOM   1285 C  CD  . LYS A 1 192 ? 5.481   3.661   16.269  1.00 76.91  ? 192 LYS A CD  1 
ATOM   1286 C  CE  . LYS A 1 192 ? 6.193   3.530   17.606  1.00 76.20  ? 192 LYS A CE  1 
ATOM   1287 N  NZ  . LYS A 1 192 ? 6.712   2.151   17.825  1.00 72.90  ? 192 LYS A NZ  1 
ATOM   1288 N  N   . ILE A 1 193 ? 6.359   3.122   10.179  1.00 78.53  ? 193 ILE A N   1 
ATOM   1289 C  CA  . ILE A 1 193 ? 5.811   3.513   8.886   1.00 78.41  ? 193 ILE A CA  1 
ATOM   1290 C  C   . ILE A 1 193 ? 4.634   4.469   9.052   1.00 78.32  ? 193 ILE A C   1 
ATOM   1291 O  O   . ILE A 1 193 ? 4.773   5.678   8.862   1.00 79.43  ? 193 ILE A O   1 
ATOM   1292 C  CB  . ILE A 1 193 ? 5.353   2.288   8.073   1.00 77.94  ? 193 ILE A CB  1 
ATOM   1293 C  CG1 . ILE A 1 193 ? 6.437   1.208   8.079   1.00 77.06  ? 193 ILE A CG1 1 
ATOM   1294 C  CG2 . ILE A 1 193 ? 5.005   2.692   6.649   1.00 78.06  ? 193 ILE A CG2 1 
ATOM   1295 C  CD1 . ILE A 1 193 ? 5.915   -0.180  8.379   1.00 75.98  ? 193 ILE A CD1 1 
ATOM   1296 N  N   . ALA A 1 194 ? 3.477   3.920   9.408   1.00 80.28  ? 194 ALA A N   1 
ATOM   1297 C  CA  . ALA A 1 194 ? 2.275   4.723   9.600   1.00 83.88  ? 194 ALA A CA  1 
ATOM   1298 C  C   . ALA A 1 194 ? 1.883   4.784   11.072  1.00 86.15  ? 194 ALA A C   1 
ATOM   1299 O  O   . ALA A 1 194 ? 1.857   3.763   11.761  1.00 86.70  ? 194 ALA A O   1 
ATOM   1300 C  CB  . ALA A 1 194 ? 1.130   4.171   8.766   1.00 82.74  ? 194 ALA A CB  1 
# 
